data_6XQ2
#
_entry.id   6XQ2
#
_cell.length_a   294.800
_cell.length_b   42.380
_cell.length_c   155.760
_cell.angle_alpha   90.000
_cell.angle_beta   111.500
_cell.angle_gamma   90.000
#
_symmetry.space_group_name_H-M   'C 1 2 1'
#
loop_
_entity.id
_entity.type
_entity.pdbx_description
1 polymer Hemagglutinin
2 polymer 'antibody S8V2-37 heavy chain'
3 polymer 'antibody S8V2-37 light chain'
4 branched beta-D-mannopyranose-(1-4)-2-acetamido-2-deoxy-beta-D-glucopyranose-(1-4)-2-acetamido-2-deoxy-beta-D-glucopyranose
5 branched 2-acetamido-2-deoxy-beta-D-glucopyranose-(1-4)-2-acetamido-2-deoxy-beta-D-glucopyranose
6 non-polymer 2-acetamido-2-deoxy-beta-D-glucopyranose
#
loop_
_entity_poly.entity_id
_entity_poly.type
_entity_poly.pdbx_seq_one_letter_code
_entity_poly.pdbx_strand_id
1 'polypeptide(L)'
;TNATELVQNSSIGEICDSPHQILDGENCTLIDALLGDPQCDGFQNKKWDLFVERSKAYSNCYPYDVPDYASLRSLVASSG
TLEFNNESFNWNGVTQNGTSSACIRRSNNSFFSRLNWLTHLNFKYPALNVTMPNNEQFDKLYIWGVHHPVTDKDQIFLYA
QPSGRITVSTKRSQQAVIPNIGFRPRIRNIPSRISIYWTIVKPGDILLINSTGNLIAPRGYFKIRSGKSSIMRSDAPIGK
CKSECITPNGSIPNDKPFQNVNRITYGACPRYVKQSTLKLATGGALEVLFQ
;
A,D
2 'polypeptide(L)'
;EVQLVESGGGLVQPGGSLRLSCEASGFTFSNYEMNWVRQAPGKGLEWLSYIRSSGTVTSYADSVKGRFTISRDNAKNSLY
LQMNSLRAEDTAVYYCARDLVYTGSYYGMDVWGQGTRVTVSGASTKGPSVFPLAPSSKSTSGGTAALGCLVKDYFPEPVT
VSWNSGALTSGVHTFPAVLQSSGLYSLSSVVTVPSSSLGTQTYICNVNHKPSNTKVDKRVEPKSCDKHHHHHH
;
C,F
3 'polypeptide(L)'
;AIQLTQSPSSLSASVGDRVTITCRTSQGISTPLAWYQHKPGKSPKLLIHDAFSLESGVPSRFSGSGSGTDFSLTISSVQP
EDFATYYCQQFYDYPITFGQGTRLEIRRTVAAPSVFIFPPSDEQLKSGTASVVCLLNNFYPREAKVQWKVDNALQSGNSQ
ESVTEQDSKDSTYSLSSTLTLSKADYEKHKVYACEVTHQGLSSPVTKSFNRGEC
;
B,E
#
loop_
_chem_comp.id
_chem_comp.type
_chem_comp.name
_chem_comp.formula
BMA D-saccharide, beta linking beta-D-mannopyranose 'C6 H12 O6'
NAG D-saccharide, beta linking 2-acetamido-2-deoxy-beta-D-glucopyranose 'C8 H15 N O6'
#
# COMPACT_ATOMS: atom_id res chain seq x y z
N GLN A 8 10.30 37.92 54.01
CA GLN A 8 10.56 38.57 52.73
C GLN A 8 9.27 38.72 51.94
N ASN A 9 9.08 39.89 51.34
CA ASN A 9 7.83 40.18 50.65
C ASN A 9 7.97 40.90 49.32
N SER A 10 9.18 41.32 48.92
CA SER A 10 9.37 42.01 47.66
C SER A 10 10.45 41.31 46.85
N SER A 11 10.31 41.37 45.53
CA SER A 11 11.25 40.76 44.61
C SER A 11 11.86 41.82 43.71
N ILE A 12 13.07 41.54 43.21
CA ILE A 12 13.75 42.50 42.35
C ILE A 12 13.15 42.55 40.96
N GLY A 13 12.35 41.55 40.59
CA GLY A 13 11.73 41.50 39.29
C GLY A 13 12.53 40.80 38.22
N GLU A 14 13.80 40.48 38.48
CA GLU A 14 14.65 39.79 37.52
C GLU A 14 15.21 38.52 38.13
N ILE A 15 15.66 37.62 37.26
CA ILE A 15 16.27 36.36 37.66
C ILE A 15 17.78 36.48 37.50
N CYS A 16 18.50 36.42 38.61
CA CYS A 16 19.94 36.60 38.59
C CYS A 16 20.61 35.40 37.91
N ASP A 17 21.49 35.69 36.94
CA ASP A 17 22.20 34.65 36.22
C ASP A 17 23.33 34.02 37.03
N SER A 18 23.48 34.41 38.29
CA SER A 18 24.52 33.89 39.18
C SER A 18 23.93 33.71 40.57
N PRO A 19 24.42 32.72 41.33
CA PRO A 19 25.47 31.77 40.99
C PRO A 19 24.98 30.56 40.23
N HIS A 20 23.67 30.46 40.04
CA HIS A 20 23.08 29.29 39.40
C HIS A 20 23.24 29.40 37.88
N GLN A 21 23.21 28.23 37.23
CA GLN A 21 23.28 28.15 35.77
C GLN A 21 21.88 28.31 35.22
N ILE A 22 21.61 29.48 34.63
CA ILE A 22 20.29 29.82 34.13
C ILE A 22 20.29 29.67 32.61
N LEU A 23 19.42 28.82 32.10
CA LEU A 23 19.23 28.63 30.67
C LEU A 23 17.86 29.16 30.28
N ASP A 24 17.83 30.16 29.41
CA ASP A 24 16.59 30.80 29.00
C ASP A 24 16.01 30.07 27.80
N GLY A 25 14.74 29.68 27.89
CA GLY A 25 14.11 28.95 26.81
C GLY A 25 13.69 29.80 25.64
N GLU A 26 13.27 31.04 25.90
CA GLU A 26 12.83 31.98 24.86
C GLU A 26 11.67 31.35 24.12
N ASN A 27 11.66 31.33 22.78
CA ASN A 27 10.52 30.78 22.05
C ASN A 27 10.50 29.24 22.06
N CYS A 28 11.11 28.61 23.06
CA CYS A 28 11.21 27.17 23.10
C CYS A 28 10.79 26.63 24.46
N THR A 29 10.03 25.54 24.43
CA THR A 29 9.79 24.75 25.64
C THR A 29 10.93 23.76 25.82
N LEU A 30 10.87 22.99 26.90
CA LEU A 30 11.89 21.96 27.12
C LEU A 30 11.71 20.81 26.13
N ILE A 31 10.47 20.42 25.87
CA ILE A 31 10.21 19.28 25.01
C ILE A 31 10.58 19.58 23.56
N ASP A 32 10.33 20.82 23.11
CA ASP A 32 10.75 21.20 21.76
C ASP A 32 12.26 21.16 21.62
N ALA A 33 12.98 21.63 22.65
CA ALA A 33 14.43 21.50 22.63
C ALA A 33 14.87 20.04 22.76
N LEU A 34 14.09 19.23 23.49
CA LEU A 34 14.39 17.81 23.61
C LEU A 34 14.24 17.11 22.27
N LEU A 35 13.13 17.35 21.57
CA LEU A 35 12.86 16.65 20.33
C LEU A 35 13.73 17.16 19.19
N GLY A 36 13.89 18.48 19.08
CA GLY A 36 14.71 19.04 18.03
C GLY A 36 13.93 19.90 17.05
N ASP A 37 13.01 20.70 17.56
CA ASP A 37 12.32 21.68 16.75
C ASP A 37 13.36 22.61 16.12
N PRO A 38 13.35 22.80 14.80
CA PRO A 38 14.39 23.63 14.15
C PRO A 38 14.59 25.00 14.76
N GLN A 39 13.56 25.60 15.37
CA GLN A 39 13.77 26.87 16.06
C GLN A 39 14.51 26.69 17.38
N CYS A 40 14.75 25.45 17.80
CA CYS A 40 15.39 25.17 19.09
C CYS A 40 16.71 24.44 18.95
N ASP A 41 17.28 24.38 17.73
CA ASP A 41 18.53 23.65 17.53
C ASP A 41 19.67 24.25 18.33
N GLY A 42 19.59 25.54 18.66
CA GLY A 42 20.60 26.14 19.51
C GLY A 42 20.62 25.63 20.93
N PHE A 43 19.68 24.76 21.30
CA PHE A 43 19.61 24.20 22.64
C PHE A 43 20.22 22.80 22.73
N GLN A 44 20.81 22.30 21.65
CA GLN A 44 21.37 20.95 21.68
C GLN A 44 22.48 20.85 22.72
N ASN A 45 22.42 19.80 23.53
CA ASN A 45 23.47 19.40 24.46
C ASN A 45 23.66 20.39 25.60
N LYS A 46 22.70 21.31 25.80
CA LYS A 46 22.88 22.37 26.78
C LYS A 46 22.72 21.85 28.21
N LYS A 47 23.44 22.49 29.13
CA LYS A 47 23.39 22.19 30.55
C LYS A 47 22.74 23.35 31.29
N TRP A 48 22.05 23.04 32.38
CA TRP A 48 21.41 24.09 33.18
C TRP A 48 21.22 23.61 34.61
N ASP A 49 21.24 24.56 35.54
CA ASP A 49 20.76 24.35 36.90
C ASP A 49 19.28 24.64 37.02
N LEU A 50 18.83 25.72 36.39
CA LEU A 50 17.41 26.03 36.28
C LEU A 50 17.12 26.43 34.83
N PHE A 51 16.18 25.75 34.21
CA PHE A 51 15.76 26.05 32.84
C PHE A 51 14.41 26.76 32.90
N VAL A 52 14.33 27.93 32.31
CA VAL A 52 13.17 28.81 32.43
C VAL A 52 12.35 28.74 31.15
N GLU A 53 11.16 28.15 31.23
CA GLU A 53 10.22 28.18 30.12
C GLU A 53 9.47 29.51 30.10
N ARG A 54 9.18 29.99 28.90
CA ARG A 54 8.46 31.24 28.72
C ARG A 54 7.02 30.97 28.29
N SER A 55 6.15 31.94 28.56
CA SER A 55 4.78 31.86 28.08
C SER A 55 4.73 31.95 26.55
N LYS A 56 5.63 32.75 25.98
CA LYS A 56 5.67 32.95 24.53
C LYS A 56 6.19 31.74 23.77
N ALA A 57 6.57 30.67 24.46
CA ALA A 57 7.09 29.49 23.78
C ALA A 57 5.99 28.84 22.95
N TYR A 58 6.35 28.43 21.73
CA TYR A 58 5.40 27.83 20.80
C TYR A 58 6.10 26.78 19.96
N SER A 59 5.32 25.81 19.48
CA SER A 59 5.83 24.77 18.60
C SER A 59 5.72 25.22 17.15
N ASN A 60 6.74 24.89 16.35
CA ASN A 60 6.79 25.30 14.95
C ASN A 60 7.32 24.18 14.08
N CYS A 61 7.00 22.94 14.44
CA CYS A 61 7.42 21.78 13.67
C CYS A 61 6.21 20.93 13.29
N TYR A 62 6.34 19.62 13.42
CA TYR A 62 5.24 18.68 13.13
C TYR A 62 4.35 18.55 14.36
N PRO A 63 3.03 18.53 14.21
CA PRO A 63 2.16 18.50 15.40
C PRO A 63 2.24 17.16 16.11
N TYR A 64 2.27 17.22 17.45
CA TYR A 64 2.49 16.03 18.25
C TYR A 64 1.86 16.20 19.62
N ASP A 65 1.64 15.07 20.30
CA ASP A 65 1.26 15.05 21.70
C ASP A 65 2.22 14.15 22.47
N VAL A 66 2.19 14.30 23.79
CA VAL A 66 2.95 13.43 24.69
C VAL A 66 2.01 12.96 25.78
N PRO A 67 1.60 11.67 25.77
CA PRO A 67 0.58 11.22 26.74
C PRO A 67 0.89 11.54 28.18
N ASP A 68 2.13 11.30 28.64
CA ASP A 68 2.48 11.65 30.01
C ASP A 68 3.47 12.82 30.02
N TYR A 69 3.02 13.95 29.45
CA TYR A 69 3.88 15.11 29.24
C TYR A 69 4.57 15.56 30.53
N ALA A 70 3.83 15.56 31.64
CA ALA A 70 4.33 16.17 32.87
C ALA A 70 5.55 15.43 33.40
N SER A 71 5.58 14.11 33.27
CA SER A 71 6.68 13.35 33.85
C SER A 71 7.93 13.39 32.98
N LEU A 72 7.76 13.36 31.65
CA LEU A 72 8.91 13.49 30.78
C LEU A 72 9.56 14.86 30.90
N ARG A 73 8.74 15.92 31.03
CA ARG A 73 9.27 17.24 31.30
C ARG A 73 10.00 17.30 32.64
N SER A 74 9.67 16.39 33.57
CA SER A 74 10.36 16.36 34.86
C SER A 74 11.67 15.60 34.78
N LEU A 75 11.73 14.53 33.98
CA LEU A 75 12.98 13.77 33.85
C LEU A 75 14.08 14.63 33.26
N VAL A 76 13.82 15.29 32.14
CA VAL A 76 14.85 16.09 31.47
C VAL A 76 15.20 17.31 32.32
N ALA A 77 14.21 17.89 33.00
CA ALA A 77 14.49 19.04 33.86
C ALA A 77 15.44 18.68 34.99
N SER A 78 15.30 17.47 35.54
CA SER A 78 16.16 17.08 36.65
C SER A 78 17.57 16.74 36.19
N SER A 79 17.69 16.05 35.04
CA SER A 79 19.02 15.74 34.52
C SER A 79 19.84 16.99 34.27
N GLY A 80 19.18 18.11 34.01
CA GLY A 80 19.87 19.37 33.77
C GLY A 80 20.65 19.45 32.48
N THR A 81 20.61 18.42 31.64
CA THR A 81 21.38 18.40 30.41
C THR A 81 20.51 17.90 29.26
N LEU A 82 20.79 18.43 28.07
CA LEU A 82 20.23 17.91 26.83
C LEU A 82 21.27 17.15 26.02
N GLU A 83 22.33 16.69 26.67
CA GLU A 83 23.40 15.96 25.99
C GLU A 83 22.85 14.74 25.29
N PHE A 84 23.10 14.64 23.98
CA PHE A 84 22.57 13.56 23.16
C PHE A 84 23.72 12.85 22.45
N ASN A 85 23.76 11.53 22.58
CA ASN A 85 24.76 10.72 21.92
C ASN A 85 24.08 9.89 20.83
N ASN A 86 24.45 10.13 19.58
CA ASN A 86 23.90 9.36 18.48
C ASN A 86 24.30 7.90 18.59
N GLU A 87 23.41 7.03 18.10
CA GLU A 87 23.74 5.62 17.94
C GLU A 87 23.34 5.18 16.54
N SER A 88 24.03 4.15 16.04
CA SER A 88 23.85 3.68 14.67
C SER A 88 22.96 2.45 14.69
N PHE A 89 21.65 2.68 14.67
CA PHE A 89 20.70 1.59 14.52
C PHE A 89 20.80 1.01 13.11
N ASN A 90 20.44 -0.27 13.00
CA ASN A 90 20.51 -0.98 11.71
C ASN A 90 19.11 -1.04 11.12
N TRP A 91 18.72 0.06 10.47
CA TRP A 91 17.41 0.15 9.82
C TRP A 91 17.50 -0.36 8.37
N ASN A 92 17.79 -1.64 8.24
CA ASN A 92 17.96 -2.24 6.92
C ASN A 92 16.60 -2.53 6.31
N GLY A 93 16.34 -1.96 5.14
CA GLY A 93 15.11 -2.19 4.41
C GLY A 93 14.09 -1.08 4.50
N VAL A 94 14.44 0.08 5.06
CA VAL A 94 13.50 1.18 5.23
C VAL A 94 14.15 2.47 4.76
N THR A 95 13.33 3.43 4.38
CA THR A 95 13.79 4.77 4.02
C THR A 95 13.83 5.62 5.28
N GLN A 96 14.99 6.23 5.54
CA GLN A 96 15.20 7.02 6.74
C GLN A 96 15.02 8.50 6.44
N ASN A 97 15.27 9.33 7.46
CA ASN A 97 15.32 10.79 7.35
C ASN A 97 14.07 11.33 6.64
N GLY A 98 12.90 10.87 7.10
CA GLY A 98 11.65 11.40 6.60
C GLY A 98 11.48 12.87 6.92
N THR A 99 11.11 13.67 5.92
CA THR A 99 10.98 15.11 6.08
C THR A 99 9.54 15.53 5.80
N SER A 100 9.21 16.74 6.25
CA SER A 100 7.86 17.27 6.11
C SER A 100 7.92 18.78 5.92
N SER A 101 6.94 19.31 5.16
CA SER A 101 6.87 20.73 4.92
C SER A 101 6.37 21.51 6.14
N ALA A 102 5.91 20.83 7.18
CA ALA A 102 5.46 21.48 8.40
C ALA A 102 6.60 21.79 9.35
N CYS A 103 7.80 21.27 9.10
CA CYS A 103 8.94 21.39 10.00
C CYS A 103 10.12 21.89 9.18
N ILE A 104 10.10 23.18 8.85
CA ILE A 104 11.09 23.77 7.96
C ILE A 104 12.38 24.07 8.73
N ARG A 105 13.51 23.69 8.16
CA ARG A 105 14.82 24.03 8.69
C ARG A 105 15.70 24.49 7.55
N ARG A 106 16.20 25.73 7.63
CA ARG A 106 17.10 26.30 6.63
C ARG A 106 16.47 26.26 5.24
N SER A 107 15.20 26.67 5.18
CA SER A 107 14.45 26.81 3.93
C SER A 107 14.28 25.47 3.20
N ASN A 108 14.23 24.38 3.96
CA ASN A 108 14.03 23.06 3.38
C ASN A 108 13.06 22.27 4.26
N ASN A 109 12.46 21.24 3.67
CA ASN A 109 11.59 20.35 4.41
C ASN A 109 12.45 19.48 5.33
N SER A 110 12.18 19.56 6.63
CA SER A 110 12.99 18.85 7.62
C SER A 110 12.06 18.14 8.60
N PHE A 111 12.60 17.85 9.79
CA PHE A 111 11.88 17.10 10.81
C PHE A 111 12.65 17.30 12.12
N PHE A 112 12.15 16.70 13.19
CA PHE A 112 12.84 16.75 14.48
C PHE A 112 14.26 16.20 14.34
N SER A 113 15.22 16.98 14.83
CA SER A 113 16.63 16.60 14.66
C SER A 113 16.94 15.26 15.32
N ARG A 114 16.32 14.99 16.46
CA ARG A 114 16.61 13.80 17.24
C ARG A 114 15.73 12.61 16.88
N LEU A 115 14.97 12.70 15.79
CA LEU A 115 14.01 11.66 15.42
C LEU A 115 14.19 11.28 13.95
N ASN A 116 14.02 9.99 13.68
CA ASN A 116 14.18 9.42 12.34
C ASN A 116 12.85 8.80 11.93
N TRP A 117 12.17 9.43 10.98
CA TRP A 117 10.83 8.99 10.56
C TRP A 117 10.99 8.04 9.38
N LEU A 118 10.73 6.76 9.63
CA LEU A 118 11.03 5.69 8.69
C LEU A 118 9.82 5.38 7.82
N THR A 119 10.04 5.34 6.50
CA THR A 119 9.03 4.95 5.55
C THR A 119 9.49 3.70 4.79
N HIS A 120 8.59 3.18 3.96
CA HIS A 120 8.86 1.95 3.25
C HIS A 120 10.00 2.13 2.24
N LEU A 121 10.55 1.00 1.79
CA LEU A 121 11.58 0.96 0.77
C LEU A 121 11.14 0.01 -0.33
N ASN A 122 10.96 0.54 -1.54
CA ASN A 122 10.47 -0.23 -2.69
C ASN A 122 9.13 -0.90 -2.38
N PHE A 123 8.27 -0.16 -1.68
CA PHE A 123 6.94 -0.62 -1.30
C PHE A 123 6.99 -1.92 -0.49
N LYS A 124 8.07 -2.06 0.28
CA LYS A 124 8.25 -3.13 1.24
C LYS A 124 8.75 -2.50 2.53
N TYR A 125 8.17 -2.90 3.66
CA TYR A 125 8.55 -2.33 4.96
C TYR A 125 8.43 -3.42 6.00
N PRO A 126 9.53 -4.14 6.25
CA PRO A 126 9.46 -5.38 7.01
C PRO A 126 9.42 -5.14 8.52
N ALA A 127 9.15 -6.22 9.25
CA ALA A 127 9.12 -6.18 10.70
C ALA A 127 10.48 -5.84 11.26
N LEU A 128 10.63 -4.62 11.77
CA LEU A 128 11.92 -4.17 12.27
C LEU A 128 12.19 -4.72 13.66
N ASN A 129 13.45 -5.10 13.87
CA ASN A 129 13.93 -5.67 15.13
C ASN A 129 15.31 -5.10 15.39
N VAL A 130 15.44 -4.30 16.44
CA VAL A 130 16.76 -3.77 16.79
C VAL A 130 16.97 -3.93 18.28
N THR A 131 18.20 -4.27 18.65
CA THR A 131 18.62 -4.38 20.04
C THR A 131 19.67 -3.32 20.30
N MET A 132 19.63 -2.74 21.49
CA MET A 132 20.68 -1.78 21.87
C MET A 132 21.09 -2.04 23.31
N PRO A 133 22.36 -2.38 23.54
CA PRO A 133 22.73 -3.04 24.80
C PRO A 133 22.83 -2.13 26.02
N ASN A 134 23.07 -0.82 25.84
CA ASN A 134 23.35 0.09 26.95
C ASN A 134 24.43 -0.49 27.86
N ASN A 135 25.65 -0.51 27.34
CA ASN A 135 26.80 -0.97 28.10
C ASN A 135 27.41 0.13 28.95
N GLU A 136 26.71 1.25 29.12
CA GLU A 136 27.21 2.38 29.88
C GLU A 136 26.96 2.18 31.38
N GLN A 137 27.33 3.18 32.16
CA GLN A 137 27.21 3.13 33.61
C GLN A 137 26.18 4.12 34.14
N PHE A 138 25.13 4.37 33.35
CA PHE A 138 24.25 5.50 33.56
C PHE A 138 23.00 5.34 32.70
N ASP A 139 21.90 5.94 33.17
CA ASP A 139 20.60 5.69 32.56
C ASP A 139 20.50 6.40 31.21
N LYS A 140 20.01 5.69 30.21
CA LYS A 140 19.75 6.24 28.89
C LYS A 140 18.28 6.62 28.76
N LEU A 141 18.02 7.75 28.11
CA LEU A 141 16.65 8.21 27.84
C LEU A 141 16.44 8.19 26.33
N TYR A 142 15.67 7.22 25.85
CA TYR A 142 15.33 7.11 24.44
C TYR A 142 14.00 7.80 24.19
N ILE A 143 13.94 8.61 23.13
CA ILE A 143 12.73 9.34 22.75
C ILE A 143 12.29 8.82 21.39
N TRP A 144 11.07 8.31 21.32
CA TRP A 144 10.53 7.77 20.08
C TRP A 144 9.06 8.16 19.97
N GLY A 145 8.50 7.96 18.78
CA GLY A 145 7.15 8.40 18.50
C GLY A 145 6.38 7.41 17.66
N VAL A 146 5.11 7.71 17.45
CA VAL A 146 4.20 6.92 16.63
C VAL A 146 3.43 7.86 15.73
N HIS A 147 3.52 7.64 14.42
CA HIS A 147 2.82 8.48 13.46
C HIS A 147 1.40 7.98 13.26
N HIS A 148 0.45 8.92 13.23
CA HIS A 148 -0.97 8.62 13.03
C HIS A 148 -1.39 9.16 11.67
N PRO A 149 -1.39 8.34 10.62
CA PRO A 149 -1.73 8.84 9.29
C PRO A 149 -3.16 9.37 9.23
N VAL A 150 -3.39 10.27 8.27
CA VAL A 150 -4.70 10.90 8.17
C VAL A 150 -5.73 9.93 7.57
N THR A 151 -5.31 9.13 6.59
CA THR A 151 -6.23 8.24 5.88
C THR A 151 -5.55 6.89 5.69
N ASP A 152 -6.38 5.89 5.38
CA ASP A 152 -5.84 4.60 4.98
C ASP A 152 -4.96 4.73 3.75
N LYS A 153 -5.26 5.68 2.87
CA LYS A 153 -4.39 5.96 1.73
C LYS A 153 -3.04 6.50 2.19
N ASP A 154 -3.05 7.37 3.20
CA ASP A 154 -1.79 7.89 3.74
C ASP A 154 -1.01 6.79 4.45
N GLN A 155 -1.72 5.91 5.16
CA GLN A 155 -1.08 4.76 5.80
C GLN A 155 -0.37 3.89 4.78
N ILE A 156 -1.05 3.55 3.69
CA ILE A 156 -0.49 2.65 2.70
C ILE A 156 0.68 3.30 1.95
N PHE A 157 0.53 4.58 1.59
CA PHE A 157 1.56 5.25 0.81
C PHE A 157 2.87 5.40 1.59
N LEU A 158 2.78 5.60 2.91
CA LEU A 158 3.98 5.83 3.71
C LEU A 158 4.67 4.53 4.15
N TYR A 159 3.91 3.47 4.42
CA TYR A 159 4.47 2.31 5.10
C TYR A 159 4.19 0.98 4.42
N ALA A 160 3.36 0.94 3.38
CA ALA A 160 3.01 -0.31 2.70
C ALA A 160 2.50 -1.34 3.70
N GLN A 161 1.67 -0.90 4.64
CA GLN A 161 1.16 -1.75 5.71
C GLN A 161 -0.10 -1.13 6.29
N PRO A 162 -1.26 -1.77 6.09
CA PRO A 162 -2.51 -1.17 6.62
C PRO A 162 -2.59 -1.16 8.13
N SER A 163 -1.95 -2.12 8.81
CA SER A 163 -2.04 -2.26 10.26
C SER A 163 -0.63 -2.28 10.84
N GLY A 164 -0.10 -1.08 11.12
CA GLY A 164 1.19 -0.98 11.75
C GLY A 164 1.12 -1.21 13.25
N ARG A 165 2.17 -1.83 13.79
CA ARG A 165 2.29 -2.07 15.21
C ARG A 165 3.70 -1.72 15.66
N ILE A 166 3.82 -1.28 16.90
CA ILE A 166 5.11 -0.87 17.48
C ILE A 166 5.19 -1.41 18.90
N THR A 167 6.36 -1.95 19.25
CA THR A 167 6.61 -2.47 20.59
C THR A 167 8.05 -2.13 20.98
N VAL A 168 8.20 -1.24 21.96
CA VAL A 168 9.50 -0.90 22.53
C VAL A 168 9.61 -1.57 23.89
N SER A 169 10.57 -2.48 24.04
CA SER A 169 10.65 -3.34 25.21
C SER A 169 12.03 -3.23 25.84
N THR A 170 12.08 -3.52 27.15
CA THR A 170 13.30 -3.76 27.89
C THR A 170 13.10 -5.02 28.73
N LYS A 171 14.11 -5.36 29.53
CA LYS A 171 13.97 -6.49 30.44
C LYS A 171 12.99 -6.20 31.58
N ARG A 172 12.71 -4.93 31.85
CA ARG A 172 11.80 -4.53 32.92
C ARG A 172 10.46 -4.04 32.43
N SER A 173 10.41 -3.32 31.31
CA SER A 173 9.19 -2.71 30.82
C SER A 173 8.93 -3.10 29.37
N GLN A 174 7.70 -2.83 28.93
CA GLN A 174 7.31 -3.01 27.53
C GLN A 174 6.20 -2.01 27.21
N GLN A 175 6.31 -1.37 26.06
CA GLN A 175 5.35 -0.37 25.62
C GLN A 175 4.88 -0.74 24.22
N ALA A 176 3.57 -0.91 24.06
CA ALA A 176 2.96 -1.27 22.78
C ALA A 176 1.96 -0.20 22.40
N VAL A 177 2.13 0.38 21.21
CA VAL A 177 1.29 1.47 20.73
C VAL A 177 0.79 1.14 19.34
N ILE A 178 -0.49 1.42 19.10
CA ILE A 178 -1.13 1.17 17.82
C ILE A 178 -1.55 2.53 17.25
N PRO A 179 -1.29 2.80 15.98
CA PRO A 179 -1.69 4.10 15.41
C PRO A 179 -3.20 4.23 15.32
N ASN A 180 -3.66 5.48 15.29
CA ASN A 180 -5.06 5.83 15.17
C ASN A 180 -5.24 6.64 13.88
N ILE A 181 -5.67 5.96 12.81
CA ILE A 181 -5.88 6.62 11.53
C ILE A 181 -7.13 7.48 11.60
N GLY A 182 -7.00 8.75 11.20
CA GLY A 182 -8.14 9.64 11.19
C GLY A 182 -7.81 11.08 10.89
N PHE A 183 -8.83 11.86 10.54
CA PHE A 183 -8.65 13.28 10.27
C PHE A 183 -8.56 14.07 11.57
N ARG A 184 -7.74 15.12 11.54
CA ARG A 184 -7.49 15.97 12.70
C ARG A 184 -7.21 17.37 12.16
N PRO A 185 -7.51 18.42 12.92
CA PRO A 185 -7.42 19.79 12.37
C PRO A 185 -6.02 20.08 11.84
N ARG A 186 -5.98 20.73 10.68
CA ARG A 186 -4.73 20.95 9.98
C ARG A 186 -3.81 21.87 10.77
N ILE A 187 -2.61 21.40 11.04
CA ILE A 187 -1.57 22.18 11.70
C ILE A 187 -0.38 22.26 10.73
N ARG A 188 -0.04 23.48 10.32
CA ARG A 188 0.92 23.69 9.24
C ARG A 188 0.58 22.79 8.04
N ASN A 189 -0.71 22.75 7.71
CA ASN A 189 -1.26 21.98 6.59
C ASN A 189 -1.13 20.48 6.78
N ILE A 190 -1.05 20.01 8.03
CA ILE A 190 -0.89 18.58 8.33
C ILE A 190 -2.14 18.12 9.07
N PRO A 191 -2.94 17.22 8.49
CA PRO A 191 -4.06 16.63 9.24
C PRO A 191 -3.69 15.40 10.05
N SER A 192 -2.43 14.95 9.99
CA SER A 192 -1.98 13.82 10.79
C SER A 192 -1.33 14.33 12.08
N ARG A 193 -0.93 13.39 12.95
CA ARG A 193 -0.28 13.74 14.21
C ARG A 193 0.78 12.69 14.53
N ILE A 194 1.45 12.88 15.66
CA ILE A 194 2.44 11.94 16.18
C ILE A 194 2.33 11.89 17.69
N SER A 195 2.31 10.67 18.24
CA SER A 195 2.34 10.47 19.68
C SER A 195 3.78 10.15 20.11
N ILE A 196 4.28 10.90 21.09
CA ILE A 196 5.68 10.80 21.53
C ILE A 196 5.71 10.01 22.84
N TYR A 197 6.63 9.04 22.90
CA TYR A 197 6.84 8.22 24.08
C TYR A 197 8.33 8.23 24.43
N TRP A 198 8.66 7.76 25.63
CA TRP A 198 10.05 7.67 26.05
C TRP A 198 10.25 6.41 26.87
N THR A 199 11.48 5.92 26.85
CA THR A 199 11.86 4.70 27.57
C THR A 199 13.24 4.90 28.18
N ILE A 200 13.38 4.54 29.44
CA ILE A 200 14.66 4.62 30.15
C ILE A 200 15.25 3.22 30.22
N VAL A 201 16.47 3.07 29.71
CA VAL A 201 17.19 1.80 29.72
C VAL A 201 18.33 1.92 30.71
N LYS A 202 18.23 1.19 31.82
CA LYS A 202 19.24 1.24 32.87
C LYS A 202 20.46 0.42 32.48
N PRO A 203 21.61 0.65 33.13
CA PRO A 203 22.83 -0.06 32.74
C PRO A 203 22.68 -1.57 32.85
N GLY A 204 23.22 -2.27 31.85
CA GLY A 204 23.12 -3.71 31.78
C GLY A 204 21.85 -4.24 31.14
N ASP A 205 20.91 -3.37 30.80
CA ASP A 205 19.65 -3.77 30.20
C ASP A 205 19.65 -3.40 28.72
N ILE A 206 18.87 -4.14 27.94
CA ILE A 206 18.85 -4.03 26.49
C ILE A 206 17.60 -3.29 26.06
N LEU A 207 17.75 -2.39 25.09
CA LEU A 207 16.61 -1.74 24.45
C LEU A 207 16.17 -2.56 23.24
N LEU A 208 14.88 -2.82 23.15
CA LEU A 208 14.33 -3.67 22.08
C LEU A 208 13.19 -2.93 21.40
N ILE A 209 13.21 -2.95 20.05
CA ILE A 209 12.20 -2.28 19.24
C ILE A 209 11.64 -3.30 18.25
N ASN A 210 10.31 -3.36 18.13
CA ASN A 210 9.62 -4.30 17.26
C ASN A 210 8.57 -3.56 16.45
N SER A 211 9.01 -2.78 15.48
CA SER A 211 8.12 -1.97 14.66
C SER A 211 7.80 -2.68 13.34
N THR A 212 6.51 -2.76 13.02
CA THR A 212 6.06 -3.18 11.70
C THR A 212 5.55 -2.02 10.87
N GLY A 213 5.33 -0.87 11.47
CA GLY A 213 4.82 0.28 10.75
C GLY A 213 4.74 1.49 11.65
N ASN A 214 4.81 2.66 11.01
CA ASN A 214 4.46 3.95 11.61
C ASN A 214 5.46 4.43 12.67
N LEU A 215 6.64 3.81 12.75
CA LEU A 215 7.58 4.15 13.82
C LEU A 215 8.30 5.46 13.54
N ILE A 216 8.43 6.27 14.60
CA ILE A 216 9.33 7.42 14.60
C ILE A 216 10.57 6.95 15.36
N ALA A 217 11.58 6.50 14.62
CA ALA A 217 12.70 5.82 15.24
C ALA A 217 13.58 6.80 16.01
N PRO A 218 14.14 6.39 17.15
CA PRO A 218 15.11 7.24 17.83
C PRO A 218 16.44 7.26 17.08
N ARG A 219 17.26 8.25 17.43
CA ARG A 219 18.60 8.38 16.86
C ARG A 219 19.69 8.15 17.88
N GLY A 220 19.35 8.00 19.15
CA GLY A 220 20.35 7.83 20.20
C GLY A 220 19.70 7.96 21.56
N TYR A 221 20.48 8.48 22.51
CA TYR A 221 20.01 8.60 23.88
C TYR A 221 20.46 9.93 24.48
N PHE A 222 19.76 10.33 25.54
CA PHE A 222 20.16 11.43 26.40
C PHE A 222 20.72 10.86 27.70
N LYS A 223 21.72 11.55 28.25
CA LYS A 223 22.26 11.16 29.54
C LYS A 223 21.36 11.64 30.67
N ILE A 224 21.11 10.76 31.63
CA ILE A 224 20.33 11.10 32.82
C ILE A 224 21.32 11.35 33.96
N ARG A 225 21.48 12.62 34.31
CA ARG A 225 22.42 13.02 35.35
C ARG A 225 21.71 13.11 36.70
N SER A 226 22.49 13.38 37.75
CA SER A 226 21.94 13.53 39.08
C SER A 226 20.99 14.71 39.12
N GLY A 227 19.77 14.46 39.59
CA GLY A 227 18.70 15.44 39.49
C GLY A 227 18.75 16.58 40.50
N LYS A 228 19.82 17.36 40.49
CA LYS A 228 19.90 18.57 41.30
C LYS A 228 19.37 19.80 40.58
N SER A 229 19.14 19.71 39.27
CA SER A 229 18.60 20.80 38.47
C SER A 229 17.08 20.67 38.36
N SER A 230 16.44 21.72 37.87
CA SER A 230 14.98 21.74 37.81
C SER A 230 14.53 22.69 36.69
N ILE A 231 13.22 22.92 36.64
CA ILE A 231 12.58 23.77 35.63
C ILE A 231 11.62 24.72 36.34
N MET A 232 11.36 25.86 35.70
CA MET A 232 10.49 26.87 36.28
C MET A 232 9.77 27.63 35.16
N ARG A 233 8.45 27.72 35.27
CA ARG A 233 7.67 28.58 34.39
C ARG A 233 7.76 30.01 34.92
N SER A 234 8.27 30.92 34.09
CA SER A 234 8.44 32.30 34.53
C SER A 234 8.60 33.20 33.31
N ASP A 235 8.06 34.42 33.42
CA ASP A 235 8.20 35.44 32.39
C ASP A 235 9.15 36.55 32.81
N ALA A 236 9.81 36.40 33.96
CA ALA A 236 10.71 37.44 34.43
C ALA A 236 12.00 37.43 33.61
N PRO A 237 12.56 38.61 33.30
CA PRO A 237 13.80 38.65 32.53
C PRO A 237 14.96 38.05 33.29
N ILE A 238 15.99 37.68 32.54
CA ILE A 238 17.24 37.18 33.12
C ILE A 238 18.17 38.38 33.27
N GLY A 239 18.66 38.59 34.50
CA GLY A 239 19.48 39.76 34.77
C GLY A 239 20.88 39.44 35.23
N LYS A 240 21.78 40.41 35.14
CA LYS A 240 23.17 40.27 35.57
C LYS A 240 23.25 40.67 37.03
N CYS A 241 23.10 39.69 37.91
CA CYS A 241 23.15 39.90 39.35
C CYS A 241 23.42 38.56 40.02
N LYS A 242 23.54 38.59 41.35
CA LYS A 242 23.83 37.38 42.13
C LYS A 242 22.81 37.25 43.24
N SER A 243 22.05 36.17 43.23
CA SER A 243 21.07 35.89 44.26
C SER A 243 20.90 34.38 44.38
N GLU A 244 20.92 33.87 45.61
CA GLU A 244 20.90 32.43 45.82
C GLU A 244 19.50 31.84 45.63
N CYS A 245 18.45 32.61 45.88
CA CYS A 245 17.08 32.14 45.76
C CYS A 245 16.46 32.66 44.47
N ILE A 246 15.64 31.83 43.84
CA ILE A 246 15.00 32.16 42.56
C ILE A 246 13.53 31.76 42.63
N THR A 247 12.65 32.69 42.31
CA THR A 247 11.22 32.48 42.23
C THR A 247 10.74 32.92 40.86
N PRO A 248 9.61 32.39 40.38
CA PRO A 248 9.09 32.83 39.07
C PRO A 248 8.81 34.32 38.99
N ASN A 249 8.65 34.99 40.12
CA ASN A 249 8.51 36.45 40.13
C ASN A 249 9.87 37.15 40.08
N GLY A 250 10.97 36.42 40.18
CA GLY A 250 12.30 36.98 40.15
C GLY A 250 13.14 36.44 41.28
N SER A 251 14.42 36.84 41.28
CA SER A 251 15.33 36.43 42.32
C SER A 251 15.04 37.19 43.62
N ILE A 252 15.35 36.56 44.75
CA ILE A 252 14.96 37.05 46.06
C ILE A 252 16.07 36.80 47.08
N PRO A 253 16.39 37.76 47.94
CA PRO A 253 17.39 37.51 48.99
C PRO A 253 16.92 36.46 49.98
N ASN A 254 17.90 35.76 50.55
CA ASN A 254 17.63 34.67 51.49
C ASN A 254 18.09 35.01 52.90
N ASP A 255 17.99 36.27 53.31
CA ASP A 255 18.39 36.68 54.65
C ASP A 255 17.26 36.50 55.66
N LYS A 256 16.03 36.83 55.29
CA LYS A 256 14.90 36.63 56.17
C LYS A 256 14.50 35.14 56.21
N PRO A 257 13.93 34.67 57.32
CA PRO A 257 13.64 33.24 57.43
C PRO A 257 12.40 32.77 56.68
N PHE A 258 11.50 33.68 56.30
CA PHE A 258 10.24 33.30 55.68
C PHE A 258 9.98 34.21 54.48
N GLN A 259 9.02 33.80 53.65
CA GLN A 259 8.68 34.55 52.45
C GLN A 259 7.23 34.26 52.08
N ASN A 260 6.60 35.23 51.39
CA ASN A 260 5.23 35.08 50.91
C ASN A 260 5.11 35.44 49.42
N VAL A 261 6.19 35.36 48.67
CA VAL A 261 6.17 35.77 47.26
C VAL A 261 5.56 34.68 46.39
N ASN A 262 6.14 33.48 46.42
CA ASN A 262 5.64 32.38 45.63
C ASN A 262 6.07 31.07 46.27
N ARG A 263 5.19 30.06 46.18
CA ARG A 263 5.48 28.76 46.76
C ARG A 263 6.50 27.97 45.94
N ILE A 264 6.67 28.31 44.66
CA ILE A 264 7.63 27.64 43.79
C ILE A 264 8.95 28.37 43.90
N THR A 265 10.00 27.64 44.34
CA THR A 265 11.31 28.23 44.53
C THR A 265 12.38 27.26 44.04
N TYR A 266 13.56 27.80 43.77
CA TYR A 266 14.73 27.00 43.41
C TYR A 266 15.94 27.53 44.16
N GLY A 267 16.68 26.62 44.77
CA GLY A 267 17.86 26.99 45.53
C GLY A 267 17.56 27.21 47.00
N ALA A 268 18.57 27.72 47.70
CA ALA A 268 18.43 28.04 49.12
C ALA A 268 17.50 29.24 49.27
N CYS A 269 16.31 28.99 49.81
CA CYS A 269 15.26 29.99 49.91
C CYS A 269 14.65 29.96 51.31
N PRO A 270 14.08 31.08 51.75
CA PRO A 270 13.34 31.08 53.01
C PRO A 270 12.13 30.16 52.95
N ARG A 271 11.74 29.63 54.11
CA ARG A 271 10.60 28.75 54.18
C ARG A 271 9.32 29.52 53.85
N TYR A 272 8.26 28.76 53.58
CA TYR A 272 6.99 29.37 53.20
C TYR A 272 5.91 29.10 54.24
N GLU B 1 -21.21 40.64 3.91
CA GLU B 1 -21.61 39.91 5.10
C GLU B 1 -21.43 38.40 4.94
N VAL B 2 -21.11 37.73 6.04
CA VAL B 2 -21.00 36.28 6.10
C VAL B 2 -22.07 35.78 7.06
N GLN B 3 -22.97 34.93 6.55
CA GLN B 3 -24.15 34.54 7.29
C GLN B 3 -24.18 33.04 7.54
N LEU B 4 -24.60 32.66 8.74
CA LEU B 4 -25.01 31.29 9.06
C LEU B 4 -26.34 31.38 9.81
N VAL B 5 -27.44 31.18 9.08
CA VAL B 5 -28.79 31.29 9.64
C VAL B 5 -29.26 29.89 10.04
N GLU B 6 -29.89 29.80 11.20
CA GLU B 6 -30.29 28.51 11.76
C GLU B 6 -31.81 28.40 11.83
N SER B 7 -32.29 27.16 11.70
CA SER B 7 -33.72 26.88 11.71
C SER B 7 -33.93 25.48 12.26
N GLY B 8 -35.18 25.19 12.63
CA GLY B 8 -35.58 23.87 13.06
C GLY B 8 -35.77 23.68 14.55
N GLY B 9 -35.29 24.60 15.38
CA GLY B 9 -35.43 24.44 16.81
C GLY B 9 -36.85 24.65 17.29
N GLY B 10 -37.15 24.07 18.45
CA GLY B 10 -38.47 24.19 19.03
C GLY B 10 -38.62 23.29 20.23
N LEU B 11 -39.89 23.02 20.58
CA LEU B 11 -40.23 22.15 21.69
C LEU B 11 -40.59 20.76 21.18
N VAL B 12 -40.12 19.73 21.87
CA VAL B 12 -40.28 18.35 21.43
C VAL B 12 -40.42 17.45 22.65
N GLN B 13 -41.23 16.41 22.52
CA GLN B 13 -41.42 15.45 23.59
C GLN B 13 -40.18 14.54 23.69
N PRO B 14 -39.92 14.00 24.88
CA PRO B 14 -38.78 13.09 25.02
C PRO B 14 -38.98 11.83 24.20
N GLY B 15 -37.90 11.38 23.56
CA GLY B 15 -37.96 10.29 22.61
C GLY B 15 -38.30 10.69 21.20
N GLY B 16 -38.83 11.89 21.01
CA GLY B 16 -39.17 12.39 19.70
C GLY B 16 -37.95 12.82 18.90
N SER B 17 -38.20 13.17 17.64
CA SER B 17 -37.14 13.55 16.72
C SER B 17 -37.29 15.01 16.30
N LEU B 18 -36.18 15.60 15.87
CA LEU B 18 -36.17 16.97 15.40
C LEU B 18 -34.94 17.18 14.51
N ARG B 19 -35.06 18.09 13.57
CA ARG B 19 -34.02 18.34 12.58
C ARG B 19 -33.70 19.83 12.53
N LEU B 20 -32.42 20.15 12.45
CA LEU B 20 -31.94 21.52 12.38
C LEU B 20 -31.32 21.79 11.02
N SER B 21 -31.32 23.07 10.64
CA SER B 21 -30.74 23.50 9.37
C SER B 21 -29.91 24.75 9.60
N CYS B 22 -28.70 24.78 9.04
CA CYS B 22 -27.80 25.93 9.13
C CYS B 22 -27.47 26.36 7.70
N GLU B 23 -28.34 27.21 7.13
CA GLU B 23 -28.14 27.69 5.77
C GLU B 23 -27.03 28.73 5.74
N ALA B 24 -26.13 28.61 4.77
CA ALA B 24 -24.96 29.46 4.68
C ALA B 24 -25.04 30.36 3.46
N SER B 25 -24.45 31.55 3.59
CA SER B 25 -24.41 32.53 2.52
C SER B 25 -23.29 33.52 2.79
N GLY B 26 -22.71 34.05 1.72
CA GLY B 26 -21.62 34.99 1.83
C GLY B 26 -20.27 34.39 1.49
N PHE B 27 -20.04 33.15 1.90
CA PHE B 27 -18.81 32.43 1.64
C PHE B 27 -19.12 31.19 0.80
N THR B 28 -18.07 30.45 0.46
CA THR B 28 -18.22 29.22 -0.32
C THR B 28 -18.41 28.06 0.65
N PHE B 29 -19.65 27.59 0.78
CA PHE B 29 -19.98 26.51 1.69
C PHE B 29 -19.25 25.21 1.34
N SER B 30 -18.80 25.05 0.10
CA SER B 30 -18.23 23.80 -0.37
C SER B 30 -16.81 23.55 0.14
N ASN B 31 -16.18 24.51 0.83
CA ASN B 31 -14.79 24.37 1.22
C ASN B 31 -14.58 24.34 2.74
N TYR B 32 -15.62 24.54 3.54
CA TYR B 32 -15.48 24.66 4.98
C TYR B 32 -16.07 23.45 5.69
N GLU B 33 -15.37 22.97 6.72
CA GLU B 33 -15.91 21.95 7.59
C GLU B 33 -16.90 22.59 8.56
N MET B 34 -18.06 21.97 8.72
CA MET B 34 -19.13 22.53 9.54
C MET B 34 -19.26 21.77 10.85
N ASN B 35 -19.75 22.47 11.87
CA ASN B 35 -19.78 21.96 13.23
C ASN B 35 -21.12 22.27 13.87
N TRP B 36 -21.52 21.43 14.81
CA TRP B 36 -22.67 21.69 15.68
C TRP B 36 -22.17 21.78 17.11
N VAL B 37 -22.53 22.87 17.80
CA VAL B 37 -22.12 23.12 19.17
C VAL B 37 -23.34 23.58 19.97
N ARG B 38 -23.43 23.13 21.21
CA ARG B 38 -24.54 23.49 22.09
C ARG B 38 -24.01 23.85 23.47
N GLN B 39 -24.78 24.69 24.16
CA GLN B 39 -24.62 24.88 25.60
C GLN B 39 -25.98 24.76 26.25
N ALA B 40 -26.09 23.88 27.24
CA ALA B 40 -27.30 23.77 28.02
C ALA B 40 -27.40 24.94 29.00
N PRO B 41 -28.61 25.27 29.47
CA PRO B 41 -28.72 26.34 30.46
C PRO B 41 -27.94 26.02 31.72
N GLY B 42 -27.10 26.96 32.13
CA GLY B 42 -26.22 26.74 33.26
C GLY B 42 -25.00 25.91 32.97
N LYS B 43 -24.69 25.66 31.70
CA LYS B 43 -23.54 24.86 31.31
C LYS B 43 -22.70 25.65 30.30
N GLY B 44 -21.52 25.12 30.00
CA GLY B 44 -20.63 25.74 29.05
C GLY B 44 -20.80 25.15 27.66
N LEU B 45 -19.91 25.58 26.75
CA LEU B 45 -19.97 25.11 25.38
C LEU B 45 -19.66 23.61 25.31
N GLU B 46 -20.29 22.95 24.35
CA GLU B 46 -20.14 21.50 24.17
C GLU B 46 -20.14 21.21 22.67
N TRP B 47 -19.00 20.74 22.17
CA TRP B 47 -18.92 20.32 20.77
C TRP B 47 -19.66 19.01 20.56
N LEU B 48 -20.42 18.94 19.47
CA LEU B 48 -21.30 17.81 19.21
C LEU B 48 -20.89 16.98 18.00
N SER B 49 -20.65 17.61 16.85
CA SER B 49 -20.44 16.87 15.63
C SER B 49 -19.74 17.76 14.61
N TYR B 50 -19.42 17.17 13.46
CA TYR B 50 -18.58 17.82 12.45
C TYR B 50 -18.62 17.01 11.15
N ILE B 51 -18.69 17.72 10.04
CA ILE B 51 -18.58 17.14 8.71
C ILE B 51 -17.37 17.75 8.01
N ARG B 52 -16.73 16.96 7.17
CA ARG B 52 -15.72 17.53 6.30
C ARG B 52 -16.38 18.12 5.05
N SER B 53 -15.68 19.07 4.42
CA SER B 53 -16.23 19.79 3.28
C SER B 53 -16.73 18.87 2.17
N SER B 54 -16.09 17.71 2.01
CA SER B 54 -16.47 16.77 0.96
C SER B 54 -17.57 15.81 1.39
N GLY B 55 -18.09 15.94 2.60
CA GLY B 55 -19.04 14.98 3.12
C GLY B 55 -18.40 13.63 3.36
N THR B 56 -19.21 12.71 3.87
CA THR B 56 -18.84 11.31 4.13
C THR B 56 -17.71 11.17 5.15
N VAL B 57 -17.30 12.24 5.81
CA VAL B 57 -16.26 12.20 6.84
C VAL B 57 -16.84 12.87 8.07
N THR B 58 -17.29 12.06 9.03
CA THR B 58 -17.93 12.57 10.23
C THR B 58 -17.41 11.84 11.45
N SER B 59 -17.54 12.49 12.60
CA SER B 59 -17.44 11.85 13.90
C SER B 59 -18.22 12.68 14.90
N TYR B 60 -18.55 12.05 16.03
CA TYR B 60 -19.55 12.59 16.94
C TYR B 60 -18.96 12.67 18.35
N ALA B 61 -19.56 13.52 19.17
CA ALA B 61 -19.31 13.46 20.60
C ALA B 61 -19.98 12.22 21.18
N ASP B 62 -19.36 11.67 22.24
CA ASP B 62 -19.89 10.46 22.85
C ASP B 62 -21.28 10.66 23.44
N SER B 63 -21.62 11.90 23.81
CA SER B 63 -22.91 12.15 24.44
C SER B 63 -24.08 11.93 23.48
N VAL B 64 -23.86 12.12 22.18
CA VAL B 64 -24.94 12.04 21.20
C VAL B 64 -24.69 11.02 20.11
N LYS B 65 -23.51 10.39 20.06
CA LYS B 65 -23.23 9.41 19.02
C LYS B 65 -24.20 8.24 19.13
N GLY B 66 -24.75 7.84 17.98
CA GLY B 66 -25.78 6.84 17.93
C GLY B 66 -27.19 7.40 17.87
N ARG B 67 -27.38 8.65 18.31
CA ARG B 67 -28.67 9.33 18.24
C ARG B 67 -28.70 10.41 17.18
N PHE B 68 -27.74 11.32 17.20
CA PHE B 68 -27.70 12.41 16.23
C PHE B 68 -26.97 11.99 14.96
N THR B 69 -27.24 12.70 13.88
CA THR B 69 -26.61 12.45 12.59
C THR B 69 -26.42 13.78 11.87
N ILE B 70 -25.17 14.07 11.52
CA ILE B 70 -24.82 15.30 10.81
C ILE B 70 -24.77 14.98 9.33
N SER B 71 -25.09 15.98 8.49
CA SER B 71 -25.17 15.77 7.06
C SER B 71 -24.98 17.09 6.33
N ARG B 72 -24.62 17.00 5.06
CA ARG B 72 -24.25 18.15 4.25
C ARG B 72 -24.99 18.14 2.93
N ASP B 73 -25.31 19.35 2.44
CA ASP B 73 -25.80 19.53 1.08
C ASP B 73 -25.16 20.80 0.54
N ASN B 74 -24.04 20.65 -0.17
CA ASN B 74 -23.35 21.79 -0.75
C ASN B 74 -24.18 22.51 -1.80
N ALA B 75 -25.11 21.81 -2.45
CA ALA B 75 -25.92 22.43 -3.48
C ALA B 75 -26.80 23.54 -2.91
N LYS B 76 -27.40 23.31 -1.75
CA LYS B 76 -28.29 24.28 -1.13
C LYS B 76 -27.61 25.07 -0.02
N ASN B 77 -26.29 24.95 0.13
CA ASN B 77 -25.51 25.74 1.09
C ASN B 77 -26.11 25.65 2.49
N SER B 78 -26.32 24.42 2.95
CA SER B 78 -27.01 24.20 4.22
C SER B 78 -26.41 23.01 4.95
N LEU B 79 -26.45 23.09 6.27
CA LEU B 79 -26.01 22.03 7.18
C LEU B 79 -27.21 21.48 7.93
N TYR B 80 -27.25 20.15 8.09
CA TYR B 80 -28.36 19.49 8.74
C TYR B 80 -27.88 18.65 9.92
N LEU B 81 -28.67 18.66 10.99
CA LEU B 81 -28.44 17.81 12.16
C LEU B 81 -29.74 17.10 12.49
N GLN B 82 -29.76 15.78 12.32
CA GLN B 82 -30.94 14.97 12.62
C GLN B 82 -30.85 14.48 14.05
N MET B 83 -31.76 14.94 14.90
CA MET B 83 -31.77 14.60 16.32
C MET B 83 -32.85 13.55 16.58
N ASN B 84 -32.43 12.36 17.00
CA ASN B 84 -33.33 11.27 17.31
C ASN B 84 -33.15 10.84 18.76
N SER B 85 -34.18 10.21 19.31
CA SER B 85 -34.19 9.72 20.69
C SER B 85 -33.77 10.82 21.65
N LEU B 86 -34.50 11.93 21.60
CA LEU B 86 -34.16 13.10 22.39
C LEU B 86 -34.48 12.88 23.86
N ARG B 87 -33.64 13.46 24.72
CA ARG B 87 -33.76 13.33 26.16
C ARG B 87 -33.73 14.70 26.81
N ALA B 88 -33.96 14.73 28.12
CA ALA B 88 -34.06 16.00 28.84
C ALA B 88 -32.75 16.78 28.77
N GLU B 89 -31.61 16.07 28.87
CA GLU B 89 -30.31 16.75 28.85
C GLU B 89 -29.99 17.35 27.49
N ASP B 90 -30.68 16.92 26.43
CA ASP B 90 -30.47 17.48 25.10
C ASP B 90 -31.02 18.89 24.95
N THR B 91 -31.67 19.43 26.00
CA THR B 91 -32.22 20.79 25.95
C THR B 91 -31.08 21.80 26.04
N ALA B 92 -30.87 22.56 24.97
CA ALA B 92 -29.78 23.53 24.90
C ALA B 92 -30.04 24.46 23.73
N VAL B 93 -29.13 25.42 23.54
CA VAL B 93 -29.15 26.31 22.40
C VAL B 93 -28.08 25.80 21.43
N TYR B 94 -28.50 25.33 20.26
CA TYR B 94 -27.57 24.70 19.33
C TYR B 94 -27.04 25.71 18.33
N TYR B 95 -25.71 25.74 18.19
CA TYR B 95 -25.02 26.64 17.28
C TYR B 95 -24.40 25.84 16.13
N CYS B 96 -24.21 26.52 15.00
CA CYS B 96 -23.47 25.96 13.88
C CYS B 96 -22.30 26.89 13.55
N ALA B 97 -21.15 26.29 13.24
CA ALA B 97 -19.95 27.08 13.01
C ALA B 97 -19.04 26.37 12.00
N ARG B 98 -18.33 27.16 11.22
CA ARG B 98 -17.34 26.66 10.27
C ARG B 98 -15.96 26.73 10.89
N ASP B 99 -15.02 26.01 10.27
CA ASP B 99 -13.62 26.03 10.68
C ASP B 99 -12.85 27.00 9.80
N LEU B 100 -12.19 27.98 10.42
CA LEU B 100 -11.30 28.88 9.71
C LEU B 100 -9.96 28.18 9.51
N VAL B 101 -9.55 28.03 8.25
CA VAL B 101 -8.26 27.44 7.93
C VAL B 101 -7.51 28.39 7.01
N TYR B 102 -6.95 29.45 7.57
CA TYR B 102 -6.16 30.39 6.79
C TYR B 102 -4.76 29.82 6.56
N THR B 103 -4.24 30.07 5.36
CA THR B 103 -3.03 29.39 4.87
C THR B 103 -3.24 27.88 4.98
N GLY B 104 -2.56 27.23 5.91
CA GLY B 104 -2.69 25.80 6.06
C GLY B 104 -3.03 25.36 7.47
N SER B 105 -3.08 26.29 8.42
CA SER B 105 -3.24 25.97 9.82
C SER B 105 -4.65 26.33 10.30
N TYR B 106 -5.19 25.47 11.17
CA TYR B 106 -6.47 25.72 11.80
C TYR B 106 -6.34 26.80 12.87
N TYR B 107 -7.31 27.71 12.91
CA TYR B 107 -7.29 28.81 13.87
C TYR B 107 -8.48 28.82 14.83
N GLY B 108 -9.55 28.10 14.53
CA GLY B 108 -10.73 28.08 15.37
C GLY B 108 -11.99 28.29 14.55
N MET B 109 -13.11 28.37 15.26
CA MET B 109 -14.42 28.54 14.64
C MET B 109 -14.75 30.03 14.60
N ASP B 110 -14.62 30.63 13.42
CA ASP B 110 -14.78 32.08 13.33
C ASP B 110 -16.23 32.53 13.17
N VAL B 111 -16.97 31.90 12.25
CA VAL B 111 -18.33 32.31 11.93
C VAL B 111 -19.30 31.34 12.62
N TRP B 112 -20.19 31.90 13.43
CA TRP B 112 -21.09 31.11 14.26
C TRP B 112 -22.55 31.40 13.88
N GLY B 113 -23.39 30.38 14.04
CA GLY B 113 -24.80 30.55 13.83
C GLY B 113 -25.43 31.46 14.85
N GLN B 114 -26.68 31.85 14.58
CA GLN B 114 -27.37 32.79 15.45
C GLN B 114 -27.81 32.16 16.76
N GLY B 115 -27.97 30.84 16.80
CA GLY B 115 -28.52 30.19 17.98
C GLY B 115 -29.94 29.72 17.73
N THR B 116 -30.23 28.46 18.09
CA THR B 116 -31.57 27.92 17.98
C THR B 116 -31.83 27.02 19.18
N ARG B 117 -33.02 27.16 19.77
CA ARG B 117 -33.32 26.52 21.05
C ARG B 117 -34.16 25.28 20.84
N VAL B 118 -33.74 24.19 21.47
CA VAL B 118 -34.46 22.91 21.46
C VAL B 118 -34.77 22.55 22.91
N THR B 119 -36.05 22.49 23.24
CA THR B 119 -36.49 22.19 24.59
C THR B 119 -37.19 20.83 24.58
N VAL B 120 -36.59 19.85 25.26
CA VAL B 120 -37.15 18.51 25.37
C VAL B 120 -37.87 18.43 26.70
N SER B 121 -39.20 18.38 26.67
CA SER B 121 -39.98 18.31 27.89
C SER B 121 -41.34 17.68 27.58
N GLY B 122 -41.92 17.07 28.60
CA GLY B 122 -43.27 16.56 28.49
C GLY B 122 -44.35 17.61 28.59
N ALA B 123 -43.97 18.87 28.81
CA ALA B 123 -44.91 19.96 28.92
C ALA B 123 -45.24 20.54 27.55
N SER B 124 -46.31 21.32 27.51
CA SER B 124 -46.80 21.93 26.28
C SER B 124 -46.60 23.44 26.33
N THR B 125 -46.62 24.06 25.16
CA THR B 125 -46.39 25.50 25.08
C THR B 125 -47.61 26.27 25.55
N LYS B 126 -47.35 27.39 26.23
CA LYS B 126 -48.40 28.29 26.70
C LYS B 126 -47.94 29.72 26.51
N GLY B 127 -48.79 30.54 25.90
CA GLY B 127 -48.47 31.92 25.65
C GLY B 127 -48.41 32.74 26.92
N PRO B 128 -47.62 33.81 26.90
CA PRO B 128 -47.53 34.69 28.07
C PRO B 128 -48.66 35.71 28.10
N SER B 129 -49.02 36.10 29.32
CA SER B 129 -49.89 37.24 29.54
C SER B 129 -49.03 38.46 29.79
N VAL B 130 -49.33 39.55 29.08
CA VAL B 130 -48.53 40.77 29.15
C VAL B 130 -49.32 41.80 29.93
N PHE B 131 -48.76 42.27 31.04
CA PHE B 131 -49.39 43.26 31.88
C PHE B 131 -48.49 44.48 32.03
N PRO B 132 -49.05 45.69 31.97
CA PRO B 132 -48.21 46.89 32.03
C PRO B 132 -47.78 47.22 33.46
N LEU B 133 -46.63 47.88 33.55
CA LEU B 133 -46.09 48.42 34.79
C LEU B 133 -46.14 49.94 34.67
N ALA B 134 -47.23 50.53 35.15
CA ALA B 134 -47.48 51.95 34.93
C ALA B 134 -46.68 52.80 35.92
N PRO B 135 -46.21 53.97 35.50
CA PRO B 135 -45.50 54.85 36.44
C PRO B 135 -46.46 55.53 37.40
N SER B 136 -45.96 55.83 38.59
CA SER B 136 -46.77 56.47 39.62
C SER B 136 -46.86 57.97 39.40
N GLY B 142 -38.91 59.81 41.28
CA GLY B 142 -39.18 61.22 41.51
C GLY B 142 -39.07 62.06 40.26
N GLY B 143 -37.88 62.62 40.03
CA GLY B 143 -37.63 63.40 38.83
C GLY B 143 -37.54 62.59 37.55
N THR B 144 -37.42 61.26 37.67
CA THR B 144 -37.36 60.38 36.52
C THR B 144 -38.24 59.17 36.81
N ALA B 145 -39.15 58.87 35.89
CA ALA B 145 -40.10 57.78 36.07
C ALA B 145 -39.62 56.52 35.35
N ALA B 146 -40.13 55.38 35.81
CA ALA B 146 -39.82 54.08 35.23
C ALA B 146 -41.12 53.36 34.90
N LEU B 147 -41.12 52.64 33.79
CA LEU B 147 -42.29 51.89 33.36
C LEU B 147 -41.83 50.64 32.62
N GLY B 148 -42.71 49.64 32.57
CA GLY B 148 -42.34 48.41 31.91
C GLY B 148 -43.53 47.50 31.69
N CYS B 149 -43.22 46.27 31.30
CA CYS B 149 -44.21 45.24 31.03
C CYS B 149 -43.84 43.97 31.79
N LEU B 150 -44.85 43.26 32.28
CA LEU B 150 -44.66 41.98 32.94
C LEU B 150 -45.10 40.86 31.99
N VAL B 151 -44.16 40.01 31.61
CA VAL B 151 -44.42 38.89 30.71
C VAL B 151 -44.52 37.66 31.60
N LYS B 152 -45.73 37.37 32.07
CA LYS B 152 -45.96 36.38 33.11
C LYS B 152 -46.57 35.10 32.54
N ASP B 153 -46.13 33.96 33.08
CA ASP B 153 -46.72 32.66 32.80
C ASP B 153 -46.61 32.27 31.33
N TYR B 154 -45.44 31.79 30.92
CA TYR B 154 -45.25 31.30 29.56
C TYR B 154 -44.33 30.08 29.60
N PHE B 155 -44.32 29.36 28.47
CA PHE B 155 -43.47 28.18 28.29
C PHE B 155 -43.48 27.78 26.82
N PRO B 156 -42.35 27.39 26.25
CA PRO B 156 -41.03 27.40 26.91
C PRO B 156 -40.28 28.71 26.65
N GLU B 157 -38.99 28.70 26.98
CA GLU B 157 -38.14 29.82 26.63
C GLU B 157 -37.94 29.88 25.12
N PRO B 158 -37.66 31.07 24.57
CA PRO B 158 -37.61 32.37 25.24
C PRO B 158 -38.75 33.29 24.83
N VAL B 159 -38.68 34.53 25.28
CA VAL B 159 -39.50 35.62 24.75
C VAL B 159 -38.56 36.77 24.41
N THR B 160 -38.99 37.61 23.47
CA THR B 160 -38.25 38.80 23.09
C THR B 160 -39.13 40.03 23.31
N VAL B 161 -38.53 41.08 23.87
CA VAL B 161 -39.25 42.30 24.21
C VAL B 161 -38.49 43.48 23.64
N SER B 162 -39.18 44.29 22.83
CA SER B 162 -38.65 45.55 22.33
C SER B 162 -39.66 46.65 22.65
N TRP B 163 -39.17 47.88 22.68
CA TRP B 163 -39.99 49.04 23.04
C TRP B 163 -40.17 49.94 21.82
N ASN B 164 -41.42 50.20 21.47
CA ASN B 164 -41.77 51.02 20.30
C ASN B 164 -41.13 50.47 19.03
N SER B 165 -41.18 49.15 18.88
CA SER B 165 -40.69 48.45 17.68
C SER B 165 -39.21 48.73 17.41
N GLY B 166 -38.47 49.09 18.46
CA GLY B 166 -37.05 49.31 18.36
C GLY B 166 -36.62 50.76 18.45
N ALA B 167 -37.57 51.69 18.53
CA ALA B 167 -37.19 53.09 18.63
C ALA B 167 -36.65 53.42 20.02
N LEU B 168 -37.26 52.86 21.06
CA LEU B 168 -36.84 53.08 22.44
C LEU B 168 -35.90 51.96 22.84
N THR B 169 -34.61 52.26 22.89
CA THR B 169 -33.59 51.28 23.26
C THR B 169 -32.77 51.70 24.48
N SER B 170 -32.48 52.99 24.62
CA SER B 170 -31.70 53.47 25.75
C SER B 170 -32.53 53.44 27.02
N GLY B 171 -31.99 52.83 28.07
CA GLY B 171 -32.67 52.72 29.35
C GLY B 171 -33.45 51.44 29.55
N VAL B 172 -33.47 50.55 28.56
CA VAL B 172 -34.25 49.32 28.65
C VAL B 172 -33.43 48.25 29.37
N HIS B 173 -34.08 47.54 30.29
CA HIS B 173 -33.47 46.39 30.98
C HIS B 173 -34.47 45.24 30.98
N THR B 174 -34.32 44.33 30.03
CA THR B 174 -35.11 43.11 29.98
C THR B 174 -34.45 42.06 30.87
N PHE B 175 -35.17 41.61 31.90
CA PHE B 175 -34.61 40.74 32.92
C PHE B 175 -34.68 39.28 32.51
N PRO B 176 -33.72 38.47 32.95
CA PRO B 176 -33.80 37.03 32.71
C PRO B 176 -35.03 36.43 33.40
N ALA B 177 -35.52 35.34 32.84
CA ALA B 177 -36.74 34.74 33.35
C ALA B 177 -36.48 33.98 34.65
N VAL B 178 -37.55 33.75 35.39
CA VAL B 178 -37.54 32.92 36.59
C VAL B 178 -38.60 31.84 36.43
N LEU B 179 -38.23 30.61 36.77
CA LEU B 179 -39.14 29.47 36.65
C LEU B 179 -39.90 29.32 37.95
N GLN B 180 -41.05 30.00 38.01
CA GLN B 180 -41.87 29.96 39.22
C GLN B 180 -42.45 28.56 39.41
N SER B 181 -43.00 28.33 40.61
CA SER B 181 -43.36 26.98 41.05
C SER B 181 -44.40 26.30 40.18
N SER B 182 -45.11 27.03 39.32
CA SER B 182 -46.12 26.45 38.45
C SER B 182 -45.53 25.80 37.21
N GLY B 183 -44.20 25.69 37.12
CA GLY B 183 -43.56 25.16 35.93
C GLY B 183 -43.52 26.10 34.76
N LEU B 184 -43.99 27.33 34.91
CA LEU B 184 -43.99 28.33 33.85
C LEU B 184 -42.98 29.42 34.15
N TYR B 185 -42.60 30.15 33.12
CA TYR B 185 -41.64 31.24 33.24
C TYR B 185 -42.35 32.58 33.36
N SER B 186 -41.60 33.58 33.82
CA SER B 186 -42.12 34.93 33.97
C SER B 186 -40.96 35.89 34.08
N LEU B 187 -40.95 36.92 33.24
CA LEU B 187 -39.95 37.97 33.32
C LEU B 187 -40.63 39.32 33.16
N SER B 188 -39.88 40.38 33.44
CA SER B 188 -40.35 41.74 33.29
C SER B 188 -39.29 42.57 32.59
N SER B 189 -39.73 43.39 31.64
CA SER B 189 -38.87 44.35 30.97
C SER B 189 -39.26 45.75 31.38
N VAL B 190 -38.27 46.59 31.67
CA VAL B 190 -38.51 47.94 32.15
C VAL B 190 -37.69 48.92 31.33
N VAL B 191 -38.07 50.19 31.42
CA VAL B 191 -37.35 51.28 30.77
C VAL B 191 -37.60 52.56 31.55
N THR B 192 -36.54 53.33 31.78
CA THR B 192 -36.64 54.62 32.45
C THR B 192 -36.64 55.73 31.40
N VAL B 193 -37.60 56.65 31.53
CA VAL B 193 -37.78 57.72 30.56
C VAL B 193 -37.89 59.03 31.33
N PRO B 194 -37.69 60.17 30.65
CA PRO B 194 -37.90 61.46 31.31
C PRO B 194 -39.32 61.57 31.85
N SER B 195 -39.43 61.97 33.12
CA SER B 195 -40.71 62.01 33.79
C SER B 195 -41.66 63.04 33.20
N SER B 196 -41.15 63.99 32.41
CA SER B 196 -41.96 65.05 31.84
C SER B 196 -42.52 64.72 30.46
N SER B 197 -42.32 63.50 29.97
CA SER B 197 -42.77 63.11 28.65
C SER B 197 -43.82 62.01 28.67
N LEU B 198 -44.41 61.73 29.83
CA LEU B 198 -45.39 60.64 29.91
C LEU B 198 -46.67 60.96 29.15
N GLY B 199 -47.01 62.24 29.03
CA GLY B 199 -48.21 62.62 28.30
C GLY B 199 -47.99 62.81 26.82
N THR B 200 -46.76 63.13 26.44
CA THR B 200 -46.42 63.42 25.04
C THR B 200 -45.85 62.22 24.30
N GLN B 201 -45.44 61.17 24.99
CA GLN B 201 -44.82 60.01 24.37
C GLN B 201 -45.57 58.75 24.72
N THR B 202 -45.92 57.96 23.71
CA THR B 202 -46.58 56.68 23.91
C THR B 202 -45.52 55.58 24.02
N TYR B 203 -45.67 54.71 25.00
CA TYR B 203 -44.72 53.64 25.26
C TYR B 203 -45.40 52.30 25.10
N ILE B 204 -44.96 51.52 24.12
CA ILE B 204 -45.52 50.21 23.81
C ILE B 204 -44.39 49.20 23.81
N CYS B 205 -44.55 48.11 24.54
CA CYS B 205 -43.62 46.99 24.50
C CYS B 205 -44.11 45.94 23.53
N ASN B 206 -43.17 45.33 22.82
CA ASN B 206 -43.48 44.42 21.70
C ASN B 206 -43.02 43.02 22.08
N VAL B 207 -43.86 42.33 22.85
CA VAL B 207 -43.53 40.99 23.31
C VAL B 207 -43.76 40.00 22.19
N ASN B 208 -42.81 39.07 22.00
CA ASN B 208 -42.93 38.01 21.01
C ASN B 208 -42.56 36.69 21.67
N HIS B 209 -43.42 35.69 21.48
CA HIS B 209 -43.22 34.34 22.03
C HIS B 209 -43.39 33.35 20.88
N LYS B 210 -42.27 33.04 20.22
CA LYS B 210 -42.32 32.20 19.02
C LYS B 210 -42.94 30.83 19.25
N PRO B 211 -42.63 30.08 20.31
CA PRO B 211 -43.14 28.70 20.39
C PRO B 211 -44.65 28.59 20.42
N SER B 212 -45.37 29.61 20.90
CA SER B 212 -46.82 29.59 20.93
C SER B 212 -47.45 30.54 19.93
N ASN B 213 -46.67 31.07 18.99
CA ASN B 213 -47.16 32.01 17.98
C ASN B 213 -47.94 33.15 18.62
N THR B 214 -47.34 33.75 19.66
CA THR B 214 -47.98 34.76 20.47
C THR B 214 -47.12 36.02 20.47
N LYS B 215 -47.57 37.05 19.77
CA LYS B 215 -46.91 38.35 19.78
C LYS B 215 -47.93 39.41 20.17
N VAL B 216 -47.57 40.26 21.13
CA VAL B 216 -48.49 41.22 21.73
C VAL B 216 -47.81 42.59 21.78
N ASP B 217 -48.56 43.62 21.40
CA ASP B 217 -48.15 45.01 21.60
C ASP B 217 -49.07 45.61 22.67
N LYS B 218 -48.58 45.67 23.90
CA LYS B 218 -49.34 46.23 25.01
C LYS B 218 -48.87 47.65 25.29
N ARG B 219 -49.82 48.54 25.49
CA ARG B 219 -49.53 49.94 25.76
C ARG B 219 -49.37 50.17 27.26
N VAL B 220 -48.30 50.85 27.64
CA VAL B 220 -48.04 51.22 29.02
C VAL B 220 -48.49 52.66 29.20
N GLU B 221 -49.61 52.83 29.90
CA GLU B 221 -50.25 54.12 30.06
C GLU B 221 -50.33 54.47 31.54
N PRO B 222 -49.95 55.70 31.95
CA PRO B 222 -49.91 56.13 33.35
C PRO B 222 -51.23 55.94 34.10
N ALA C 1 -10.24 11.09 25.53
CA ALA C 1 -10.30 12.42 24.93
C ALA C 1 -9.46 13.42 25.71
N ILE C 2 -9.05 14.48 25.04
CA ILE C 2 -8.27 15.54 25.68
C ILE C 2 -9.22 16.42 26.49
N GLN C 3 -8.97 16.53 27.79
CA GLN C 3 -9.81 17.29 28.69
C GLN C 3 -9.11 18.57 29.11
N LEU C 4 -9.88 19.62 29.31
CA LEU C 4 -9.37 20.94 29.68
C LEU C 4 -9.92 21.35 31.04
N THR C 5 -9.07 21.95 31.86
CA THR C 5 -9.46 22.55 33.12
C THR C 5 -9.05 24.02 33.11
N GLN C 6 -10.01 24.88 33.38
CA GLN C 6 -9.85 26.32 33.20
C GLN C 6 -9.88 27.02 34.56
N SER C 7 -8.99 28.00 34.72
CA SER C 7 -8.80 28.68 36.00
C SER C 7 -8.62 30.18 35.77
N PRO C 8 -9.32 31.03 36.54
CA PRO C 8 -10.35 30.63 37.51
C PRO C 8 -11.73 30.57 36.88
N SER C 9 -12.74 30.17 37.67
CA SER C 9 -14.11 30.15 37.16
C SER C 9 -14.73 31.55 37.15
N SER C 10 -14.53 32.31 38.21
CA SER C 10 -14.96 33.70 38.29
C SER C 10 -13.74 34.60 38.38
N LEU C 11 -13.85 35.79 37.79
CA LEU C 11 -12.73 36.74 37.82
C LEU C 11 -13.31 38.15 37.75
N SER C 12 -12.95 38.97 38.74
CA SER C 12 -13.39 40.36 38.81
C SER C 12 -12.16 41.25 38.66
N ALA C 13 -12.10 41.99 37.57
CA ALA C 13 -10.95 42.82 37.24
C ALA C 13 -11.37 44.28 37.07
N SER C 14 -10.60 45.19 37.66
CA SER C 14 -10.87 46.61 37.51
C SER C 14 -10.51 47.05 36.08
N VAL C 15 -10.98 48.24 35.72
CA VAL C 15 -10.82 48.75 34.36
C VAL C 15 -9.35 49.04 34.09
N GLY C 16 -8.93 48.80 32.85
CA GLY C 16 -7.57 49.15 32.43
C GLY C 16 -6.49 48.23 32.94
N ASP C 17 -6.84 47.10 33.55
CA ASP C 17 -5.84 46.20 34.10
C ASP C 17 -5.34 45.24 33.01
N ARG C 18 -4.50 44.30 33.42
CA ARG C 18 -4.04 43.20 32.58
C ARG C 18 -4.48 41.90 33.24
N VAL C 19 -5.24 41.08 32.52
CA VAL C 19 -5.82 39.87 33.07
C VAL C 19 -5.41 38.68 32.20
N THR C 20 -5.06 37.57 32.85
CA THR C 20 -4.68 36.35 32.17
C THR C 20 -5.52 35.19 32.68
N ILE C 21 -5.99 34.36 31.75
CA ILE C 21 -6.80 33.18 32.05
C ILE C 21 -6.01 31.95 31.60
N THR C 22 -6.03 30.90 32.42
CA THR C 22 -5.23 29.71 32.18
C THR C 22 -6.12 28.49 31.93
N CYS C 23 -5.70 27.66 30.98
CA CYS C 23 -6.28 26.34 30.77
C CYS C 23 -5.16 25.31 30.79
N ARG C 24 -5.45 24.14 31.35
CA ARG C 24 -4.50 23.04 31.43
C ARG C 24 -5.08 21.82 30.75
N THR C 25 -4.23 21.09 30.05
CA THR C 25 -4.63 19.89 29.33
C THR C 25 -4.31 18.64 30.14
N SER C 26 -5.03 17.56 29.84
CA SER C 26 -4.71 16.26 30.43
C SER C 26 -3.50 15.63 29.76
N GLN C 27 -3.33 15.87 28.46
CA GLN C 27 -2.19 15.38 27.69
C GLN C 27 -1.48 16.56 27.05
N GLY C 28 -0.16 16.55 27.12
CA GLY C 28 0.60 17.61 26.48
C GLY C 28 0.40 17.61 24.97
N ILE C 29 0.23 18.81 24.41
CA ILE C 29 0.03 18.97 22.98
C ILE C 29 0.88 20.13 22.49
N SER C 30 1.34 20.02 21.24
CA SER C 30 2.15 21.09 20.64
C SER C 30 1.27 22.20 20.09
N THR C 31 0.07 21.88 19.63
CA THR C 31 -0.81 22.88 19.08
C THR C 31 -1.28 23.84 20.18
N PRO C 32 -1.46 25.11 19.87
CA PRO C 32 -2.03 26.03 20.85
C PRO C 32 -3.53 25.80 21.01
N LEU C 33 -4.10 26.50 21.97
CA LEU C 33 -5.55 26.50 22.19
C LEU C 33 -6.22 27.73 21.57
N ALA C 34 -7.49 27.55 21.25
CA ALA C 34 -8.33 28.61 20.72
C ALA C 34 -9.22 29.15 21.83
N TRP C 35 -9.50 30.44 21.79
CA TRP C 35 -10.25 31.12 22.84
C TRP C 35 -11.50 31.79 22.25
N TYR C 36 -12.49 32.00 23.11
CA TYR C 36 -13.78 32.51 22.67
C TYR C 36 -14.35 33.48 23.69
N GLN C 37 -15.05 34.49 23.19
CA GLN C 37 -15.75 35.47 24.02
C GLN C 37 -17.24 35.21 23.90
N HIS C 38 -17.89 34.96 25.03
CA HIS C 38 -19.31 34.61 25.04
C HIS C 38 -20.09 35.71 25.76
N LYS C 39 -20.60 36.66 24.98
CA LYS C 39 -21.47 37.70 25.52
C LYS C 39 -22.86 37.13 25.81
N PRO C 40 -23.59 37.73 26.75
CA PRO C 40 -24.96 37.28 27.01
C PRO C 40 -25.87 37.64 25.85
N GLY C 41 -26.65 36.65 25.40
CA GLY C 41 -27.56 36.87 24.29
C GLY C 41 -26.89 37.04 22.95
N LYS C 42 -25.70 36.47 22.78
CA LYS C 42 -24.96 36.55 21.53
C LYS C 42 -24.23 35.24 21.28
N SER C 43 -23.88 35.01 20.02
CA SER C 43 -23.07 33.86 19.67
C SER C 43 -21.61 34.12 20.09
N PRO C 44 -20.90 33.09 20.53
CA PRO C 44 -19.49 33.27 20.87
C PRO C 44 -18.67 33.56 19.62
N LYS C 45 -17.67 34.41 19.77
CA LYS C 45 -16.81 34.81 18.65
C LYS C 45 -15.38 34.38 18.91
N LEU C 46 -14.65 34.14 17.81
CA LEU C 46 -13.25 33.77 17.90
C LEU C 46 -12.42 34.97 18.37
N LEU C 47 -11.61 34.76 19.41
CA LEU C 47 -10.88 35.86 20.03
C LEU C 47 -9.57 36.14 19.33
N ILE C 48 -8.72 35.12 19.20
CA ILE C 48 -7.31 35.33 18.88
C ILE C 48 -7.15 36.04 17.53
N HIS C 49 -8.03 35.74 16.57
CA HIS C 49 -7.97 36.33 15.24
C HIS C 49 -9.38 36.80 14.85
N ASP C 50 -9.80 37.90 15.45
CA ASP C 50 -11.14 38.43 15.24
C ASP C 50 -11.27 39.12 13.89
N ALA C 51 -12.49 39.09 13.35
CA ALA C 51 -12.85 39.76 12.09
C ALA C 51 -11.89 39.25 11.00
N PHE C 52 -11.28 40.12 10.21
CA PHE C 52 -10.34 39.70 9.17
C PHE C 52 -8.94 40.15 9.52
N SER C 53 -8.52 39.89 10.76
CA SER C 53 -7.22 40.36 11.23
C SER C 53 -6.07 39.70 10.49
N LEU C 54 -6.25 38.45 10.06
CA LEU C 54 -5.20 37.78 9.30
C LEU C 54 -5.10 38.35 7.89
N GLU C 55 -6.24 38.56 7.25
CA GLU C 55 -6.22 39.12 5.90
C GLU C 55 -5.82 40.59 5.91
N SER C 56 -6.26 41.34 6.91
CA SER C 56 -6.08 42.79 6.95
C SER C 56 -5.05 43.12 8.04
N GLY C 57 -5.29 44.11 8.91
CA GLY C 57 -4.27 44.49 9.88
C GLY C 57 -4.09 43.45 10.97
N VAL C 58 -2.84 43.27 11.36
CA VAL C 58 -2.43 42.34 12.43
C VAL C 58 -2.85 42.81 13.83
N PRO C 59 -2.87 44.12 14.16
CA PRO C 59 -3.06 44.50 15.56
C PRO C 59 -4.32 43.90 16.20
N SER C 60 -4.18 43.55 17.47
CA SER C 60 -5.25 43.03 18.30
C SER C 60 -4.80 43.16 19.75
N ARG C 61 -5.77 43.09 20.67
CA ARG C 61 -5.48 43.27 22.09
C ARG C 61 -5.83 42.02 22.91
N PHE C 62 -6.02 40.88 22.26
CA PHE C 62 -6.20 39.60 22.93
C PHE C 62 -5.05 38.69 22.55
N SER C 63 -4.31 38.21 23.55
CA SER C 63 -3.14 37.39 23.34
C SER C 63 -3.38 36.00 23.92
N GLY C 64 -3.03 34.97 23.14
CA GLY C 64 -3.16 33.60 23.58
C GLY C 64 -1.85 32.83 23.48
N SER C 65 -1.17 32.67 24.59
CA SER C 65 0.14 32.02 24.63
C SER C 65 0.04 30.64 25.28
N GLY C 66 1.18 29.97 25.35
CA GLY C 66 1.27 28.68 26.02
C GLY C 66 1.50 27.54 25.04
N SER C 67 2.42 26.64 25.42
CA SER C 67 2.66 25.41 24.68
C SER C 67 2.84 24.26 25.67
N GLY C 68 2.40 23.07 25.27
CA GLY C 68 2.52 21.89 26.10
C GLY C 68 1.31 21.56 26.95
N THR C 69 1.28 22.04 28.19
CA THR C 69 0.18 21.76 29.12
C THR C 69 -0.51 23.02 29.62
N ASP C 70 0.24 24.05 29.97
CA ASP C 70 -0.32 25.29 30.50
C ASP C 70 -0.41 26.31 29.38
N PHE C 71 -1.62 26.68 28.98
CA PHE C 71 -1.80 27.76 28.02
C PHE C 71 -2.51 28.92 28.72
N SER C 72 -2.45 30.09 28.09
CA SER C 72 -2.98 31.29 28.73
C SER C 72 -3.62 32.21 27.71
N LEU C 73 -4.61 32.96 28.16
CA LEU C 73 -5.25 34.03 27.40
C LEU C 73 -4.98 35.34 28.13
N THR C 74 -4.39 36.31 27.43
CA THR C 74 -4.04 37.59 28.02
C THR C 74 -4.82 38.71 27.34
N ILE C 75 -5.37 39.61 28.15
CA ILE C 75 -6.04 40.81 27.67
C ILE C 75 -5.16 42.00 28.02
N SER C 76 -4.65 42.69 27.00
CA SER C 76 -3.64 43.72 27.22
C SER C 76 -4.21 44.91 27.99
N SER C 77 -5.49 45.21 27.82
CA SER C 77 -6.10 46.35 28.52
C SER C 77 -7.57 46.03 28.76
N VAL C 78 -7.96 45.90 30.02
CA VAL C 78 -9.33 45.57 30.35
C VAL C 78 -10.22 46.77 30.09
N GLN C 79 -11.36 46.53 29.44
CA GLN C 79 -12.31 47.56 29.07
C GLN C 79 -13.69 47.24 29.64
N PRO C 80 -14.55 48.24 29.82
CA PRO C 80 -15.87 47.99 30.43
C PRO C 80 -16.78 47.10 29.58
N GLU C 81 -16.48 46.89 28.31
CA GLU C 81 -17.28 46.01 27.46
C GLU C 81 -16.72 44.60 27.37
N ASP C 82 -15.67 44.28 28.12
CA ASP C 82 -15.07 42.95 28.10
C ASP C 82 -15.84 41.94 28.93
N PHE C 83 -16.99 42.32 29.50
CA PHE C 83 -17.79 41.41 30.31
C PHE C 83 -18.30 40.27 29.45
N ALA C 84 -17.86 39.04 29.75
CA ALA C 84 -18.29 37.85 29.02
C ALA C 84 -17.84 36.64 29.82
N THR C 85 -18.12 35.45 29.26
CA THR C 85 -17.67 34.18 29.81
C THR C 85 -16.73 33.55 28.78
N TYR C 86 -15.44 33.60 29.06
CA TYR C 86 -14.44 33.16 28.10
C TYR C 86 -14.25 31.65 28.16
N TYR C 87 -14.08 31.04 26.99
CA TYR C 87 -13.88 29.60 26.87
C TYR C 87 -12.64 29.31 26.06
N CYS C 88 -11.95 28.22 26.41
CA CYS C 88 -10.79 27.75 25.68
C CYS C 88 -11.11 26.38 25.08
N GLN C 89 -10.58 26.14 23.89
CA GLN C 89 -10.79 24.87 23.20
C GLN C 89 -9.47 24.38 22.62
N GLN C 90 -9.27 23.08 22.66
CA GLN C 90 -8.14 22.45 21.99
C GLN C 90 -8.58 21.93 20.63
N PHE C 91 -7.68 22.01 19.67
CA PHE C 91 -7.93 21.49 18.33
C PHE C 91 -6.81 20.56 17.89
N TYR C 92 -6.30 19.78 18.84
CA TYR C 92 -5.32 18.76 18.51
C TYR C 92 -5.98 17.48 18.01
N ASP C 93 -7.08 17.09 18.65
CA ASP C 93 -7.65 15.76 18.46
C ASP C 93 -9.14 15.80 18.74
N TYR C 94 -9.94 15.24 17.83
CA TYR C 94 -11.36 15.13 18.14
C TYR C 94 -11.59 14.00 19.15
N PRO C 95 -12.65 14.12 19.98
CA PRO C 95 -13.65 15.19 19.99
C PRO C 95 -13.14 16.53 20.52
N ILE C 96 -13.59 17.63 19.90
CA ILE C 96 -13.20 18.95 20.36
C ILE C 96 -13.81 19.19 21.74
N THR C 97 -12.98 19.64 22.67
CA THR C 97 -13.41 19.85 24.05
C THR C 97 -13.10 21.27 24.49
N PHE C 98 -13.90 21.75 25.43
CA PHE C 98 -13.82 23.10 25.99
C PHE C 98 -13.46 23.03 27.45
N GLY C 99 -13.37 24.22 28.07
CA GLY C 99 -13.22 24.34 29.50
C GLY C 99 -14.52 24.76 30.17
N GLN C 100 -14.49 24.80 31.50
CA GLN C 100 -15.67 25.21 32.25
C GLN C 100 -16.04 26.66 31.99
N GLY C 101 -15.12 27.46 31.50
CA GLY C 101 -15.39 28.86 31.21
C GLY C 101 -14.93 29.77 32.32
N THR C 102 -14.51 30.97 31.95
CA THR C 102 -14.11 32.01 32.89
C THR C 102 -14.98 33.23 32.66
N ARG C 103 -15.77 33.59 33.68
CA ARG C 103 -16.67 34.74 33.58
C ARG C 103 -15.92 35.98 34.11
N LEU C 104 -15.43 36.79 33.18
CA LEU C 104 -14.84 38.06 33.57
C LEU C 104 -15.91 39.02 34.06
N GLU C 105 -15.60 39.73 35.14
CA GLU C 105 -16.54 40.67 35.75
C GLU C 105 -15.84 42.03 35.85
N ILE C 106 -16.18 42.93 34.94
CA ILE C 106 -15.63 44.27 34.97
C ILE C 106 -16.10 45.00 36.22
N ARG C 107 -15.19 45.71 36.87
CA ARG C 107 -15.45 46.33 38.17
C ARG C 107 -15.44 47.85 38.06
N ARG C 108 -16.39 48.48 38.73
CA ARG C 108 -16.63 49.91 38.66
C ARG C 108 -16.61 50.50 40.07
N THR C 109 -16.60 51.82 40.14
CA THR C 109 -16.84 52.51 41.40
C THR C 109 -18.25 52.21 41.90
N VAL C 110 -18.45 52.34 43.21
CA VAL C 110 -19.71 51.98 43.83
C VAL C 110 -20.80 52.95 43.38
N ALA C 111 -21.95 52.40 42.96
CA ALA C 111 -23.07 53.19 42.48
C ALA C 111 -24.31 52.89 43.32
N ALA C 112 -25.21 53.87 43.40
CA ALA C 112 -26.42 53.79 44.20
C ALA C 112 -27.61 53.34 43.35
N PRO C 113 -28.41 52.42 43.86
CA PRO C 113 -29.55 51.91 43.09
C PRO C 113 -30.76 52.84 43.16
N SER C 114 -31.38 53.05 41.99
CA SER C 114 -32.66 53.72 41.91
C SER C 114 -33.78 52.69 42.09
N VAL C 115 -34.66 52.94 43.06
CA VAL C 115 -35.67 51.97 43.46
C VAL C 115 -37.05 52.49 43.04
N PHE C 116 -37.84 51.62 42.41
CA PHE C 116 -39.20 51.93 42.01
C PHE C 116 -40.09 50.73 42.29
N ILE C 117 -41.32 50.99 42.70
CA ILE C 117 -42.30 49.94 42.95
C ILE C 117 -43.47 50.12 42.00
N PHE C 118 -44.06 48.99 41.60
CA PHE C 118 -45.14 48.98 40.62
C PHE C 118 -46.34 48.24 41.21
N PRO C 119 -47.49 48.89 41.34
CA PRO C 119 -48.71 48.17 41.75
C PRO C 119 -49.19 47.25 40.64
N PRO C 120 -49.94 46.21 40.98
CA PRO C 120 -50.46 45.30 39.94
C PRO C 120 -51.38 46.03 38.99
N SER C 121 -51.32 45.66 37.72
CA SER C 121 -52.16 46.28 36.71
C SER C 121 -53.61 45.88 36.90
N ASP C 122 -54.51 46.65 36.29
CA ASP C 122 -55.94 46.35 36.39
C ASP C 122 -56.26 45.01 35.74
N GLU C 123 -55.59 44.70 34.62
CA GLU C 123 -55.94 43.50 33.86
C GLU C 123 -55.54 42.23 34.60
N GLN C 124 -54.50 42.27 35.43
CA GLN C 124 -54.18 41.14 36.29
C GLN C 124 -55.31 40.85 37.25
N LEU C 125 -55.69 41.85 38.04
CA LEU C 125 -56.61 41.64 39.16
C LEU C 125 -57.94 41.05 38.74
N LYS C 126 -58.28 41.12 37.45
CA LYS C 126 -59.44 40.38 36.97
C LYS C 126 -59.16 38.89 36.85
N SER C 127 -57.92 38.51 36.51
CA SER C 127 -57.56 37.11 36.36
C SER C 127 -57.34 36.40 37.69
N GLY C 128 -57.33 37.13 38.81
CA GLY C 128 -57.20 36.51 40.11
C GLY C 128 -55.79 36.36 40.62
N THR C 129 -54.84 37.19 40.15
CA THR C 129 -53.46 37.12 40.58
C THR C 129 -52.88 38.53 40.62
N ALA C 130 -52.16 38.83 41.69
CA ALA C 130 -51.51 40.13 41.87
C ALA C 130 -50.00 39.94 41.87
N SER C 131 -49.30 40.77 41.11
CA SER C 131 -47.84 40.73 41.03
C SER C 131 -47.30 42.14 41.27
N VAL C 132 -46.53 42.30 42.34
CA VAL C 132 -45.96 43.59 42.71
C VAL C 132 -44.46 43.54 42.40
N VAL C 133 -44.04 44.32 41.42
CA VAL C 133 -42.66 44.31 40.92
C VAL C 133 -41.92 45.50 41.52
N CYS C 134 -40.71 45.25 42.01
CA CYS C 134 -39.84 46.29 42.56
C CYS C 134 -38.54 46.30 41.77
N LEU C 135 -38.15 47.48 41.29
CA LEU C 135 -37.01 47.64 40.40
C LEU C 135 -35.83 48.25 41.12
N LEU C 136 -34.64 47.68 40.90
CA LEU C 136 -33.38 48.24 41.35
C LEU C 136 -32.56 48.52 40.10
N ASN C 137 -32.39 49.79 39.76
CA ASN C 137 -31.85 50.20 38.48
C ASN C 137 -30.42 50.72 38.62
N ASN C 138 -29.53 50.21 37.78
CA ASN C 138 -28.15 50.69 37.64
C ASN C 138 -27.44 50.80 38.98
N PHE C 139 -26.99 49.68 39.53
CA PHE C 139 -26.28 49.66 40.80
C PHE C 139 -25.04 48.77 40.70
N TYR C 140 -24.11 48.97 41.63
CA TYR C 140 -22.90 48.18 41.70
C TYR C 140 -22.36 48.26 43.12
N PRO C 141 -21.83 47.16 43.69
CA PRO C 141 -21.70 45.82 43.12
C PRO C 141 -23.00 45.03 43.06
N ARG C 142 -22.90 43.73 42.78
CA ARG C 142 -24.10 42.90 42.64
C ARG C 142 -24.90 42.87 43.94
N GLU C 143 -24.23 42.59 45.05
CA GLU C 143 -24.91 42.23 46.30
C GLU C 143 -25.87 43.33 46.74
N ALA C 144 -27.15 42.97 46.81
CA ALA C 144 -28.20 43.86 47.27
C ALA C 144 -29.34 43.02 47.82
N LYS C 145 -29.98 43.51 48.87
CA LYS C 145 -31.05 42.80 49.55
C LYS C 145 -32.39 43.45 49.24
N VAL C 146 -33.37 42.66 48.85
CA VAL C 146 -34.73 43.11 48.61
C VAL C 146 -35.63 42.50 49.68
N GLN C 147 -36.36 43.36 50.39
CA GLN C 147 -37.18 42.94 51.52
C GLN C 147 -38.62 43.39 51.27
N TRP C 148 -39.52 42.44 51.13
CA TRP C 148 -40.94 42.74 50.94
C TRP C 148 -41.66 42.81 52.29
N LYS C 149 -42.63 43.71 52.38
CA LYS C 149 -43.42 43.89 53.59
C LYS C 149 -44.87 44.16 53.20
N VAL C 150 -45.79 43.40 53.81
CA VAL C 150 -47.21 43.53 53.57
C VAL C 150 -47.85 43.98 54.87
N ASP C 151 -48.34 45.21 54.91
CA ASP C 151 -48.82 45.84 56.15
C ASP C 151 -47.73 45.79 57.22
N ASN C 152 -46.51 46.14 56.81
CA ASN C 152 -45.33 46.14 57.67
C ASN C 152 -45.04 44.76 58.27
N ALA C 153 -45.53 43.70 57.63
CA ALA C 153 -45.25 42.34 58.04
C ALA C 153 -44.27 41.70 57.07
N LEU C 154 -43.28 41.01 57.60
CA LEU C 154 -42.21 40.47 56.76
C LEU C 154 -42.74 39.38 55.85
N GLN C 155 -42.18 39.34 54.63
CA GLN C 155 -42.61 38.40 53.60
C GLN C 155 -41.43 37.56 53.14
N SER C 156 -41.64 36.25 53.04
CA SER C 156 -40.61 35.32 52.60
C SER C 156 -41.27 34.12 51.96
N GLY C 157 -40.64 33.59 50.92
CA GLY C 157 -41.15 32.43 50.21
C GLY C 157 -42.15 32.71 49.12
N ASN C 158 -42.63 33.95 49.01
CA ASN C 158 -43.59 34.33 47.98
C ASN C 158 -43.03 35.36 47.01
N SER C 159 -41.70 35.46 46.90
CA SER C 159 -41.06 36.44 46.05
C SER C 159 -39.95 35.79 45.25
N GLN C 160 -39.80 36.22 44.00
CA GLN C 160 -38.73 35.77 43.13
C GLN C 160 -38.07 36.98 42.48
N GLU C 161 -36.80 36.81 42.10
CA GLU C 161 -36.04 37.93 41.56
C GLU C 161 -34.98 37.41 40.59
N SER C 162 -34.59 38.28 39.66
CA SER C 162 -33.52 37.98 38.73
C SER C 162 -32.73 39.27 38.47
N VAL C 163 -31.47 39.11 38.10
CA VAL C 163 -30.57 40.22 37.84
C VAL C 163 -30.12 40.16 36.39
N THR C 164 -29.98 41.34 35.77
CA THR C 164 -29.44 41.40 34.43
C THR C 164 -27.94 41.11 34.43
N GLU C 165 -27.42 40.78 33.25
CA GLU C 165 -25.98 40.73 33.10
C GLU C 165 -25.42 42.15 33.17
N GLN C 166 -24.14 42.24 33.54
CA GLN C 166 -23.52 43.54 33.72
C GLN C 166 -23.50 44.31 32.40
N ASP C 167 -23.74 45.61 32.48
CA ASP C 167 -23.88 46.42 31.28
C ASP C 167 -22.53 46.58 30.58
N SER C 168 -22.60 46.65 29.24
CA SER C 168 -21.40 46.77 28.42
C SER C 168 -20.88 48.20 28.32
N LYS C 169 -21.56 49.17 28.95
CA LYS C 169 -21.15 50.57 28.85
C LYS C 169 -20.85 51.17 30.21
N ASP C 170 -21.81 51.21 31.13
CA ASP C 170 -21.54 51.73 32.47
C ASP C 170 -21.26 50.63 33.49
N SER C 171 -21.22 49.36 33.05
CA SER C 171 -20.77 48.25 33.90
C SER C 171 -21.57 48.16 35.20
N THR C 172 -22.86 48.41 35.11
CA THR C 172 -23.75 48.33 36.26
C THR C 172 -24.69 47.14 36.11
N TYR C 173 -25.41 46.84 37.18
CA TYR C 173 -26.39 45.77 37.24
C TYR C 173 -27.80 46.35 37.32
N SER C 174 -28.78 45.46 37.36
CA SER C 174 -30.17 45.84 37.56
C SER C 174 -30.94 44.63 38.05
N LEU C 175 -31.80 44.84 39.05
CA LEU C 175 -32.51 43.75 39.71
C LEU C 175 -34.01 44.05 39.71
N SER C 176 -34.80 42.98 39.60
CA SER C 176 -36.26 43.08 39.65
C SER C 176 -36.79 41.92 40.49
N SER C 177 -37.36 42.25 41.65
CA SER C 177 -38.00 41.26 42.51
C SER C 177 -39.51 41.43 42.43
N THR C 178 -40.22 40.32 42.24
CA THR C 178 -41.66 40.33 42.08
C THR C 178 -42.32 39.59 43.24
N LEU C 179 -43.43 40.13 43.72
CA LEU C 179 -44.19 39.57 44.83
C LEU C 179 -45.51 39.03 44.29
N THR C 180 -45.74 37.74 44.52
CA THR C 180 -46.89 37.03 43.94
C THR C 180 -47.85 36.62 45.05
N LEU C 181 -49.10 37.07 44.92
CA LEU C 181 -50.18 36.68 45.82
C LEU C 181 -51.47 36.58 45.02
N SER C 182 -52.51 36.07 45.67
CA SER C 182 -53.81 35.92 45.02
C SER C 182 -54.56 37.25 45.06
N LYS C 183 -55.68 37.29 44.33
CA LYS C 183 -56.53 38.48 44.35
C LYS C 183 -57.11 38.73 45.74
N ALA C 184 -57.60 37.67 46.37
CA ALA C 184 -58.20 37.81 47.71
C ALA C 184 -57.16 38.27 48.72
N ASP C 185 -56.00 37.63 48.73
CA ASP C 185 -54.95 37.99 49.68
C ASP C 185 -54.43 39.40 49.40
N TYR C 186 -54.47 39.84 48.14
CA TYR C 186 -54.01 41.19 47.81
C TYR C 186 -54.93 42.24 48.42
N GLU C 187 -56.24 42.09 48.23
CA GLU C 187 -57.19 43.05 48.75
C GLU C 187 -57.41 42.94 50.26
N LYS C 188 -56.82 41.92 50.90
CA LYS C 188 -56.84 41.85 52.35
C LYS C 188 -55.90 42.87 53.00
N HIS C 189 -55.11 43.59 52.21
CA HIS C 189 -54.09 44.50 52.73
C HIS C 189 -54.10 45.77 51.91
N LYS C 190 -53.39 46.78 52.41
CA LYS C 190 -53.35 48.08 51.75
C LYS C 190 -51.97 48.73 51.72
N VAL C 191 -51.01 48.25 52.49
CA VAL C 191 -49.67 48.83 52.53
C VAL C 191 -48.67 47.75 52.13
N TYR C 192 -48.03 47.93 50.97
CA TYR C 192 -46.98 47.05 50.48
C TYR C 192 -45.71 47.87 50.31
N ALA C 193 -44.62 47.44 50.94
CA ALA C 193 -43.37 48.18 50.92
C ALA C 193 -42.27 47.35 50.27
N CYS C 194 -41.27 48.05 49.73
CA CYS C 194 -40.09 47.42 49.14
C CYS C 194 -38.86 48.06 49.78
N GLU C 195 -38.22 47.33 50.70
CA GLU C 195 -37.02 47.79 51.37
C GLU C 195 -35.79 47.25 50.65
N VAL C 196 -34.83 48.13 50.39
CA VAL C 196 -33.63 47.79 49.63
C VAL C 196 -32.40 48.08 50.47
N THR C 197 -31.54 47.08 50.61
CA THR C 197 -30.27 47.21 51.33
C THR C 197 -29.13 47.13 50.32
N HIS C 198 -28.19 48.06 50.41
CA HIS C 198 -27.09 48.13 49.44
C HIS C 198 -25.97 48.96 50.04
N GLN C 199 -24.76 48.74 49.52
CA GLN C 199 -23.58 49.45 50.02
C GLN C 199 -23.66 50.94 49.69
N GLY C 200 -24.01 51.28 48.46
CA GLY C 200 -24.06 52.67 48.03
C GLY C 200 -25.17 53.47 48.69
N LEU C 201 -25.90 52.83 49.59
CA LEU C 201 -26.95 53.48 50.36
C LEU C 201 -26.54 53.54 51.82
N SER C 202 -26.50 54.76 52.37
CA SER C 202 -26.12 54.92 53.77
C SER C 202 -27.15 54.31 54.70
N SER C 203 -28.40 54.20 54.27
CA SER C 203 -29.48 53.63 55.05
C SER C 203 -30.47 52.98 54.10
N PRO C 204 -31.17 51.93 54.52
CA PRO C 204 -32.12 51.26 53.63
C PRO C 204 -33.19 52.21 53.12
N VAL C 205 -33.55 52.05 51.85
CA VAL C 205 -34.55 52.88 51.18
C VAL C 205 -35.81 52.05 50.98
N THR C 206 -36.95 52.62 51.35
CA THR C 206 -38.24 51.94 51.25
C THR C 206 -39.14 52.73 50.31
N LYS C 207 -39.49 52.13 49.18
CA LYS C 207 -40.50 52.66 48.28
C LYS C 207 -41.79 51.90 48.51
N SER C 208 -42.86 52.63 48.85
CA SER C 208 -44.13 51.98 49.13
C SER C 208 -45.27 52.60 48.32
N PHE C 209 -46.50 52.22 48.67
CA PHE C 209 -47.69 52.50 47.88
C PHE C 209 -48.92 51.97 48.61
N ASN C 210 -50.04 52.68 48.50
CA ASN C 210 -51.23 52.35 49.25
C ASN C 210 -52.30 51.77 48.33
N ARG C 211 -53.35 51.23 48.96
CA ARG C 211 -54.44 50.54 48.27
C ARG C 211 -53.93 49.33 47.49
N GLN D 8 -10.75 -55.14 -35.88
CA GLN D 8 -10.88 -53.90 -36.63
C GLN D 8 -9.51 -53.22 -36.77
N ASN D 9 -9.19 -52.77 -37.98
CA ASN D 9 -7.87 -52.22 -38.27
C ASN D 9 -7.87 -50.85 -38.92
N SER D 10 -9.00 -50.36 -39.42
CA SER D 10 -9.05 -49.08 -40.12
C SER D 10 -10.19 -48.23 -39.57
N SER D 11 -10.02 -46.92 -39.66
CA SER D 11 -11.02 -45.96 -39.22
C SER D 11 -11.55 -45.17 -40.41
N ILE D 12 -12.76 -44.62 -40.24
CA ILE D 12 -13.36 -43.79 -41.27
C ILE D 12 -12.72 -42.42 -41.37
N GLY D 13 -11.91 -42.04 -40.37
CA GLY D 13 -11.23 -40.77 -40.38
C GLY D 13 -11.96 -39.64 -39.69
N GLU D 14 -13.24 -39.80 -39.37
CA GLU D 14 -14.03 -38.76 -38.75
C GLU D 14 -14.77 -39.33 -37.54
N ILE D 15 -15.18 -38.43 -36.65
CA ILE D 15 -15.90 -38.78 -35.43
C ILE D 15 -17.37 -38.49 -35.66
N CYS D 16 -18.22 -39.51 -35.47
CA CYS D 16 -19.65 -39.34 -35.69
C CYS D 16 -20.27 -38.50 -34.58
N ASP D 17 -21.27 -37.69 -34.94
CA ASP D 17 -22.02 -36.90 -33.99
C ASP D 17 -23.20 -37.66 -33.39
N SER D 18 -23.37 -38.93 -33.76
CA SER D 18 -24.44 -39.77 -33.25
C SER D 18 -23.86 -41.13 -32.86
N PRO D 19 -24.44 -41.79 -31.85
CA PRO D 19 -25.55 -41.30 -31.02
C PRO D 19 -25.08 -40.42 -29.87
N HIS D 20 -23.78 -40.45 -29.60
CA HIS D 20 -23.23 -39.68 -28.48
C HIS D 20 -23.21 -38.20 -28.81
N GLN D 21 -23.65 -37.38 -27.87
CA GLN D 21 -23.63 -35.93 -28.04
C GLN D 21 -22.18 -35.44 -27.96
N ILE D 22 -21.66 -34.96 -29.08
CA ILE D 22 -20.26 -34.54 -29.18
C ILE D 22 -20.18 -33.02 -29.09
N LEU D 23 -19.24 -32.54 -28.29
CA LEU D 23 -18.92 -31.11 -28.19
C LEU D 23 -17.48 -30.90 -28.60
N ASP D 24 -17.26 -30.01 -29.57
CA ASP D 24 -15.93 -29.76 -30.10
C ASP D 24 -15.41 -28.44 -29.51
N GLY D 25 -14.29 -28.53 -28.78
CA GLY D 25 -13.70 -27.35 -28.17
C GLY D 25 -13.02 -26.43 -29.15
N GLU D 26 -12.58 -26.95 -30.30
CA GLU D 26 -11.96 -26.15 -31.35
C GLU D 26 -10.71 -25.44 -30.82
N ASN D 27 -10.80 -24.13 -30.59
CA ASN D 27 -9.70 -23.37 -30.01
C ASN D 27 -9.69 -23.39 -28.49
N CYS D 28 -10.71 -23.98 -27.86
CA CYS D 28 -10.86 -23.93 -26.41
C CYS D 28 -10.57 -25.30 -25.80
N THR D 29 -9.85 -25.29 -24.68
CA THR D 29 -9.69 -26.48 -23.86
C THR D 29 -10.91 -26.64 -22.96
N LEU D 30 -10.86 -27.63 -22.06
CA LEU D 30 -11.93 -27.77 -21.09
C LEU D 30 -11.81 -26.75 -19.96
N ILE D 31 -10.59 -26.42 -19.57
CA ILE D 31 -10.38 -25.50 -18.46
C ILE D 31 -10.60 -24.06 -18.89
N ASP D 32 -10.21 -23.71 -20.13
CA ASP D 32 -10.47 -22.36 -20.63
C ASP D 32 -11.97 -22.11 -20.75
N ALA D 33 -12.72 -23.13 -21.20
CA ALA D 33 -14.18 -22.99 -21.24
C ALA D 33 -14.78 -23.04 -19.84
N LEU D 34 -14.12 -23.73 -18.91
CA LEU D 34 -14.60 -23.78 -17.54
C LEU D 34 -14.47 -22.41 -16.86
N LEU D 35 -13.29 -21.80 -16.98
CA LEU D 35 -13.05 -20.52 -16.30
C LEU D 35 -13.85 -19.40 -16.96
N GLY D 36 -13.83 -19.34 -18.30
CA GLY D 36 -14.57 -18.30 -19.00
C GLY D 36 -13.70 -17.45 -19.91
N ASP D 37 -12.82 -18.10 -20.65
CA ASP D 37 -12.01 -17.40 -21.64
C ASP D 37 -12.93 -16.75 -22.67
N PRO D 38 -12.82 -15.44 -22.93
CA PRO D 38 -13.72 -14.78 -23.88
C PRO D 38 -13.92 -15.50 -25.20
N GLN D 39 -12.91 -16.18 -25.73
CA GLN D 39 -13.13 -16.97 -26.94
C GLN D 39 -13.93 -18.24 -26.68
N CYS D 40 -14.29 -18.51 -25.43
CA CYS D 40 -15.00 -19.73 -25.06
C CYS D 40 -16.38 -19.42 -24.47
N ASP D 41 -16.90 -18.22 -24.71
CA ASP D 41 -18.15 -17.82 -24.08
C ASP D 41 -19.35 -18.59 -24.61
N GLY D 42 -19.28 -19.07 -25.85
CA GLY D 42 -20.37 -19.85 -26.41
C GLY D 42 -20.56 -21.22 -25.77
N PHE D 43 -19.63 -21.62 -24.90
CA PHE D 43 -19.68 -22.93 -24.26
C PHE D 43 -20.34 -22.89 -22.88
N GLN D 44 -20.96 -21.78 -22.52
CA GLN D 44 -21.55 -21.65 -21.18
C GLN D 44 -22.76 -22.56 -21.04
N ASN D 45 -22.81 -23.28 -19.91
CA ASN D 45 -23.98 -24.07 -19.50
C ASN D 45 -24.33 -25.18 -20.49
N LYS D 46 -23.37 -25.63 -21.30
CA LYS D 46 -23.65 -26.60 -22.34
C LYS D 46 -23.20 -27.99 -21.89
N LYS D 47 -23.95 -29.01 -22.30
CA LYS D 47 -23.73 -30.40 -21.91
C LYS D 47 -23.11 -31.16 -23.07
N TRP D 48 -22.49 -32.30 -22.75
CA TRP D 48 -21.85 -33.12 -23.76
C TRP D 48 -21.75 -34.56 -23.25
N ASP D 49 -21.63 -35.49 -24.20
CA ASP D 49 -21.32 -36.88 -23.90
C ASP D 49 -19.86 -37.24 -24.15
N LEU D 50 -19.20 -36.52 -25.05
CA LEU D 50 -17.76 -36.67 -25.25
C LEU D 50 -17.23 -35.34 -25.79
N PHE D 51 -16.40 -34.68 -25.00
CA PHE D 51 -15.87 -33.37 -25.34
C PHE D 51 -14.47 -33.56 -25.93
N VAL D 52 -14.27 -33.08 -27.15
CA VAL D 52 -13.04 -33.32 -27.91
C VAL D 52 -12.18 -32.06 -27.85
N GLU D 53 -11.03 -32.15 -27.19
CA GLU D 53 -10.06 -31.07 -27.22
C GLU D 53 -9.19 -31.20 -28.46
N ARG D 54 -8.85 -30.06 -29.05
CA ARG D 54 -8.01 -30.02 -30.25
C ARG D 54 -6.59 -29.62 -29.87
N SER D 55 -5.66 -29.93 -30.77
CA SER D 55 -4.27 -29.50 -30.57
C SER D 55 -4.14 -27.99 -30.73
N LYS D 56 -4.89 -27.40 -31.67
CA LYS D 56 -4.85 -25.97 -31.92
C LYS D 56 -5.44 -25.14 -30.78
N ALA D 57 -5.84 -25.76 -29.68
CA ALA D 57 -6.43 -25.04 -28.57
C ALA D 57 -5.39 -24.15 -27.90
N TYR D 58 -5.75 -22.88 -27.67
CA TYR D 58 -4.85 -21.92 -27.05
C TYR D 58 -5.64 -21.07 -26.06
N SER D 59 -4.94 -20.56 -25.06
CA SER D 59 -5.53 -19.70 -24.05
C SER D 59 -5.25 -18.25 -24.43
N ASN D 60 -6.31 -17.45 -24.53
CA ASN D 60 -6.17 -16.05 -24.91
C ASN D 60 -6.74 -15.15 -23.83
N CYS D 61 -6.41 -15.42 -22.57
CA CYS D 61 -6.86 -14.58 -21.47
C CYS D 61 -5.69 -14.16 -20.59
N TYR D 62 -5.88 -14.19 -19.28
CA TYR D 62 -4.89 -13.70 -18.34
C TYR D 62 -4.14 -14.88 -17.76
N PRO D 63 -2.82 -14.99 -17.97
CA PRO D 63 -2.14 -16.27 -17.79
C PRO D 63 -2.34 -16.87 -16.40
N TYR D 64 -2.46 -18.20 -16.36
CA TYR D 64 -2.75 -18.92 -15.14
C TYR D 64 -2.15 -20.32 -15.24
N ASP D 65 -2.04 -20.97 -14.08
CA ASP D 65 -1.69 -22.38 -14.02
C ASP D 65 -2.64 -23.10 -13.07
N VAL D 66 -2.71 -24.42 -13.21
CA VAL D 66 -3.49 -25.27 -12.33
C VAL D 66 -2.56 -26.35 -11.80
N PRO D 67 -2.17 -26.32 -10.52
CA PRO D 67 -1.21 -27.31 -10.02
C PRO D 67 -1.66 -28.75 -10.20
N ASP D 68 -2.95 -29.02 -10.09
CA ASP D 68 -3.51 -30.35 -10.29
C ASP D 68 -4.41 -30.31 -11.52
N TYR D 69 -3.80 -30.24 -12.70
CA TYR D 69 -4.55 -30.00 -13.93
C TYR D 69 -5.38 -31.20 -14.33
N ALA D 70 -4.80 -32.41 -14.22
CA ALA D 70 -5.46 -33.60 -14.76
C ALA D 70 -6.73 -33.94 -13.98
N SER D 71 -6.69 -33.83 -12.65
CA SER D 71 -7.85 -34.20 -11.84
C SER D 71 -9.03 -33.27 -12.12
N LEU D 72 -8.77 -31.95 -12.16
CA LEU D 72 -9.83 -31.01 -12.50
C LEU D 72 -10.31 -31.21 -13.94
N ARG D 73 -9.40 -31.58 -14.84
CA ARG D 73 -9.79 -31.88 -16.21
C ARG D 73 -10.68 -33.12 -16.28
N SER D 74 -10.54 -34.02 -15.32
CA SER D 74 -11.35 -35.25 -15.30
C SER D 74 -12.66 -35.08 -14.55
N LEU D 75 -12.69 -34.21 -13.54
CA LEU D 75 -13.92 -33.99 -12.79
C LEU D 75 -15.01 -33.37 -13.66
N VAL D 76 -14.68 -32.30 -14.36
CA VAL D 76 -15.66 -31.63 -15.22
C VAL D 76 -16.02 -32.51 -16.40
N ALA D 77 -15.05 -33.26 -16.93
CA ALA D 77 -15.30 -34.13 -18.07
C ALA D 77 -16.29 -35.24 -17.70
N SER D 78 -16.08 -35.88 -16.55
CA SER D 78 -17.00 -36.93 -16.11
C SER D 78 -18.38 -36.37 -15.81
N SER D 79 -18.46 -35.15 -15.29
CA SER D 79 -19.75 -34.51 -15.06
C SER D 79 -20.44 -34.10 -16.35
N GLY D 80 -19.67 -33.92 -17.43
CA GLY D 80 -20.24 -33.72 -18.75
C GLY D 80 -21.11 -32.49 -18.91
N THR D 81 -21.05 -31.56 -17.96
CA THR D 81 -21.88 -30.37 -18.02
C THR D 81 -21.08 -29.16 -17.53
N LEU D 82 -21.41 -27.99 -18.08
CA LEU D 82 -20.84 -26.72 -17.65
C LEU D 82 -21.91 -25.80 -17.08
N GLU D 83 -23.01 -26.36 -16.57
CA GLU D 83 -24.06 -25.54 -15.99
C GLU D 83 -23.56 -24.83 -14.75
N PHE D 84 -23.63 -23.50 -14.77
CA PHE D 84 -23.10 -22.66 -13.70
C PHE D 84 -24.26 -21.92 -13.03
N ASN D 85 -24.41 -22.11 -11.73
CA ASN D 85 -25.42 -21.43 -10.94
C ASN D 85 -24.76 -20.28 -10.20
N ASN D 86 -25.10 -19.05 -10.60
CA ASN D 86 -24.54 -17.87 -9.96
C ASN D 86 -25.04 -17.78 -8.51
N GLU D 87 -24.12 -17.53 -7.59
CA GLU D 87 -24.48 -17.26 -6.20
C GLU D 87 -24.00 -15.86 -5.83
N SER D 88 -24.70 -15.25 -4.87
CA SER D 88 -24.42 -13.90 -4.42
C SER D 88 -23.66 -13.97 -3.10
N PHE D 89 -22.33 -13.90 -3.17
CA PHE D 89 -21.51 -13.83 -1.98
C PHE D 89 -21.58 -12.44 -1.35
N ASN D 90 -21.08 -12.35 -0.12
CA ASN D 90 -21.06 -11.09 0.63
C ASN D 90 -19.62 -10.56 0.58
N TRP D 91 -19.34 -9.72 -0.41
CA TRP D 91 -18.02 -9.10 -0.53
C TRP D 91 -18.06 -7.64 -0.10
N ASN D 92 -18.35 -7.42 1.18
CA ASN D 92 -18.39 -6.09 1.73
C ASN D 92 -16.98 -5.56 1.96
N GLY D 93 -16.73 -4.34 1.48
CA GLY D 93 -15.46 -3.67 1.72
C GLY D 93 -14.42 -3.85 0.64
N VAL D 94 -14.78 -4.37 -0.52
CA VAL D 94 -13.83 -4.64 -1.60
C VAL D 94 -14.40 -4.16 -2.92
N THR D 95 -13.55 -4.12 -3.93
CA THR D 95 -13.94 -3.79 -5.30
C THR D 95 -13.96 -5.07 -6.13
N GLN D 96 -15.07 -5.30 -6.83
CA GLN D 96 -15.26 -6.52 -7.59
C GLN D 96 -14.97 -6.27 -9.07
N ASN D 97 -15.21 -7.32 -9.86
CA ASN D 97 -15.06 -7.29 -11.33
C ASN D 97 -13.73 -6.68 -11.76
N GLY D 98 -12.65 -7.30 -11.29
CA GLY D 98 -11.33 -6.89 -11.73
C GLY D 98 -11.11 -7.24 -13.18
N THR D 99 -10.74 -6.24 -13.98
CA THR D 99 -10.54 -6.42 -15.41
C THR D 99 -9.07 -6.22 -15.77
N SER D 100 -8.71 -6.67 -16.97
CA SER D 100 -7.33 -6.58 -17.43
C SER D 100 -7.34 -6.46 -18.95
N SER D 101 -6.24 -5.91 -19.48
CA SER D 101 -6.07 -5.77 -20.92
C SER D 101 -5.63 -7.07 -21.57
N ALA D 102 -5.11 -8.02 -20.79
CA ALA D 102 -4.66 -9.31 -21.32
C ALA D 102 -5.80 -10.27 -21.61
N CYS D 103 -7.05 -9.87 -21.32
CA CYS D 103 -8.20 -10.76 -21.44
C CYS D 103 -9.38 -9.92 -21.95
N ILE D 104 -9.44 -9.76 -23.27
CA ILE D 104 -10.37 -8.84 -23.92
C ILE D 104 -11.59 -9.61 -24.42
N ARG D 105 -12.77 -9.05 -24.21
CA ARG D 105 -13.98 -9.49 -24.89
C ARG D 105 -14.80 -8.28 -25.29
N ARG D 106 -15.40 -8.35 -26.47
CA ARG D 106 -16.15 -7.24 -27.05
C ARG D 106 -15.32 -5.96 -27.08
N SER D 107 -14.03 -6.12 -27.37
CA SER D 107 -13.08 -5.02 -27.47
C SER D 107 -12.97 -4.23 -26.17
N ASN D 108 -13.16 -4.90 -25.03
CA ASN D 108 -13.14 -4.25 -23.74
C ASN D 108 -12.24 -5.02 -22.78
N ASN D 109 -11.68 -4.31 -21.81
CA ASN D 109 -10.88 -4.95 -20.78
C ASN D 109 -11.77 -5.80 -19.88
N SER D 110 -11.51 -7.10 -19.84
CA SER D 110 -12.35 -8.00 -19.06
C SER D 110 -11.52 -9.00 -18.27
N PHE D 111 -12.07 -10.19 -18.04
CA PHE D 111 -11.47 -11.22 -17.19
C PHE D 111 -12.25 -12.51 -17.46
N PHE D 112 -11.91 -13.56 -16.72
CA PHE D 112 -12.68 -14.79 -16.79
C PHE D 112 -14.10 -14.54 -16.31
N SER D 113 -15.07 -15.14 -17.00
CA SER D 113 -16.48 -14.85 -16.74
C SER D 113 -16.97 -15.50 -15.45
N ARG D 114 -16.43 -16.65 -15.08
CA ARG D 114 -16.86 -17.35 -13.88
C ARG D 114 -16.02 -17.01 -12.65
N LEU D 115 -15.16 -16.01 -12.74
CA LEU D 115 -14.31 -15.59 -11.63
C LEU D 115 -14.51 -14.12 -11.32
N ASN D 116 -14.19 -13.75 -10.09
CA ASN D 116 -14.28 -12.38 -9.62
C ASN D 116 -12.93 -12.01 -9.01
N TRP D 117 -12.29 -10.98 -9.56
CA TRP D 117 -10.95 -10.57 -9.13
C TRP D 117 -11.10 -9.36 -8.22
N LEU D 118 -10.98 -9.59 -6.92
CA LEU D 118 -11.25 -8.59 -5.90
C LEU D 118 -10.01 -7.76 -5.62
N THR D 119 -10.19 -6.44 -5.56
CA THR D 119 -9.13 -5.51 -5.18
C THR D 119 -9.57 -4.71 -3.96
N HIS D 120 -8.71 -3.80 -3.53
CA HIS D 120 -9.00 -3.01 -2.33
C HIS D 120 -10.09 -1.98 -2.62
N LEU D 121 -10.73 -1.52 -1.54
CA LEU D 121 -11.73 -0.46 -1.60
C LEU D 121 -11.25 0.66 -0.69
N ASN D 122 -10.91 1.81 -1.29
CA ASN D 122 -10.44 2.97 -0.55
C ASN D 122 -9.15 2.67 0.20
N PHE D 123 -8.27 1.89 -0.43
CA PHE D 123 -6.98 1.49 0.15
C PHE D 123 -7.18 0.79 1.49
N LYS D 124 -8.22 -0.03 1.56
CA LYS D 124 -8.52 -0.83 2.75
C LYS D 124 -9.14 -2.13 2.27
N TYR D 125 -8.56 -3.25 2.65
CA TYR D 125 -9.00 -4.56 2.20
C TYR D 125 -9.06 -5.49 3.41
N PRO D 126 -10.23 -5.67 3.99
CA PRO D 126 -10.34 -6.28 5.32
C PRO D 126 -10.26 -7.80 5.27
N ALA D 127 -10.28 -8.41 6.45
CA ALA D 127 -10.26 -9.86 6.58
C ALA D 127 -11.59 -10.46 6.15
N LEU D 128 -11.70 -10.80 4.86
CA LEU D 128 -12.93 -11.36 4.33
C LEU D 128 -13.11 -12.79 4.81
N ASN D 129 -14.29 -13.09 5.37
CA ASN D 129 -14.68 -14.44 5.74
C ASN D 129 -16.15 -14.64 5.41
N VAL D 130 -16.42 -15.44 4.38
CA VAL D 130 -17.74 -15.61 3.81
C VAL D 130 -18.17 -17.06 4.00
N THR D 131 -19.49 -17.26 4.12
CA THR D 131 -20.08 -18.58 4.27
C THR D 131 -21.10 -18.80 3.17
N MET D 132 -21.28 -20.07 2.78
CA MET D 132 -22.24 -20.42 1.75
C MET D 132 -22.73 -21.84 1.98
N PRO D 133 -24.06 -22.05 2.05
CA PRO D 133 -24.55 -23.28 2.70
C PRO D 133 -24.39 -24.55 1.90
N ASN D 134 -24.70 -24.54 0.61
CA ASN D 134 -24.86 -25.76 -0.19
C ASN D 134 -25.96 -26.64 0.41
N ASN D 135 -27.20 -26.20 0.18
CA ASN D 135 -28.37 -26.86 0.73
C ASN D 135 -28.93 -27.94 -0.19
N GLU D 136 -28.39 -28.09 -1.40
CA GLU D 136 -28.83 -29.16 -2.28
C GLU D 136 -28.26 -30.50 -1.83
N GLN D 137 -28.86 -31.57 -2.35
CA GLN D 137 -28.38 -32.92 -2.14
C GLN D 137 -27.28 -33.31 -3.12
N PHE D 138 -26.67 -32.33 -3.78
CA PHE D 138 -25.68 -32.56 -4.81
C PHE D 138 -24.43 -31.73 -4.52
N ASP D 139 -23.28 -32.27 -4.87
CA ASP D 139 -22.02 -31.59 -4.56
C ASP D 139 -21.81 -30.37 -5.43
N LYS D 140 -21.11 -29.39 -4.88
CA LYS D 140 -20.82 -28.14 -5.58
C LYS D 140 -19.34 -28.04 -5.88
N LEU D 141 -19.01 -27.61 -7.09
CA LEU D 141 -17.63 -27.44 -7.54
C LEU D 141 -17.32 -25.95 -7.60
N TYR D 142 -16.58 -25.46 -6.62
CA TYR D 142 -16.19 -24.06 -6.55
C TYR D 142 -14.78 -23.90 -7.12
N ILE D 143 -14.65 -23.00 -8.09
CA ILE D 143 -13.38 -22.74 -8.77
C ILE D 143 -12.90 -21.35 -8.37
N TRP D 144 -11.76 -21.29 -7.68
CA TRP D 144 -11.18 -20.04 -7.24
C TRP D 144 -9.69 -20.03 -7.56
N GLY D 145 -9.05 -18.88 -7.34
CA GLY D 145 -7.65 -18.73 -7.68
C GLY D 145 -6.93 -17.77 -6.77
N VAL D 146 -5.61 -17.69 -6.97
CA VAL D 146 -4.74 -16.82 -6.19
C VAL D 146 -3.87 -16.03 -7.15
N HIS D 147 -3.84 -14.71 -6.97
CA HIS D 147 -3.07 -13.84 -7.85
C HIS D 147 -1.64 -13.69 -7.32
N HIS D 148 -0.69 -13.66 -8.25
CA HIS D 148 0.74 -13.54 -7.94
C HIS D 148 1.26 -12.24 -8.56
N PRO D 149 1.21 -11.13 -7.83
CA PRO D 149 1.69 -9.86 -8.38
C PRO D 149 3.17 -9.91 -8.71
N VAL D 150 3.58 -9.05 -9.63
CA VAL D 150 4.95 -9.08 -10.12
C VAL D 150 5.91 -8.45 -9.11
N THR D 151 5.47 -7.40 -8.42
CA THR D 151 6.33 -6.69 -7.47
C THR D 151 5.55 -6.40 -6.20
N ASP D 152 6.30 -6.06 -5.14
CA ASP D 152 5.66 -5.56 -3.93
C ASP D 152 4.85 -4.30 -4.21
N LYS D 153 5.32 -3.47 -5.16
CA LYS D 153 4.54 -2.33 -5.61
C LYS D 153 3.19 -2.77 -6.18
N ASP D 154 3.18 -3.86 -6.95
CA ASP D 154 1.93 -4.36 -7.50
C ASP D 154 1.05 -4.96 -6.41
N GLN D 155 1.65 -5.69 -5.47
CA GLN D 155 0.90 -6.25 -4.35
C GLN D 155 0.23 -5.15 -3.54
N ILE D 156 1.01 -4.16 -3.10
CA ILE D 156 0.47 -3.08 -2.27
C ILE D 156 -0.59 -2.29 -3.04
N PHE D 157 -0.38 -2.11 -4.35
CA PHE D 157 -1.31 -1.27 -5.11
C PHE D 157 -2.66 -1.94 -5.30
N LEU D 158 -2.68 -3.26 -5.51
CA LEU D 158 -3.93 -3.94 -5.81
C LEU D 158 -4.73 -4.27 -4.56
N TYR D 159 -4.07 -4.48 -3.43
CA TYR D 159 -4.73 -5.02 -2.25
C TYR D 159 -4.48 -4.26 -0.96
N ALA D 160 -3.58 -3.27 -0.97
CA ALA D 160 -3.24 -2.52 0.24
C ALA D 160 -2.85 -3.46 1.39
N GLN D 161 -2.11 -4.51 1.04
CA GLN D 161 -1.73 -5.55 1.98
C GLN D 161 -0.45 -6.21 1.50
N PRO D 162 0.66 -6.08 2.24
CA PRO D 162 1.92 -6.67 1.76
C PRO D 162 1.90 -8.19 1.71
N SER D 163 1.28 -8.85 2.67
CA SER D 163 1.25 -10.31 2.74
C SER D 163 -0.21 -10.76 2.73
N GLY D 164 -0.69 -11.19 1.56
CA GLY D 164 -2.04 -11.72 1.45
C GLY D 164 -2.08 -13.19 1.83
N ARG D 165 -3.17 -13.57 2.50
CA ARG D 165 -3.38 -14.95 2.93
C ARG D 165 -4.80 -15.36 2.56
N ILE D 166 -4.95 -16.60 2.08
CA ILE D 166 -6.23 -17.13 1.64
C ILE D 166 -6.42 -18.50 2.28
N THR D 167 -7.64 -18.76 2.76
CA THR D 167 -7.98 -20.05 3.36
C THR D 167 -9.40 -20.40 2.95
N VAL D 168 -9.54 -21.41 2.09
CA VAL D 168 -10.84 -21.94 1.68
C VAL D 168 -11.05 -23.24 2.44
N SER D 169 -11.99 -23.23 3.39
CA SER D 169 -12.17 -24.34 4.31
C SER D 169 -13.56 -24.93 4.17
N THR D 170 -13.68 -26.19 4.57
CA THR D 170 -14.96 -26.88 4.65
C THR D 170 -15.01 -27.60 6.00
N LYS D 171 -15.81 -28.66 6.07
CA LYS D 171 -15.86 -29.51 7.25
C LYS D 171 -14.86 -30.66 7.17
N ARG D 172 -14.52 -31.09 5.97
CA ARG D 172 -13.63 -32.22 5.76
C ARG D 172 -12.20 -31.80 5.39
N SER D 173 -12.05 -30.73 4.61
CA SER D 173 -10.75 -30.31 4.10
C SER D 173 -10.45 -28.87 4.50
N GLN D 174 -9.23 -28.44 4.18
CA GLN D 174 -8.78 -27.08 4.44
C GLN D 174 -7.66 -26.76 3.48
N GLN D 175 -7.78 -25.65 2.76
CA GLN D 175 -6.83 -25.27 1.72
C GLN D 175 -6.34 -23.86 1.99
N ALA D 176 -5.04 -23.70 2.18
CA ALA D 176 -4.41 -22.41 2.43
C ALA D 176 -3.31 -22.18 1.39
N VAL D 177 -3.37 -21.04 0.71
CA VAL D 177 -2.43 -20.71 -0.36
C VAL D 177 -1.82 -19.35 -0.08
N ILE D 178 -0.50 -19.25 -0.25
CA ILE D 178 0.25 -18.02 -0.05
C ILE D 178 0.81 -17.58 -1.39
N PRO D 179 0.63 -16.32 -1.80
CA PRO D 179 1.14 -15.89 -3.10
C PRO D 179 2.66 -15.87 -3.15
N ASN D 180 3.17 -15.98 -4.38
CA ASN D 180 4.60 -15.87 -4.66
C ASN D 180 4.80 -14.66 -5.57
N ILE D 181 5.28 -13.56 -4.99
CA ILE D 181 5.54 -12.35 -5.76
C ILE D 181 6.86 -12.51 -6.50
N GLY D 182 6.88 -12.15 -7.77
CA GLY D 182 8.09 -12.24 -8.56
C GLY D 182 7.82 -12.01 -10.03
N PHE D 183 8.92 -11.79 -10.76
CA PHE D 183 8.83 -11.57 -12.20
C PHE D 183 8.60 -12.88 -12.93
N ARG D 184 7.64 -12.88 -13.83
CA ARG D 184 7.41 -13.94 -14.80
C ARG D 184 7.52 -13.36 -16.21
N PRO D 185 7.72 -14.20 -17.22
CA PRO D 185 7.73 -13.68 -18.60
C PRO D 185 6.40 -13.05 -18.96
N ARG D 186 6.48 -11.90 -19.63
CA ARG D 186 5.30 -11.12 -19.95
C ARG D 186 4.41 -11.87 -20.93
N ILE D 187 3.16 -12.10 -20.55
CA ILE D 187 2.16 -12.75 -21.38
C ILE D 187 1.02 -11.77 -21.60
N ARG D 188 0.81 -11.38 -22.85
CA ARG D 188 -0.11 -10.29 -23.20
C ARG D 188 0.15 -9.07 -22.34
N ASN D 189 1.43 -8.67 -22.28
CA ASN D 189 1.88 -7.49 -21.54
C ASN D 189 1.59 -7.63 -20.04
N ILE D 190 1.72 -8.85 -19.53
CA ILE D 190 1.53 -9.09 -18.10
C ILE D 190 2.61 -10.00 -17.54
N PRO D 191 3.41 -9.54 -16.58
CA PRO D 191 4.37 -10.43 -15.91
C PRO D 191 3.84 -11.13 -14.66
N SER D 192 2.55 -10.99 -14.35
CA SER D 192 1.94 -11.63 -13.19
C SER D 192 1.24 -12.92 -13.60
N ARG D 193 0.85 -13.72 -12.59
CA ARG D 193 0.25 -15.02 -12.82
C ARG D 193 -0.85 -15.27 -11.81
N ILE D 194 -1.70 -16.26 -12.10
CA ILE D 194 -2.75 -16.73 -11.20
C ILE D 194 -2.63 -18.24 -11.04
N SER D 195 -2.80 -18.72 -9.81
CA SER D 195 -2.85 -20.14 -9.51
C SER D 195 -4.29 -20.54 -9.21
N ILE D 196 -4.85 -21.43 -10.03
CA ILE D 196 -6.24 -21.85 -9.92
C ILE D 196 -6.33 -23.06 -9.00
N TYR D 197 -7.34 -23.06 -8.14
CA TYR D 197 -7.62 -24.16 -7.24
C TYR D 197 -9.11 -24.47 -7.29
N TRP D 198 -9.49 -25.60 -6.69
CA TRP D 198 -10.88 -26.05 -6.69
C TRP D 198 -11.23 -26.71 -5.37
N THR D 199 -12.51 -26.68 -5.03
CA THR D 199 -12.99 -27.24 -3.77
C THR D 199 -14.39 -27.80 -3.98
N ILE D 200 -14.62 -29.01 -3.49
CA ILE D 200 -15.92 -29.67 -3.53
C ILE D 200 -16.49 -29.71 -2.13
N VAL D 201 -17.71 -29.19 -1.96
CA VAL D 201 -18.34 -29.03 -0.66
C VAL D 201 -19.43 -30.09 -0.52
N LYS D 202 -19.42 -30.79 0.62
CA LYS D 202 -20.44 -31.78 0.93
C LYS D 202 -21.69 -31.12 1.49
N PRO D 203 -22.86 -31.71 1.28
CA PRO D 203 -24.07 -31.19 1.92
C PRO D 203 -23.97 -31.26 3.44
N GLY D 204 -24.73 -30.40 4.11
CA GLY D 204 -24.64 -30.26 5.55
C GLY D 204 -23.49 -29.40 6.02
N ASP D 205 -22.54 -29.08 5.15
CA ASP D 205 -21.41 -28.21 5.48
C ASP D 205 -21.41 -26.99 4.56
N ILE D 206 -20.90 -25.89 5.08
CA ILE D 206 -20.84 -24.63 4.36
C ILE D 206 -19.41 -24.40 3.87
N LEU D 207 -19.29 -23.57 2.84
CA LEU D 207 -17.99 -23.18 2.29
C LEU D 207 -17.48 -21.96 3.04
N LEU D 208 -16.30 -22.08 3.65
CA LEU D 208 -15.68 -20.98 4.36
C LEU D 208 -14.51 -20.45 3.52
N ILE D 209 -14.48 -19.13 3.35
CA ILE D 209 -13.46 -18.47 2.51
C ILE D 209 -12.83 -17.36 3.35
N ASN D 210 -11.67 -17.62 3.93
CA ASN D 210 -10.89 -16.61 4.62
C ASN D 210 -9.90 -16.00 3.63
N SER D 211 -9.80 -14.67 3.62
CA SER D 211 -8.94 -14.01 2.65
C SER D 211 -8.54 -12.64 3.17
N THR D 212 -7.23 -12.39 3.22
CA THR D 212 -6.68 -11.08 3.50
C THR D 212 -5.95 -10.48 2.30
N GLY D 213 -5.87 -11.20 1.19
CA GLY D 213 -5.15 -10.71 0.03
C GLY D 213 -5.13 -11.66 -1.14
N ASN D 214 -5.11 -11.11 -2.36
CA ASN D 214 -4.76 -11.86 -3.57
C ASN D 214 -5.80 -12.92 -3.93
N LEU D 215 -7.07 -12.69 -3.63
CA LEU D 215 -8.10 -13.71 -3.85
C LEU D 215 -8.78 -13.51 -5.20
N ILE D 216 -8.82 -14.58 -5.99
CA ILE D 216 -9.64 -14.63 -7.20
C ILE D 216 -10.94 -15.28 -6.77
N ALA D 217 -11.92 -14.45 -6.43
CA ALA D 217 -13.15 -14.95 -5.80
C ALA D 217 -13.99 -15.75 -6.79
N PRO D 218 -14.60 -16.85 -6.34
CA PRO D 218 -15.53 -17.58 -7.21
C PRO D 218 -16.91 -16.93 -7.19
N ARG D 219 -17.57 -16.97 -8.33
CA ARG D 219 -18.91 -16.42 -8.45
C ARG D 219 -20.01 -17.43 -8.12
N GLY D 220 -19.70 -18.72 -8.14
CA GLY D 220 -20.68 -19.75 -7.86
C GLY D 220 -20.11 -21.14 -7.98
N TYR D 221 -20.93 -22.12 -8.34
CA TYR D 221 -20.53 -23.51 -8.37
C TYR D 221 -20.94 -24.15 -9.70
N PHE D 222 -20.48 -25.39 -9.88
CA PHE D 222 -20.87 -26.22 -11.02
C PHE D 222 -21.49 -27.51 -10.50
N LYS D 223 -22.44 -28.03 -11.26
CA LYS D 223 -23.01 -29.34 -10.94
C LYS D 223 -21.96 -30.42 -11.19
N ILE D 224 -22.20 -31.59 -10.59
CA ILE D 224 -21.20 -32.65 -10.56
C ILE D 224 -21.88 -34.01 -10.66
N ARG D 225 -21.10 -35.01 -11.06
CA ARG D 225 -21.48 -36.42 -10.95
C ARG D 225 -22.69 -36.76 -11.82
N SER D 226 -22.60 -36.43 -13.11
CA SER D 226 -23.56 -36.99 -14.06
C SER D 226 -23.08 -38.34 -14.59
N GLY D 227 -21.79 -38.44 -14.89
CA GLY D 227 -21.16 -39.73 -15.12
C GLY D 227 -21.01 -40.18 -16.56
N LYS D 228 -22.06 -39.98 -17.36
CA LYS D 228 -22.14 -40.58 -18.69
C LYS D 228 -21.08 -40.08 -19.66
N SER D 229 -20.37 -39.01 -19.34
CA SER D 229 -19.49 -38.35 -20.29
C SER D 229 -18.02 -38.48 -19.88
N SER D 230 -17.15 -38.12 -20.82
CA SER D 230 -15.71 -38.11 -20.61
C SER D 230 -15.09 -37.16 -21.63
N ILE D 231 -13.76 -37.06 -21.59
CA ILE D 231 -13.03 -36.16 -22.49
C ILE D 231 -12.04 -36.97 -23.31
N MET D 232 -11.68 -36.44 -24.48
CA MET D 232 -10.79 -37.12 -25.40
C MET D 232 -10.01 -36.09 -26.21
N ARG D 233 -8.71 -36.33 -26.35
CA ARG D 233 -7.86 -35.49 -27.18
C ARG D 233 -7.85 -36.06 -28.60
N SER D 234 -8.30 -35.27 -29.56
CA SER D 234 -8.38 -35.74 -30.94
C SER D 234 -8.38 -34.55 -31.89
N ASP D 235 -7.72 -34.72 -33.03
CA ASP D 235 -7.72 -33.74 -34.10
C ASP D 235 -8.65 -34.11 -35.25
N ALA D 236 -9.35 -35.24 -35.13
CA ALA D 236 -10.20 -35.69 -36.22
C ALA D 236 -11.43 -34.78 -36.35
N PRO D 237 -11.82 -34.43 -37.58
CA PRO D 237 -13.00 -33.59 -37.76
C PRO D 237 -14.28 -34.33 -37.37
N ILE D 238 -15.24 -33.56 -36.85
CA ILE D 238 -16.55 -34.12 -36.51
C ILE D 238 -17.40 -34.16 -37.77
N GLY D 239 -18.03 -35.30 -38.02
CA GLY D 239 -18.84 -35.51 -39.20
C GLY D 239 -20.28 -35.88 -38.87
N LYS D 240 -21.06 -36.05 -39.93
CA LYS D 240 -22.47 -36.42 -39.82
C LYS D 240 -22.60 -37.91 -40.11
N CYS D 241 -22.66 -38.70 -39.05
CA CYS D 241 -22.78 -40.16 -39.14
C CYS D 241 -23.15 -40.68 -37.76
N LYS D 242 -23.31 -41.99 -37.64
CA LYS D 242 -23.67 -42.62 -36.39
C LYS D 242 -22.74 -43.80 -36.13
N SER D 243 -22.17 -43.85 -34.92
CA SER D 243 -21.27 -44.92 -34.53
C SER D 243 -21.19 -44.95 -33.01
N GLU D 244 -21.37 -46.15 -32.44
CA GLU D 244 -21.32 -46.28 -30.98
C GLU D 244 -19.92 -46.02 -30.46
N CYS D 245 -18.89 -46.45 -31.18
CA CYS D 245 -17.51 -46.35 -30.73
C CYS D 245 -16.86 -45.09 -31.29
N ILE D 246 -15.99 -44.48 -30.50
CA ILE D 246 -15.27 -43.28 -30.88
C ILE D 246 -13.82 -43.41 -30.43
N THR D 247 -12.89 -43.22 -31.36
CA THR D 247 -11.46 -43.20 -31.08
C THR D 247 -10.87 -41.88 -31.54
N PRO D 248 -9.71 -41.48 -30.99
CA PRO D 248 -9.07 -40.26 -31.49
C PRO D 248 -8.75 -40.31 -32.97
N ASN D 249 -8.59 -41.51 -33.54
CA ASN D 249 -8.39 -41.66 -34.98
C ASN D 249 -9.70 -41.56 -35.75
N GLY D 250 -10.84 -41.57 -35.07
CA GLY D 250 -12.14 -41.51 -35.71
C GLY D 250 -13.07 -42.56 -35.16
N SER D 251 -14.30 -42.53 -35.65
CA SER D 251 -15.32 -43.48 -35.22
C SER D 251 -15.00 -44.88 -35.76
N ILE D 252 -15.41 -45.89 -35.01
CA ILE D 252 -15.08 -47.28 -35.32
C ILE D 252 -16.32 -48.15 -35.25
N PRO D 253 -16.55 -49.02 -36.23
CA PRO D 253 -17.66 -49.98 -36.11
C PRO D 253 -17.40 -50.98 -34.99
N ASN D 254 -18.46 -51.36 -34.29
CA ASN D 254 -18.38 -52.25 -33.15
C ASN D 254 -18.90 -53.66 -33.48
N ASP D 255 -18.51 -54.17 -34.65
CA ASP D 255 -18.91 -55.52 -35.06
C ASP D 255 -17.84 -56.57 -34.77
N LYS D 256 -16.57 -56.25 -34.99
CA LYS D 256 -15.50 -57.19 -34.70
C LYS D 256 -15.19 -57.20 -33.21
N PRO D 257 -14.78 -58.35 -32.67
CA PRO D 257 -14.55 -58.45 -31.22
C PRO D 257 -13.31 -57.72 -30.74
N PHE D 258 -12.36 -57.42 -31.62
CA PHE D 258 -11.10 -56.81 -31.22
C PHE D 258 -10.75 -55.64 -32.13
N GLN D 259 -9.75 -54.88 -31.72
CA GLN D 259 -9.41 -53.63 -32.39
C GLN D 259 -7.97 -53.27 -32.03
N ASN D 260 -7.29 -52.63 -32.99
CA ASN D 260 -5.91 -52.16 -32.78
C ASN D 260 -5.74 -50.72 -33.23
N VAL D 261 -6.82 -49.96 -33.37
CA VAL D 261 -6.73 -48.59 -33.85
C VAL D 261 -6.06 -47.69 -32.80
N ASN D 262 -6.62 -47.68 -31.60
CA ASN D 262 -6.08 -46.89 -30.50
C ASN D 262 -6.62 -47.43 -29.20
N ARG D 263 -5.83 -47.30 -28.14
CA ARG D 263 -6.24 -47.80 -26.83
C ARG D 263 -7.20 -46.86 -26.12
N ILE D 264 -7.31 -45.62 -26.58
CA ILE D 264 -8.32 -44.69 -26.06
C ILE D 264 -9.58 -44.84 -26.90
N THR D 265 -10.69 -45.18 -26.25
CA THR D 265 -11.98 -45.27 -26.92
C THR D 265 -13.06 -44.67 -26.02
N TYR D 266 -14.30 -44.71 -26.50
CA TYR D 266 -15.44 -44.25 -25.72
C TYR D 266 -16.70 -44.94 -26.23
N GLY D 267 -17.49 -45.49 -25.32
CA GLY D 267 -18.71 -46.17 -25.68
C GLY D 267 -18.52 -47.66 -25.84
N ALA D 268 -19.45 -48.27 -26.57
CA ALA D 268 -19.39 -49.71 -26.86
C ALA D 268 -18.34 -49.93 -27.94
N CYS D 269 -17.17 -50.42 -27.53
CA CYS D 269 -16.04 -50.58 -28.43
C CYS D 269 -15.46 -51.98 -28.31
N PRO D 270 -14.81 -52.48 -29.36
CA PRO D 270 -14.15 -53.78 -29.28
C PRO D 270 -13.00 -53.76 -28.28
N ARG D 271 -12.69 -54.95 -27.78
CA ARG D 271 -11.60 -55.10 -26.81
C ARG D 271 -10.25 -54.84 -27.50
N TYR D 272 -9.25 -54.55 -26.68
CA TYR D 272 -7.92 -54.24 -27.19
C TYR D 272 -6.91 -55.31 -26.76
N GLU E 1 21.39 -7.39 -39.19
CA GLU E 1 21.99 -8.35 -38.27
C GLU E 1 22.25 -7.73 -36.90
N VAL E 2 22.29 -8.59 -35.88
CA VAL E 2 22.61 -8.21 -34.51
C VAL E 2 23.55 -9.26 -33.94
N GLN E 3 24.62 -8.81 -33.29
CA GLN E 3 25.68 -9.71 -32.85
C GLN E 3 25.66 -9.88 -31.33
N LEU E 4 26.08 -11.08 -30.89
CA LEU E 4 26.35 -11.38 -29.48
C LEU E 4 27.65 -12.18 -29.45
N VAL E 5 28.77 -11.47 -29.31
CA VAL E 5 30.09 -12.09 -29.31
C VAL E 5 30.45 -12.49 -27.89
N GLU E 6 31.00 -13.69 -27.73
CA GLU E 6 31.36 -14.24 -26.43
C GLU E 6 32.85 -14.48 -26.34
N SER E 7 33.40 -14.25 -25.15
CA SER E 7 34.82 -14.43 -24.90
C SER E 7 34.99 -15.00 -23.49
N GLY E 8 36.24 -15.08 -23.03
CA GLY E 8 36.53 -15.55 -21.70
C GLY E 8 36.49 -17.05 -21.52
N GLY E 9 36.02 -17.81 -22.51
CA GLY E 9 35.99 -19.25 -22.40
C GLY E 9 37.37 -19.86 -22.63
N GLY E 10 37.68 -20.89 -21.85
CA GLY E 10 38.96 -21.55 -21.98
C GLY E 10 39.05 -22.74 -21.07
N LEU E 11 40.28 -23.16 -20.79
CA LEU E 11 40.56 -24.30 -19.93
C LEU E 11 40.70 -23.84 -18.49
N VAL E 12 40.18 -24.63 -17.56
CA VAL E 12 40.20 -24.29 -16.14
C VAL E 12 40.24 -25.59 -15.34
N GLN E 13 40.95 -25.56 -14.22
CA GLN E 13 40.99 -26.69 -13.30
C GLN E 13 39.72 -26.71 -12.45
N PRO E 14 39.32 -27.88 -11.96
CA PRO E 14 38.10 -27.95 -11.13
C PRO E 14 38.27 -27.17 -9.84
N GLY E 15 37.26 -26.36 -9.52
CA GLY E 15 37.29 -25.51 -8.35
C GLY E 15 37.76 -24.10 -8.60
N GLY E 16 38.34 -23.82 -9.77
CA GLY E 16 38.84 -22.50 -10.08
C GLY E 16 37.74 -21.53 -10.46
N SER E 17 38.16 -20.40 -11.03
CA SER E 17 37.25 -19.34 -11.42
C SER E 17 37.49 -18.95 -12.87
N LEU E 18 36.42 -18.50 -13.53
CA LEU E 18 36.50 -18.05 -14.91
C LEU E 18 35.36 -17.07 -15.16
N ARG E 19 35.66 -16.01 -15.91
CA ARG E 19 34.73 -14.92 -16.14
C ARG E 19 34.37 -14.85 -17.62
N LEU E 20 33.10 -15.12 -17.94
CA LEU E 20 32.63 -15.06 -19.31
C LEU E 20 32.10 -13.68 -19.64
N SER E 21 32.37 -13.24 -20.88
CA SER E 21 32.01 -11.90 -21.32
C SER E 21 31.15 -12.00 -22.58
N CYS E 22 29.95 -11.43 -22.51
CA CYS E 22 29.02 -11.38 -23.62
C CYS E 22 28.77 -9.93 -24.00
N GLU E 23 29.35 -9.49 -25.11
CA GLU E 23 29.16 -8.14 -25.62
C GLU E 23 28.09 -8.14 -26.70
N ALA E 24 27.45 -6.99 -26.88
CA ALA E 24 26.31 -6.86 -27.77
C ALA E 24 26.41 -5.58 -28.58
N SER E 25 25.82 -5.61 -29.78
CA SER E 25 25.82 -4.45 -30.66
C SER E 25 24.76 -4.64 -31.74
N GLY E 26 24.15 -3.53 -32.16
CA GLY E 26 23.14 -3.53 -33.21
C GLY E 26 21.74 -3.18 -32.73
N PHE E 27 21.46 -3.41 -31.45
CA PHE E 27 20.14 -3.16 -30.88
C PHE E 27 20.28 -2.21 -29.69
N THR E 28 19.29 -2.20 -28.79
CA THR E 28 19.35 -1.41 -27.57
C THR E 28 19.56 -2.36 -26.40
N PHE E 29 20.78 -2.37 -25.87
CA PHE E 29 21.15 -3.33 -24.83
C PHE E 29 20.42 -3.08 -23.52
N SER E 30 19.84 -1.89 -23.34
CA SER E 30 19.20 -1.55 -22.08
C SER E 30 17.77 -2.06 -21.98
N ASN E 31 17.16 -2.46 -23.09
CA ASN E 31 15.74 -2.80 -23.11
C ASN E 31 15.46 -4.31 -23.17
N TYR E 32 16.49 -5.15 -23.22
CA TYR E 32 16.31 -6.58 -23.35
C TYR E 32 16.87 -7.32 -22.13
N GLU E 33 16.19 -8.40 -21.76
CA GLU E 33 16.67 -9.27 -20.69
C GLU E 33 17.69 -10.24 -21.25
N MET E 34 18.72 -10.51 -20.46
CA MET E 34 19.85 -11.33 -20.89
C MET E 34 19.82 -12.67 -20.16
N ASN E 35 20.21 -13.73 -20.87
CA ASN E 35 20.21 -15.08 -20.33
C ASN E 35 21.56 -15.73 -20.58
N TRP E 36 21.86 -16.76 -19.78
CA TRP E 36 22.99 -17.65 -20.01
C TRP E 36 22.46 -19.08 -20.11
N VAL E 37 22.74 -19.73 -21.22
CA VAL E 37 22.31 -21.11 -21.46
C VAL E 37 23.53 -21.92 -21.90
N ARG E 38 23.67 -23.11 -21.32
CA ARG E 38 24.79 -23.99 -21.65
C ARG E 38 24.28 -25.30 -22.23
N GLN E 39 25.19 -26.03 -22.85
CA GLN E 39 24.90 -27.37 -23.39
C GLN E 39 26.13 -28.24 -23.15
N ALA E 40 25.99 -29.21 -22.26
CA ALA E 40 27.06 -30.16 -22.02
C ALA E 40 27.19 -31.11 -23.21
N PRO E 41 28.40 -31.62 -23.46
CA PRO E 41 28.57 -32.59 -24.57
C PRO E 41 27.78 -33.87 -24.30
N GLY E 42 26.88 -34.18 -25.22
CA GLY E 42 25.99 -35.32 -25.05
C GLY E 42 24.72 -35.02 -24.29
N LYS E 43 24.47 -33.76 -23.95
CA LYS E 43 23.28 -33.36 -23.22
C LYS E 43 22.53 -32.30 -24.02
N GLY E 44 21.33 -31.96 -23.53
CA GLY E 44 20.51 -30.96 -24.15
C GLY E 44 20.86 -29.55 -23.70
N LEU E 45 20.01 -28.60 -24.10
CA LEU E 45 20.18 -27.22 -23.68
C LEU E 45 19.71 -27.06 -22.24
N GLU E 46 20.51 -26.35 -21.44
CA GLU E 46 20.23 -26.14 -20.03
C GLU E 46 20.22 -24.65 -19.72
N TRP E 47 19.07 -24.14 -19.30
CA TRP E 47 18.98 -22.76 -18.85
C TRP E 47 19.67 -22.60 -17.51
N LEU E 48 20.49 -21.55 -17.37
CA LEU E 48 21.27 -21.31 -16.17
C LEU E 48 20.80 -20.06 -15.44
N SER E 49 21.01 -18.89 -16.01
CA SER E 49 20.75 -17.63 -15.32
C SER E 49 20.05 -16.68 -16.25
N TYR E 50 19.95 -15.42 -15.82
CA TYR E 50 19.12 -14.39 -16.41
C TYR E 50 19.25 -13.13 -15.58
N ILE E 51 19.02 -11.97 -16.19
CA ILE E 51 19.08 -10.71 -15.46
C ILE E 51 18.21 -9.69 -16.18
N ARG E 52 17.40 -8.97 -15.41
CA ARG E 52 16.41 -8.06 -15.95
C ARG E 52 17.08 -6.85 -16.60
N SER E 53 16.32 -6.16 -17.44
CA SER E 53 16.84 -5.00 -18.16
C SER E 53 17.37 -3.93 -17.20
N SER E 54 16.62 -3.68 -16.11
CA SER E 54 17.06 -2.68 -15.14
C SER E 54 18.23 -3.15 -14.30
N GLY E 55 18.42 -4.46 -14.18
CA GLY E 55 19.43 -5.01 -13.30
C GLY E 55 18.91 -5.24 -11.89
N THR E 56 19.77 -5.83 -11.05
CA THR E 56 19.47 -6.15 -9.66
C THR E 56 18.23 -7.03 -9.50
N VAL E 57 17.82 -7.71 -10.57
CA VAL E 57 16.68 -8.63 -10.54
C VAL E 57 17.17 -9.93 -11.17
N THR E 58 17.58 -10.87 -10.32
CA THR E 58 18.19 -12.11 -10.77
C THR E 58 17.58 -13.31 -10.05
N SER E 59 17.86 -14.48 -10.60
CA SER E 59 17.56 -15.78 -10.03
C SER E 59 18.28 -16.82 -10.87
N TYR E 60 18.68 -17.92 -10.23
CA TYR E 60 19.59 -18.88 -10.85
C TYR E 60 18.95 -20.25 -10.93
N ALA E 61 19.42 -21.06 -11.87
CA ALA E 61 19.07 -22.46 -11.88
C ALA E 61 19.71 -23.14 -10.68
N ASP E 62 18.98 -24.07 -10.06
CA ASP E 62 19.46 -24.70 -8.83
C ASP E 62 20.78 -25.45 -9.04
N SER E 63 21.15 -25.73 -10.28
CA SER E 63 22.40 -26.44 -10.53
C SER E 63 23.62 -25.58 -10.28
N VAL E 64 23.49 -24.26 -10.41
CA VAL E 64 24.64 -23.37 -10.33
C VAL E 64 24.38 -22.23 -9.35
N LYS E 65 23.25 -22.28 -8.65
CA LYS E 65 22.92 -21.23 -7.69
C LYS E 65 23.85 -21.31 -6.49
N GLY E 66 24.55 -20.21 -6.19
CA GLY E 66 25.55 -20.18 -5.15
C GLY E 66 26.97 -20.21 -5.67
N ARG E 67 27.18 -20.68 -6.90
CA ARG E 67 28.51 -20.72 -7.52
C ARG E 67 28.68 -19.64 -8.58
N PHE E 68 27.70 -19.46 -9.45
CA PHE E 68 27.80 -18.45 -10.50
C PHE E 68 27.18 -17.14 -10.03
N THR E 69 27.57 -16.06 -10.69
CA THR E 69 27.06 -14.72 -10.38
C THR E 69 26.97 -13.94 -11.68
N ILE E 70 25.76 -13.60 -12.09
CA ILE E 70 25.52 -12.84 -13.31
C ILE E 70 25.59 -11.36 -12.97
N SER E 71 25.97 -10.55 -13.97
CA SER E 71 26.07 -9.11 -13.81
C SER E 71 26.09 -8.47 -15.19
N ARG E 72 25.59 -7.24 -15.25
CA ARG E 72 25.51 -6.48 -16.50
C ARG E 72 26.39 -5.25 -16.44
N ASP E 73 26.34 -4.49 -17.53
CA ASP E 73 26.88 -3.14 -17.60
C ASP E 73 26.38 -2.48 -18.87
N ASN E 74 25.22 -1.82 -18.78
CA ASN E 74 24.60 -1.22 -19.96
C ASN E 74 25.46 -0.13 -20.59
N ALA E 75 26.39 0.44 -19.83
CA ALA E 75 27.27 1.47 -20.40
C ALA E 75 28.23 0.88 -21.42
N LYS E 76 28.69 -0.35 -21.20
CA LYS E 76 29.60 -1.03 -22.12
C LYS E 76 28.90 -2.13 -22.92
N ASN E 77 27.59 -2.24 -22.82
CA ASN E 77 26.80 -3.19 -23.62
C ASN E 77 27.31 -4.62 -23.45
N SER E 78 27.61 -5.00 -22.21
CA SER E 78 28.25 -6.27 -21.92
C SER E 78 27.47 -7.02 -20.84
N LEU E 79 27.41 -8.35 -20.99
CA LEU E 79 26.86 -9.24 -19.99
C LEU E 79 27.97 -10.15 -19.46
N TYR E 80 28.02 -10.33 -18.15
CA TYR E 80 29.05 -11.13 -17.50
C TYR E 80 28.45 -12.39 -16.89
N LEU E 81 29.33 -13.33 -16.53
CA LEU E 81 28.93 -14.58 -15.89
C LEU E 81 30.14 -15.10 -15.11
N GLN E 82 30.32 -14.57 -13.91
CA GLN E 82 31.39 -15.03 -13.04
C GLN E 82 31.11 -16.45 -12.59
N MET E 83 32.03 -17.36 -12.89
CA MET E 83 31.88 -18.77 -12.56
C MET E 83 32.90 -19.14 -11.50
N ASN E 84 32.42 -19.48 -10.31
CA ASN E 84 33.28 -19.86 -9.19
C ASN E 84 32.97 -21.30 -8.77
N SER E 85 33.98 -21.96 -8.23
CA SER E 85 33.87 -23.35 -7.76
C SER E 85 33.33 -24.27 -8.85
N LEU E 86 34.07 -24.31 -9.96
CA LEU E 86 33.66 -25.09 -11.11
C LEU E 86 33.88 -26.58 -10.86
N ARG E 87 32.95 -27.40 -11.34
CA ARG E 87 33.01 -28.84 -11.22
C ARG E 87 33.11 -29.45 -12.62
N ALA E 88 33.42 -30.76 -12.65
CA ALA E 88 33.56 -31.45 -13.93
C ALA E 88 32.27 -31.40 -14.74
N GLU E 89 31.11 -31.38 -14.06
CA GLU E 89 29.85 -31.32 -14.77
C GLU E 89 29.60 -29.97 -15.42
N ASP E 90 30.32 -28.92 -15.00
CA ASP E 90 30.16 -27.60 -15.60
C ASP E 90 30.79 -27.50 -16.97
N THR E 91 31.49 -28.53 -17.44
CA THR E 91 32.06 -28.52 -18.79
C THR E 91 30.94 -28.53 -19.82
N ALA E 92 30.83 -27.45 -20.57
CA ALA E 92 29.76 -27.27 -21.56
C ALA E 92 30.15 -26.12 -22.48
N VAL E 93 29.23 -25.79 -23.38
CA VAL E 93 29.35 -24.63 -24.25
C VAL E 93 28.28 -23.62 -23.82
N TYR E 94 28.73 -22.46 -23.38
CA TYR E 94 27.84 -21.46 -22.80
C TYR E 94 27.37 -20.47 -23.87
N TYR E 95 26.08 -20.13 -23.80
CA TYR E 95 25.45 -19.21 -24.74
C TYR E 95 24.80 -18.07 -23.98
N CYS E 96 24.87 -16.87 -24.54
CA CYS E 96 24.16 -15.71 -24.02
C CYS E 96 23.09 -15.29 -25.03
N ALA E 97 21.85 -15.16 -24.56
CA ALA E 97 20.72 -14.87 -25.44
C ALA E 97 19.84 -13.81 -24.79
N ARG E 98 18.92 -13.28 -25.59
CA ARG E 98 18.07 -12.18 -25.18
C ARG E 98 16.61 -12.57 -25.28
N ASP E 99 15.77 -11.95 -24.44
CA ASP E 99 14.33 -12.20 -24.44
C ASP E 99 13.67 -11.26 -25.45
N LEU E 100 13.06 -11.84 -26.48
CA LEU E 100 12.32 -11.07 -27.47
C LEU E 100 10.92 -10.78 -26.96
N VAL E 101 10.61 -9.51 -26.76
CA VAL E 101 9.28 -9.06 -26.39
C VAL E 101 8.74 -8.26 -27.57
N TYR E 102 7.81 -8.86 -28.32
CA TYR E 102 7.34 -8.26 -29.57
C TYR E 102 6.33 -7.16 -29.31
N THR E 103 5.20 -7.50 -28.69
CA THR E 103 4.17 -6.52 -28.34
C THR E 103 3.65 -6.83 -26.94
N GLY E 104 4.56 -6.78 -25.96
CA GLY E 104 4.23 -7.11 -24.59
C GLY E 104 4.25 -8.58 -24.25
N SER E 105 4.38 -9.47 -25.24
CA SER E 105 4.38 -10.90 -25.00
C SER E 105 5.77 -11.46 -25.23
N TYR E 106 6.10 -12.50 -24.45
CA TYR E 106 7.37 -13.21 -24.58
C TYR E 106 7.25 -14.28 -25.66
N TYR E 107 8.14 -14.24 -26.64
CA TYR E 107 8.11 -15.19 -27.75
C TYR E 107 9.30 -16.14 -27.77
N GLY E 108 10.27 -15.95 -26.89
CA GLY E 108 11.43 -16.83 -26.81
C GLY E 108 12.70 -16.01 -26.72
N MET E 109 13.81 -16.67 -27.03
CA MET E 109 15.14 -16.06 -26.99
C MET E 109 15.65 -15.92 -28.42
N ASP E 110 15.61 -14.69 -28.94
CA ASP E 110 15.90 -14.45 -30.35
C ASP E 110 17.37 -14.59 -30.69
N VAL E 111 18.17 -13.56 -30.44
CA VAL E 111 19.56 -13.56 -30.84
C VAL E 111 20.37 -14.35 -29.82
N TRP E 112 21.16 -15.29 -30.30
CA TRP E 112 21.99 -16.16 -29.49
C TRP E 112 23.46 -15.83 -29.71
N GLY E 113 24.28 -16.16 -28.72
CA GLY E 113 25.71 -15.98 -28.87
C GLY E 113 26.32 -17.02 -29.79
N GLN E 114 27.52 -16.70 -30.28
CA GLN E 114 28.23 -17.64 -31.16
C GLN E 114 28.64 -18.91 -30.45
N GLY E 115 28.67 -18.91 -29.11
CA GLY E 115 29.09 -20.06 -28.36
C GLY E 115 30.48 -19.91 -27.80
N THR E 116 30.67 -20.32 -26.55
CA THR E 116 31.98 -20.33 -25.92
C THR E 116 32.11 -21.58 -25.06
N ARG E 117 33.25 -22.24 -25.16
CA ARG E 117 33.47 -23.52 -24.49
C ARG E 117 34.31 -23.32 -23.23
N VAL E 118 33.78 -23.81 -22.11
CA VAL E 118 34.51 -23.83 -20.84
C VAL E 118 34.76 -25.29 -20.50
N THR E 119 36.04 -25.66 -20.39
CA THR E 119 36.44 -27.04 -20.18
C THR E 119 37.07 -27.15 -18.79
N VAL E 120 36.47 -27.97 -17.93
CA VAL E 120 37.00 -28.23 -16.60
C VAL E 120 37.97 -29.39 -16.74
N SER E 121 39.27 -29.09 -16.77
CA SER E 121 40.27 -30.08 -17.13
C SER E 121 41.24 -30.41 -16.00
N GLY E 122 42.22 -29.54 -15.80
CA GLY E 122 43.40 -29.90 -15.04
C GLY E 122 44.46 -30.59 -15.88
N ALA E 123 44.23 -30.77 -17.18
CA ALA E 123 45.19 -31.41 -18.06
C ALA E 123 46.06 -30.37 -18.75
N SER E 124 46.52 -30.67 -19.97
CA SER E 124 47.53 -29.87 -20.64
C SER E 124 46.98 -29.30 -21.94
N THR E 125 47.21 -28.00 -22.16
CA THR E 125 47.01 -27.43 -23.48
C THR E 125 48.15 -27.87 -24.39
N LYS E 126 47.80 -28.36 -25.57
CA LYS E 126 48.78 -28.99 -26.47
C LYS E 126 48.43 -28.68 -27.91
N GLY E 127 49.37 -28.06 -28.63
CA GLY E 127 49.22 -27.83 -30.04
C GLY E 127 49.23 -29.13 -30.81
N PRO E 128 48.34 -29.26 -31.78
CA PRO E 128 48.21 -30.51 -32.52
C PRO E 128 49.36 -30.71 -33.51
N SER E 129 49.46 -31.94 -33.99
CA SER E 129 50.36 -32.29 -35.08
C SER E 129 49.54 -32.52 -36.34
N VAL E 130 49.92 -31.87 -37.42
CA VAL E 130 49.19 -31.92 -38.67
C VAL E 130 49.92 -32.84 -39.64
N PHE E 131 49.29 -33.95 -39.99
CA PHE E 131 49.84 -34.91 -40.93
C PHE E 131 48.95 -34.99 -42.16
N PRO E 132 49.51 -34.90 -43.37
CA PRO E 132 48.67 -34.91 -44.57
C PRO E 132 48.16 -36.30 -44.92
N LEU E 133 46.97 -36.33 -45.51
CA LEU E 133 46.38 -37.54 -46.07
C LEU E 133 46.40 -37.39 -47.58
N ALA E 134 47.55 -37.73 -48.17
CA ALA E 134 47.78 -37.47 -49.58
C ALA E 134 46.94 -38.40 -50.46
N PRO E 135 46.55 -37.94 -51.64
CA PRO E 135 45.79 -38.81 -52.55
C PRO E 135 46.69 -39.83 -53.23
N SER E 136 46.08 -40.95 -53.61
CA SER E 136 46.81 -42.02 -54.27
C SER E 136 46.67 -41.93 -55.79
N GLY E 142 39.08 -43.67 -57.93
CA GLY E 142 39.60 -43.79 -59.28
C GLY E 142 39.54 -42.49 -60.06
N GLY E 143 38.39 -42.21 -60.66
CA GLY E 143 38.20 -40.98 -61.41
C GLY E 143 38.07 -39.73 -60.57
N THR E 144 38.13 -39.85 -59.25
CA THR E 144 38.04 -38.69 -58.36
C THR E 144 38.85 -38.99 -57.13
N ALA E 145 39.80 -38.12 -56.80
CA ALA E 145 40.71 -38.31 -55.68
C ALA E 145 40.20 -37.59 -54.44
N ALA E 146 40.63 -38.09 -53.28
CA ALA E 146 40.27 -37.53 -51.99
C ALA E 146 41.54 -37.32 -51.17
N LEU E 147 41.68 -36.11 -50.61
CA LEU E 147 42.84 -35.76 -49.81
C LEU E 147 42.39 -34.99 -48.58
N GLY E 148 43.22 -35.04 -47.54
CA GLY E 148 42.87 -34.38 -46.30
C GLY E 148 44.05 -34.22 -45.38
N CYS E 149 43.77 -33.73 -44.17
CA CYS E 149 44.76 -33.53 -43.12
C CYS E 149 44.29 -34.24 -41.85
N LEU E 150 45.24 -34.85 -41.14
CA LEU E 150 44.96 -35.52 -39.88
C LEU E 150 45.46 -34.63 -38.74
N VAL E 151 44.52 -34.09 -37.96
CA VAL E 151 44.84 -33.23 -36.82
C VAL E 151 44.82 -34.12 -35.59
N LYS E 152 46.00 -34.53 -35.13
CA LYS E 152 46.13 -35.52 -34.08
C LYS E 152 46.80 -34.93 -32.85
N ASP E 153 46.37 -35.41 -31.68
CA ASP E 153 46.99 -35.09 -30.40
C ASP E 153 46.90 -33.61 -30.07
N TYR E 154 45.74 -33.16 -29.60
CA TYR E 154 45.56 -31.79 -29.13
C TYR E 154 44.61 -31.78 -27.95
N PHE E 155 44.58 -30.65 -27.24
CA PHE E 155 43.71 -30.45 -26.08
C PHE E 155 43.85 -28.99 -25.62
N PRO E 156 42.74 -28.33 -25.21
CA PRO E 156 41.35 -28.80 -25.25
C PRO E 156 40.67 -28.54 -26.59
N GLU E 157 39.34 -28.66 -26.65
CA GLU E 157 38.65 -28.75 -27.94
C GLU E 157 38.05 -27.45 -28.44
N PRO E 158 38.81 -26.61 -29.12
CA PRO E 158 38.29 -25.97 -30.32
C PRO E 158 39.33 -25.95 -31.44
N VAL E 159 39.06 -26.63 -32.55
CA VAL E 159 39.95 -26.63 -33.69
C VAL E 159 39.19 -26.16 -34.92
N THR E 160 39.83 -25.30 -35.71
CA THR E 160 39.25 -24.74 -36.93
C THR E 160 40.14 -25.12 -38.10
N VAL E 161 39.56 -25.84 -39.07
CA VAL E 161 40.30 -26.32 -40.23
C VAL E 161 39.66 -25.73 -41.48
N SER E 162 40.45 -25.04 -42.29
CA SER E 162 40.01 -24.53 -43.58
C SER E 162 41.03 -24.92 -44.63
N TRP E 163 40.60 -24.89 -45.89
CA TRP E 163 41.43 -25.30 -47.02
C TRP E 163 41.73 -24.10 -47.90
N ASN E 164 43.01 -23.80 -48.07
CA ASN E 164 43.49 -22.74 -48.96
C ASN E 164 42.88 -21.39 -48.59
N SER E 165 42.94 -21.06 -47.30
CA SER E 165 42.48 -19.78 -46.76
C SER E 165 40.99 -19.53 -47.00
N GLY E 166 40.23 -20.58 -47.31
CA GLY E 166 38.81 -20.45 -47.54
C GLY E 166 38.37 -20.47 -48.99
N ALA E 167 39.26 -20.80 -49.93
CA ALA E 167 38.87 -20.87 -51.33
C ALA E 167 38.18 -22.18 -51.64
N LEU E 168 38.76 -23.30 -51.20
CA LEU E 168 38.19 -24.63 -51.41
C LEU E 168 37.24 -24.92 -50.26
N THR E 169 35.94 -24.83 -50.52
CA THR E 169 34.92 -25.03 -49.50
C THR E 169 33.93 -26.13 -49.83
N SER E 170 33.49 -26.23 -51.08
CA SER E 170 32.48 -27.21 -51.45
C SER E 170 33.10 -28.61 -51.51
N GLY E 171 32.49 -29.55 -50.79
CA GLY E 171 32.96 -30.91 -50.76
C GLY E 171 33.86 -31.28 -49.59
N VAL E 172 33.85 -30.49 -48.52
CA VAL E 172 34.71 -30.72 -47.36
C VAL E 172 33.89 -31.38 -46.26
N HIS E 173 34.50 -32.36 -45.58
CA HIS E 173 33.87 -33.05 -44.46
C HIS E 173 34.84 -33.01 -43.27
N THR E 174 34.61 -32.09 -42.34
CA THR E 174 35.39 -32.01 -41.12
C THR E 174 34.68 -32.83 -40.04
N PHE E 175 35.35 -33.88 -39.58
CA PHE E 175 34.73 -34.84 -38.67
C PHE E 175 34.78 -34.36 -37.23
N PRO E 176 33.82 -34.78 -36.40
CA PRO E 176 33.95 -34.54 -34.96
C PRO E 176 35.13 -35.29 -34.38
N ALA E 177 35.71 -34.72 -33.33
CA ALA E 177 36.90 -35.30 -32.72
C ALA E 177 36.55 -36.48 -31.84
N VAL E 178 37.45 -37.45 -31.80
CA VAL E 178 37.34 -38.61 -30.91
C VAL E 178 38.32 -38.42 -29.77
N LEU E 179 37.94 -38.91 -28.59
CA LEU E 179 38.78 -38.83 -27.39
C LEU E 179 39.51 -40.15 -27.24
N GLN E 180 40.70 -40.23 -27.83
CA GLN E 180 41.53 -41.42 -27.71
C GLN E 180 42.05 -41.56 -26.27
N SER E 181 42.46 -42.77 -25.93
CA SER E 181 42.73 -43.14 -24.54
C SER E 181 43.81 -42.30 -23.88
N SER E 182 44.59 -41.55 -24.65
CA SER E 182 45.63 -40.69 -24.08
C SER E 182 45.07 -39.37 -23.55
N GLY E 183 43.75 -39.26 -23.37
CA GLY E 183 43.13 -38.02 -22.97
C GLY E 183 43.16 -36.92 -24.01
N LEU E 184 43.65 -37.20 -25.21
CA LEU E 184 43.76 -36.22 -26.27
C LEU E 184 42.67 -36.42 -27.32
N TYR E 185 42.43 -35.37 -28.09
CA TYR E 185 41.49 -35.40 -29.19
C TYR E 185 42.23 -35.48 -30.53
N SER E 186 41.56 -36.05 -31.52
CA SER E 186 42.11 -36.17 -32.85
C SER E 186 40.95 -36.25 -33.85
N LEU E 187 41.17 -35.69 -35.03
CA LEU E 187 40.17 -35.72 -36.08
C LEU E 187 40.86 -35.61 -37.43
N SER E 188 40.05 -35.65 -38.49
CA SER E 188 40.54 -35.57 -39.86
C SER E 188 39.56 -34.74 -40.67
N SER E 189 40.09 -33.92 -41.58
CA SER E 189 39.29 -33.07 -42.46
C SER E 189 39.64 -33.42 -43.90
N VAL E 190 38.68 -33.96 -44.63
CA VAL E 190 38.91 -34.43 -46.00
C VAL E 190 38.18 -33.51 -46.96
N VAL E 191 38.57 -33.61 -48.23
CA VAL E 191 37.94 -32.87 -49.32
C VAL E 191 38.14 -33.63 -50.61
N THR E 192 37.10 -33.70 -51.43
CA THR E 192 37.14 -34.39 -52.70
C THR E 192 37.38 -33.39 -53.83
N VAL E 193 38.33 -33.71 -54.70
CA VAL E 193 38.70 -32.83 -55.80
C VAL E 193 38.79 -33.66 -57.07
N PRO E 194 38.72 -33.02 -58.24
CA PRO E 194 38.91 -33.76 -59.49
C PRO E 194 40.27 -34.43 -59.54
N SER E 195 40.27 -35.69 -59.99
CA SER E 195 41.49 -36.48 -60.09
C SER E 195 42.41 -36.05 -61.22
N SER E 196 42.19 -34.87 -61.81
CA SER E 196 43.02 -34.36 -62.89
C SER E 196 43.91 -33.21 -62.47
N SER E 197 43.39 -32.27 -61.67
CA SER E 197 44.17 -31.10 -61.25
C SER E 197 44.91 -31.42 -59.96
N LEU E 198 45.91 -32.29 -60.10
CA LEU E 198 46.78 -32.67 -59.00
C LEU E 198 48.18 -32.09 -59.14
N GLY E 199 48.80 -32.23 -60.31
CA GLY E 199 50.12 -31.70 -60.55
C GLY E 199 50.18 -30.22 -60.85
N THR E 200 49.03 -29.54 -60.89
CA THR E 200 48.99 -28.11 -61.16
C THR E 200 48.16 -27.31 -60.17
N GLN E 201 47.59 -27.95 -59.15
CA GLN E 201 46.75 -27.28 -58.17
C GLN E 201 47.35 -27.51 -56.78
N THR E 202 47.46 -26.42 -56.01
CA THR E 202 48.03 -26.47 -54.67
C THR E 202 46.90 -26.62 -53.65
N TYR E 203 47.09 -27.54 -52.70
CA TYR E 203 46.11 -27.79 -51.65
C TYR E 203 46.80 -27.64 -50.30
N ILE E 204 46.27 -26.76 -49.46
CA ILE E 204 46.84 -26.49 -48.14
C ILE E 204 45.69 -26.36 -47.14
N CYS E 205 45.72 -27.17 -46.08
CA CYS E 205 44.76 -27.06 -45.00
C CYS E 205 45.26 -26.09 -43.95
N ASN E 206 44.36 -25.29 -43.39
CA ASN E 206 44.70 -24.24 -42.44
C ASN E 206 44.07 -24.60 -41.09
N VAL E 207 44.90 -25.13 -40.19
CA VAL E 207 44.46 -25.54 -38.86
C VAL E 207 44.85 -24.47 -37.87
N ASN E 208 43.92 -24.11 -36.97
CA ASN E 208 44.17 -23.13 -35.93
C ASN E 208 43.65 -23.67 -34.61
N HIS E 209 44.51 -23.68 -33.60
CA HIS E 209 44.15 -24.13 -32.25
C HIS E 209 44.26 -22.92 -31.32
N LYS E 210 43.12 -22.34 -30.98
CA LYS E 210 43.11 -21.11 -30.19
C LYS E 210 43.68 -21.28 -28.79
N PRO E 211 43.33 -22.30 -28.01
CA PRO E 211 43.87 -22.41 -26.64
C PRO E 211 45.37 -22.67 -26.57
N SER E 212 46.04 -22.86 -27.71
CA SER E 212 47.48 -23.12 -27.70
C SER E 212 48.25 -22.24 -28.65
N ASN E 213 47.60 -21.27 -29.31
CA ASN E 213 48.25 -20.35 -30.23
C ASN E 213 49.02 -21.11 -31.32
N THR E 214 48.34 -22.07 -31.94
CA THR E 214 48.92 -22.93 -32.96
C THR E 214 48.25 -22.65 -34.29
N LYS E 215 49.04 -22.19 -35.26
CA LYS E 215 48.54 -21.91 -36.62
C LYS E 215 49.45 -22.67 -37.59
N VAL E 216 48.90 -23.69 -38.24
CA VAL E 216 49.66 -24.57 -39.11
C VAL E 216 49.07 -24.53 -40.52
N ASP E 217 49.94 -24.49 -41.52
CA ASP E 217 49.55 -24.53 -42.93
C ASP E 217 50.36 -25.63 -43.60
N LYS E 218 49.79 -26.82 -43.70
CA LYS E 218 50.47 -27.98 -44.27
C LYS E 218 50.00 -28.23 -45.70
N ARG E 219 50.95 -28.56 -46.57
CA ARG E 219 50.66 -28.81 -47.98
C ARG E 219 50.33 -30.28 -48.19
N VAL E 220 49.10 -30.56 -48.61
CA VAL E 220 48.72 -31.92 -49.00
C VAL E 220 49.14 -32.11 -50.45
N GLU E 221 50.17 -32.94 -50.66
CA GLU E 221 50.78 -33.10 -51.97
C GLU E 221 50.79 -34.58 -52.34
N PRO E 222 50.38 -34.93 -53.57
CA PRO E 222 50.30 -36.32 -54.05
C PRO E 222 51.63 -37.07 -53.94
N ALA F 1 10.16 -27.59 -9.75
CA ALA F 1 9.98 -26.67 -10.87
C ALA F 1 9.22 -27.35 -12.02
N ILE F 2 8.82 -26.56 -13.01
CA ILE F 2 8.11 -27.09 -14.16
C ILE F 2 9.08 -27.91 -15.00
N GLN F 3 8.78 -29.19 -15.18
CA GLN F 3 9.63 -30.11 -15.91
C GLN F 3 8.97 -30.50 -17.22
N LEU F 4 9.78 -30.60 -18.27
CA LEU F 4 9.29 -30.89 -19.62
C LEU F 4 9.80 -32.23 -20.10
N THR F 5 8.93 -32.97 -20.79
CA THR F 5 9.26 -34.28 -21.35
C THR F 5 8.84 -34.30 -22.80
N GLN F 6 9.76 -34.70 -23.68
CA GLN F 6 9.48 -34.78 -25.11
C GLN F 6 9.26 -36.22 -25.53
N SER F 7 8.71 -36.38 -26.73
CA SER F 7 8.45 -37.70 -27.31
C SER F 7 8.29 -37.56 -28.82
N PRO F 8 9.06 -38.32 -29.62
CA PRO F 8 10.08 -39.26 -29.14
C PRO F 8 11.44 -38.60 -28.96
N SER F 9 12.50 -39.42 -28.86
CA SER F 9 13.86 -38.93 -28.82
C SER F 9 14.45 -38.83 -30.23
N SER F 10 14.43 -39.94 -30.96
CA SER F 10 14.87 -39.96 -32.35
C SER F 10 13.65 -39.94 -33.27
N LEU F 11 13.81 -39.30 -34.42
CA LEU F 11 12.73 -39.16 -35.37
C LEU F 11 13.28 -39.28 -36.79
N SER F 12 12.69 -40.19 -37.57
CA SER F 12 13.08 -40.42 -38.96
C SER F 12 11.84 -40.27 -39.82
N ALA F 13 11.81 -39.23 -40.65
CA ALA F 13 10.68 -38.95 -41.54
C ALA F 13 11.18 -38.63 -42.93
N SER F 14 10.51 -39.17 -43.93
CA SER F 14 10.92 -38.97 -45.32
C SER F 14 10.64 -37.51 -45.73
N VAL F 15 11.17 -37.16 -46.91
CA VAL F 15 11.08 -35.78 -47.38
C VAL F 15 9.64 -35.45 -47.75
N GLY F 16 9.18 -34.28 -47.32
CA GLY F 16 7.86 -33.80 -47.64
C GLY F 16 6.73 -34.31 -46.77
N ASP F 17 7.04 -35.08 -45.73
CA ASP F 17 6.01 -35.65 -44.87
C ASP F 17 5.47 -34.57 -43.92
N ARG F 18 4.72 -35.01 -42.91
CA ARG F 18 4.20 -34.15 -41.87
C ARG F 18 4.36 -34.87 -40.53
N VAL F 19 5.02 -34.22 -39.58
CA VAL F 19 5.27 -34.82 -38.28
C VAL F 19 5.06 -33.77 -37.20
N THR F 20 4.56 -34.21 -36.05
CA THR F 20 4.34 -33.35 -34.89
C THR F 20 5.13 -33.89 -33.71
N ILE F 21 5.65 -32.96 -32.89
CA ILE F 21 6.43 -33.29 -31.71
C ILE F 21 5.61 -32.90 -30.48
N THR F 22 5.47 -33.83 -29.54
CA THR F 22 4.65 -33.62 -28.36
C THR F 22 5.54 -33.36 -27.15
N CYS F 23 5.35 -32.21 -26.51
CA CYS F 23 6.07 -31.84 -25.29
C CYS F 23 5.06 -31.66 -24.17
N ARG F 24 5.24 -32.40 -23.09
CA ARG F 24 4.32 -32.38 -21.96
C ARG F 24 4.95 -31.68 -20.77
N THR F 25 4.15 -30.93 -20.03
CA THR F 25 4.60 -30.21 -18.84
C THR F 25 4.29 -31.02 -17.59
N SER F 26 5.00 -30.69 -16.52
CA SER F 26 4.73 -31.28 -15.21
C SER F 26 3.62 -30.56 -14.46
N GLN F 27 3.35 -29.31 -14.81
CA GLN F 27 2.27 -28.52 -14.22
C GLN F 27 1.47 -27.89 -15.34
N GLY F 28 0.14 -27.98 -15.24
CA GLY F 28 -0.73 -27.41 -16.26
C GLY F 28 -0.59 -25.90 -16.37
N ILE F 29 -0.24 -25.42 -17.56
CA ILE F 29 -0.05 -23.99 -17.81
C ILE F 29 -0.84 -23.59 -19.04
N SER F 30 -1.38 -22.38 -19.01
CA SER F 30 -2.18 -21.88 -20.14
C SER F 30 -1.32 -21.25 -21.22
N THR F 31 -0.13 -20.78 -20.88
CA THR F 31 0.73 -20.13 -21.87
C THR F 31 1.32 -21.17 -22.81
N PRO F 32 1.46 -20.85 -24.09
CA PRO F 32 2.07 -21.80 -25.03
C PRO F 32 3.55 -21.96 -24.77
N LEU F 33 4.17 -22.89 -25.48
CA LEU F 33 5.58 -23.17 -25.36
C LEU F 33 6.36 -22.59 -26.52
N ALA F 34 7.62 -22.25 -26.26
CA ALA F 34 8.53 -21.79 -27.30
C ALA F 34 9.34 -22.97 -27.82
N TRP F 35 9.55 -22.98 -29.14
CA TRP F 35 10.24 -24.08 -29.80
C TRP F 35 11.51 -23.58 -30.46
N TYR F 36 12.50 -24.46 -30.55
CA TYR F 36 13.81 -24.12 -31.08
C TYR F 36 14.29 -25.23 -32.01
N GLN F 37 15.24 -24.89 -32.87
CA GLN F 37 15.93 -25.87 -33.69
C GLN F 37 17.43 -25.58 -33.60
N HIS F 38 18.20 -26.64 -33.36
CA HIS F 38 19.63 -26.54 -33.03
C HIS F 38 20.44 -27.22 -34.13
N LYS F 39 20.90 -26.43 -35.09
CA LYS F 39 21.80 -26.95 -36.11
C LYS F 39 23.16 -27.27 -35.49
N PRO F 40 23.85 -28.28 -35.99
CA PRO F 40 25.18 -28.60 -35.48
C PRO F 40 26.18 -27.52 -35.84
N GLY F 41 27.04 -27.17 -34.88
CA GLY F 41 27.98 -26.09 -35.05
C GLY F 41 27.36 -24.71 -35.07
N LYS F 42 26.04 -24.61 -34.90
CA LYS F 42 25.34 -23.33 -34.88
C LYS F 42 24.59 -23.18 -33.56
N SER F 43 24.47 -21.94 -33.12
CA SER F 43 23.64 -21.64 -31.97
C SER F 43 22.18 -21.89 -32.31
N PRO F 44 21.37 -22.32 -31.33
CA PRO F 44 19.95 -22.55 -31.61
C PRO F 44 19.25 -21.24 -31.96
N LYS F 45 18.14 -21.38 -32.68
CA LYS F 45 17.37 -20.24 -33.14
C LYS F 45 15.93 -20.36 -32.69
N LEU F 46 15.25 -19.21 -32.62
CA LEU F 46 13.80 -19.24 -32.53
C LEU F 46 13.22 -20.00 -33.71
N LEU F 47 12.16 -20.75 -33.46
CA LEU F 47 11.49 -21.47 -34.53
C LEU F 47 10.25 -20.74 -35.01
N ILE F 48 9.33 -20.45 -34.10
CA ILE F 48 8.06 -19.82 -34.44
C ILE F 48 8.13 -18.35 -34.11
N HIS F 49 7.50 -17.53 -34.96
CA HIS F 49 7.33 -16.09 -34.74
C HIS F 49 8.62 -15.30 -34.94
N ASP F 50 9.52 -15.79 -35.80
CA ASP F 50 10.68 -15.00 -36.18
C ASP F 50 11.35 -15.57 -37.43
N ALA F 51 10.67 -15.51 -38.56
CA ALA F 51 11.26 -15.80 -39.87
C ALA F 51 11.23 -14.49 -40.64
N PHE F 52 12.41 -13.95 -40.95
CA PHE F 52 12.56 -12.54 -41.32
C PHE F 52 12.13 -11.75 -40.09
N SER F 53 10.99 -11.07 -40.16
CA SER F 53 10.33 -10.57 -38.95
C SER F 53 8.83 -10.81 -39.09
N LEU F 54 8.30 -11.76 -38.31
CA LEU F 54 7.01 -12.35 -38.65
C LEU F 54 5.85 -11.35 -38.50
N GLU F 55 6.06 -10.21 -37.83
CA GLU F 55 4.98 -9.24 -37.67
C GLU F 55 4.32 -8.92 -39.00
N SER F 56 5.10 -8.92 -40.08
CA SER F 56 4.58 -8.79 -41.44
C SER F 56 5.19 -9.91 -42.29
N GLY F 57 4.88 -11.15 -41.93
CA GLY F 57 5.46 -12.29 -42.61
C GLY F 57 4.54 -13.50 -42.60
N VAL F 58 4.93 -14.50 -43.38
CA VAL F 58 4.16 -15.73 -43.53
C VAL F 58 4.56 -16.71 -42.45
N PRO F 59 3.61 -17.39 -41.81
CA PRO F 59 3.99 -18.52 -40.94
C PRO F 59 4.55 -19.66 -41.78
N SER F 60 5.72 -20.15 -41.39
CA SER F 60 6.36 -21.24 -42.12
C SER F 60 5.65 -22.56 -41.85
N ARG F 61 6.32 -23.67 -42.18
CA ARG F 61 5.75 -24.98 -41.90
C ARG F 61 5.65 -25.26 -40.40
N PHE F 62 6.38 -24.51 -39.57
CA PHE F 62 6.42 -24.76 -38.14
C PHE F 62 5.23 -24.09 -37.45
N SER F 63 4.51 -24.86 -36.64
CA SER F 63 3.35 -24.36 -35.92
C SER F 63 3.40 -24.85 -34.48
N GLY F 64 3.13 -23.95 -33.54
CA GLY F 64 3.16 -24.29 -32.14
C GLY F 64 1.78 -24.29 -31.50
N SER F 65 1.12 -25.44 -31.52
CA SER F 65 -0.20 -25.60 -30.95
C SER F 65 -0.11 -26.29 -29.58
N GLY F 66 -1.23 -26.32 -28.89
CA GLY F 66 -1.29 -26.99 -27.61
C GLY F 66 -1.46 -26.02 -26.46
N SER F 67 -2.11 -26.50 -25.39
CA SER F 67 -2.29 -25.72 -24.18
C SER F 67 -2.56 -26.69 -23.04
N GLY F 68 -2.37 -26.20 -21.82
CA GLY F 68 -2.57 -27.03 -20.65
C GLY F 68 -1.39 -27.94 -20.36
N THR F 69 -1.48 -29.19 -20.80
CA THR F 69 -0.43 -30.18 -20.58
C THR F 69 0.30 -30.57 -21.86
N ASP F 70 -0.42 -30.82 -22.94
CA ASP F 70 0.18 -31.30 -24.19
C ASP F 70 0.40 -30.13 -25.14
N PHE F 71 1.64 -30.01 -25.63
CA PHE F 71 2.02 -28.97 -26.58
C PHE F 71 2.65 -29.64 -27.79
N SER F 72 2.21 -29.25 -28.99
CA SER F 72 2.64 -29.90 -30.22
C SER F 72 3.36 -28.90 -31.13
N LEU F 73 4.42 -29.38 -31.76
CA LEU F 73 5.15 -28.62 -32.79
C LEU F 73 4.88 -29.30 -34.13
N THR F 74 4.12 -28.63 -34.99
CA THR F 74 3.69 -29.19 -36.26
C THR F 74 4.58 -28.71 -37.39
N ILE F 75 4.91 -29.62 -38.31
CA ILE F 75 5.76 -29.34 -39.46
C ILE F 75 5.03 -29.79 -40.71
N SER F 76 4.82 -28.86 -41.65
CA SER F 76 3.94 -29.12 -42.78
C SER F 76 4.68 -29.57 -44.04
N SER F 77 5.83 -28.97 -44.38
CA SER F 77 6.54 -29.27 -45.61
C SER F 77 8.01 -29.55 -45.29
N VAL F 78 8.30 -30.78 -44.85
CA VAL F 78 9.65 -31.13 -44.45
C VAL F 78 10.60 -31.01 -45.63
N GLN F 79 11.74 -30.38 -45.40
CA GLN F 79 12.77 -30.15 -46.39
C GLN F 79 14.06 -30.85 -45.99
N PRO F 80 15.01 -31.04 -46.93
CA PRO F 80 16.26 -31.71 -46.55
C PRO F 80 17.13 -30.92 -45.59
N GLU F 81 16.90 -29.60 -45.45
CA GLU F 81 17.66 -28.78 -44.52
C GLU F 81 16.99 -28.70 -43.15
N ASP F 82 16.16 -29.67 -42.79
CA ASP F 82 15.46 -29.68 -41.51
C ASP F 82 16.15 -30.52 -40.46
N PHE F 83 17.27 -31.14 -40.79
CA PHE F 83 18.00 -31.95 -39.82
C PHE F 83 18.57 -31.06 -38.72
N ALA F 84 18.12 -31.28 -37.49
CA ALA F 84 18.59 -30.55 -36.31
C ALA F 84 18.02 -31.25 -35.09
N THR F 85 18.17 -30.62 -33.93
CA THR F 85 17.59 -31.09 -32.68
C THR F 85 16.62 -30.03 -32.18
N TYR F 86 15.37 -30.43 -31.94
CA TYR F 86 14.30 -29.52 -31.59
C TYR F 86 14.02 -29.60 -30.10
N TYR F 87 14.00 -28.44 -29.44
CA TYR F 87 13.78 -28.34 -28.00
C TYR F 87 12.51 -27.56 -27.72
N CYS F 88 11.72 -28.04 -26.77
CA CYS F 88 10.57 -27.32 -26.27
C CYS F 88 10.94 -26.58 -24.99
N GLN F 89 10.49 -25.34 -24.88
CA GLN F 89 10.80 -24.48 -23.74
C GLN F 89 9.52 -23.86 -23.20
N GLN F 90 9.32 -23.97 -21.89
CA GLN F 90 8.22 -23.29 -21.22
C GLN F 90 8.71 -21.96 -20.67
N PHE F 91 7.85 -20.95 -20.73
CA PHE F 91 8.16 -19.63 -20.22
C PHE F 91 7.02 -19.11 -19.35
N TYR F 92 6.46 -19.99 -18.52
CA TYR F 92 5.43 -19.60 -17.58
C TYR F 92 6.00 -19.18 -16.23
N ASP F 93 7.12 -19.76 -15.83
CA ASP F 93 7.63 -19.61 -14.48
C ASP F 93 9.12 -19.91 -14.48
N TYR F 94 9.90 -19.09 -13.76
CA TYR F 94 11.30 -19.44 -13.61
C TYR F 94 11.47 -20.44 -12.46
N PRO F 95 12.47 -21.34 -12.54
CA PRO F 95 13.51 -21.43 -13.58
C PRO F 95 12.99 -21.91 -14.93
N ILE F 96 13.47 -21.27 -16.00
CA ILE F 96 13.11 -21.69 -17.35
C ILE F 96 13.70 -23.06 -17.63
N THR F 97 12.90 -23.95 -18.21
CA THR F 97 13.29 -25.33 -18.41
C THR F 97 13.02 -25.77 -19.84
N PHE F 98 13.86 -26.69 -20.32
CA PHE F 98 13.68 -27.36 -21.59
C PHE F 98 13.17 -28.78 -21.36
N GLY F 99 13.10 -29.56 -22.44
CA GLY F 99 12.82 -30.98 -22.35
C GLY F 99 13.93 -31.77 -23.01
N GLN F 100 13.95 -33.07 -22.74
CA GLN F 100 14.92 -33.95 -23.37
C GLN F 100 14.74 -33.89 -24.89
N GLY F 101 15.65 -33.18 -25.57
CA GLY F 101 15.51 -32.85 -26.97
C GLY F 101 15.21 -33.99 -27.91
N THR F 102 14.51 -33.69 -29.00
CA THR F 102 14.21 -34.65 -30.03
C THR F 102 15.04 -34.33 -31.27
N ARG F 103 15.49 -35.38 -31.96
CA ARG F 103 16.36 -35.25 -33.11
C ARG F 103 15.65 -35.78 -34.34
N LEU F 104 15.52 -34.93 -35.35
CA LEU F 104 14.85 -35.29 -36.60
C LEU F 104 15.86 -35.80 -37.60
N GLU F 105 15.49 -36.86 -38.33
CA GLU F 105 16.33 -37.44 -39.35
C GLU F 105 15.57 -37.48 -40.68
N ILE F 106 16.27 -37.17 -41.76
CA ILE F 106 15.71 -37.25 -43.10
C ILE F 106 15.89 -38.67 -43.61
N ARG F 107 14.79 -39.30 -44.02
CA ARG F 107 14.82 -40.67 -44.56
C ARG F 107 15.13 -40.57 -46.05
N ARG F 108 16.42 -40.54 -46.37
CA ARG F 108 16.87 -40.45 -47.75
C ARG F 108 16.98 -41.85 -48.35
N THR F 109 16.90 -41.91 -49.69
CA THR F 109 17.18 -43.14 -50.40
C THR F 109 18.66 -43.51 -50.23
N VAL F 110 18.93 -44.81 -50.21
CA VAL F 110 20.28 -45.34 -49.99
C VAL F 110 21.26 -44.74 -50.99
N ALA F 111 22.53 -44.65 -50.59
CA ALA F 111 23.57 -44.08 -51.43
C ALA F 111 24.77 -45.01 -51.46
N ALA F 112 25.80 -44.61 -52.20
CA ALA F 112 27.01 -45.40 -52.34
C ALA F 112 28.13 -44.77 -51.53
N PRO F 113 28.64 -45.45 -50.50
CA PRO F 113 29.78 -44.90 -49.76
C PRO F 113 31.08 -44.98 -50.55
N SER F 114 31.60 -43.83 -50.98
CA SER F 114 32.87 -43.78 -51.68
C SER F 114 33.98 -44.06 -50.68
N VAL F 115 34.47 -45.29 -50.66
CA VAL F 115 35.40 -45.76 -49.64
C VAL F 115 36.82 -45.44 -50.07
N PHE F 116 37.58 -44.79 -49.19
CA PHE F 116 39.00 -44.53 -49.38
C PHE F 116 39.76 -44.97 -48.15
N ILE F 117 41.04 -45.30 -48.35
CA ILE F 117 41.93 -45.67 -47.26
C ILE F 117 43.24 -44.92 -47.45
N PHE F 118 43.86 -44.55 -46.33
CA PHE F 118 45.04 -43.69 -46.34
C PHE F 118 46.14 -44.30 -45.47
N PRO F 119 47.33 -44.48 -46.02
CA PRO F 119 48.46 -44.96 -45.20
C PRO F 119 48.95 -43.85 -44.28
N PRO F 120 49.74 -44.19 -43.26
CA PRO F 120 50.33 -43.15 -42.41
C PRO F 120 51.35 -42.32 -43.19
N SER F 121 51.39 -41.03 -42.88
CA SER F 121 52.31 -40.13 -43.57
C SER F 121 53.75 -40.44 -43.14
N ASP F 122 54.69 -40.07 -44.02
CA ASP F 122 56.10 -40.33 -43.74
C ASP F 122 56.61 -39.52 -42.55
N GLU F 123 56.00 -38.35 -42.29
CA GLU F 123 56.39 -37.57 -41.12
C GLU F 123 55.91 -38.23 -39.84
N GLN F 124 54.74 -38.85 -39.87
CA GLN F 124 54.19 -39.48 -38.67
C GLN F 124 54.97 -40.73 -38.28
N LEU F 125 55.43 -41.49 -39.27
CA LEU F 125 56.12 -42.74 -38.97
C LEU F 125 57.46 -42.51 -38.27
N LYS F 126 58.08 -41.35 -38.48
CA LYS F 126 59.32 -41.06 -37.78
C LYS F 126 59.09 -40.92 -36.28
N SER F 127 57.89 -40.48 -35.88
CA SER F 127 57.56 -40.34 -34.47
C SER F 127 57.18 -41.65 -33.81
N GLY F 128 57.21 -42.77 -34.54
CA GLY F 128 56.94 -44.06 -33.95
C GLY F 128 55.48 -44.42 -33.82
N THR F 129 54.59 -43.72 -34.52
CA THR F 129 53.16 -43.96 -34.44
C THR F 129 52.60 -44.04 -35.86
N ALA F 130 51.67 -44.97 -36.06
CA ALA F 130 50.99 -45.15 -37.35
C ALA F 130 49.50 -44.95 -37.17
N SER F 131 48.90 -44.18 -38.07
CA SER F 131 47.47 -43.92 -38.06
C SER F 131 46.93 -44.14 -39.47
N VAL F 132 46.20 -45.23 -39.66
CA VAL F 132 45.66 -45.61 -40.97
C VAL F 132 44.20 -45.16 -41.01
N VAL F 133 43.90 -44.17 -41.85
CA VAL F 133 42.58 -43.58 -41.94
C VAL F 133 41.79 -44.27 -43.05
N CYS F 134 40.51 -44.53 -42.78
CA CYS F 134 39.59 -45.09 -43.77
C CYS F 134 38.37 -44.19 -43.84
N LEU F 135 38.04 -43.75 -45.06
CA LEU F 135 36.99 -42.77 -45.28
C LEU F 135 35.78 -43.41 -45.93
N LEU F 136 34.60 -43.13 -45.39
CA LEU F 136 33.32 -43.57 -45.94
C LEU F 136 32.52 -42.31 -46.24
N ASN F 137 32.67 -41.78 -47.44
CA ASN F 137 32.11 -40.48 -47.79
C ASN F 137 30.75 -40.63 -48.45
N ASN F 138 29.76 -39.89 -47.93
CA ASN F 138 28.44 -39.76 -48.53
C ASN F 138 27.71 -41.09 -48.63
N PHE F 139 27.10 -41.53 -47.53
CA PHE F 139 26.37 -42.78 -47.49
C PHE F 139 25.12 -42.60 -46.64
N TYR F 140 24.22 -43.58 -46.73
CA TYR F 140 22.97 -43.59 -45.97
C TYR F 140 22.34 -44.98 -46.09
N PRO F 141 21.74 -45.51 -45.00
CA PRO F 141 21.54 -44.89 -43.70
C PRO F 141 22.78 -44.82 -42.80
N ARG F 142 22.55 -44.49 -41.53
CA ARG F 142 23.64 -44.32 -40.58
C ARG F 142 24.40 -45.62 -40.36
N GLU F 143 23.67 -46.72 -40.18
CA GLU F 143 24.28 -47.97 -39.75
C GLU F 143 25.20 -48.52 -40.84
N ALA F 144 26.49 -48.60 -40.52
CA ALA F 144 27.48 -49.23 -41.38
C ALA F 144 28.47 -49.97 -40.48
N LYS F 145 29.30 -50.81 -41.10
CA LYS F 145 30.31 -51.56 -40.36
C LYS F 145 31.65 -51.41 -41.07
N VAL F 146 32.63 -50.89 -40.34
CA VAL F 146 34.01 -50.80 -40.82
C VAL F 146 34.80 -51.92 -40.15
N GLN F 147 35.45 -52.75 -40.96
CA GLN F 147 36.21 -53.88 -40.47
C GLN F 147 37.66 -53.74 -40.92
N TRP F 148 38.59 -53.67 -39.96
CA TRP F 148 40.00 -53.59 -40.25
C TRP F 148 40.61 -54.98 -40.29
N LYS F 149 41.53 -55.20 -41.23
CA LYS F 149 42.20 -56.49 -41.38
C LYS F 149 43.68 -56.24 -41.62
N VAL F 150 44.51 -56.66 -40.68
CA VAL F 150 45.96 -56.59 -40.79
C VAL F 150 46.47 -57.97 -41.18
N ASP F 151 47.02 -58.08 -42.38
CA ASP F 151 47.47 -59.37 -42.92
C ASP F 151 46.33 -60.39 -42.91
N ASN F 152 45.15 -59.92 -43.32
CA ASN F 152 43.92 -60.72 -43.36
C ASN F 152 43.53 -61.24 -41.97
N ALA F 153 43.99 -60.58 -40.91
CA ALA F 153 43.62 -60.94 -39.55
C ALA F 153 42.69 -59.87 -38.98
N LEU F 154 41.65 -60.33 -38.29
CA LEU F 154 40.60 -59.42 -37.81
C LEU F 154 41.15 -58.50 -36.74
N GLN F 155 40.87 -57.20 -36.88
CA GLN F 155 41.34 -56.18 -35.96
C GLN F 155 40.17 -55.60 -35.17
N SER F 156 40.41 -55.37 -33.88
CA SER F 156 39.40 -54.83 -32.99
C SER F 156 40.07 -54.30 -31.73
N GLY F 157 39.45 -53.27 -31.14
CA GLY F 157 39.99 -52.64 -29.95
C GLY F 157 41.10 -51.65 -30.20
N ASN F 158 41.51 -51.44 -31.45
CA ASN F 158 42.57 -50.51 -31.79
C ASN F 158 42.15 -49.55 -32.89
N SER F 159 40.84 -49.28 -32.99
CA SER F 159 40.31 -48.41 -34.03
C SER F 159 39.17 -47.57 -33.47
N GLN F 160 39.13 -46.31 -33.88
CA GLN F 160 38.07 -45.39 -33.49
C GLN F 160 37.51 -44.71 -34.73
N GLU F 161 36.24 -44.31 -34.64
CA GLU F 161 35.52 -43.73 -35.77
C GLU F 161 34.58 -42.65 -35.28
N SER F 162 34.36 -41.65 -36.14
CA SER F 162 33.46 -40.55 -35.84
C SER F 162 32.65 -40.22 -37.09
N VAL F 163 31.34 -40.07 -36.92
CA VAL F 163 30.45 -39.75 -38.02
C VAL F 163 30.10 -38.27 -37.97
N THR F 164 29.98 -37.65 -39.13
CA THR F 164 29.52 -36.27 -39.19
C THR F 164 28.00 -36.21 -39.10
N GLU F 165 27.50 -35.02 -38.81
CA GLU F 165 26.06 -34.81 -38.82
C GLU F 165 25.54 -34.86 -40.25
N GLN F 166 24.24 -35.06 -40.38
CA GLN F 166 23.63 -35.18 -41.69
C GLN F 166 23.80 -33.87 -42.46
N ASP F 167 24.31 -33.97 -43.69
CA ASP F 167 24.58 -32.78 -44.48
C ASP F 167 23.28 -32.04 -44.77
N SER F 168 23.37 -30.70 -44.81
CA SER F 168 22.20 -29.85 -44.94
C SER F 168 21.73 -29.67 -46.38
N LYS F 169 22.48 -30.19 -47.35
CA LYS F 169 22.06 -30.10 -48.75
C LYS F 169 21.53 -31.46 -49.19
N ASP F 170 22.43 -32.39 -49.50
CA ASP F 170 22.05 -33.79 -49.59
C ASP F 170 22.08 -34.42 -48.21
N SER F 171 21.27 -35.46 -48.03
CA SER F 171 21.16 -36.10 -46.71
C SER F 171 22.16 -37.26 -46.61
N THR F 172 23.44 -36.90 -46.68
CA THR F 172 24.53 -37.87 -46.76
C THR F 172 25.40 -37.78 -45.51
N TYR F 173 25.66 -38.93 -44.90
CA TYR F 173 26.59 -39.07 -43.79
C TYR F 173 28.01 -39.28 -44.32
N SER F 174 28.99 -39.02 -43.45
CA SER F 174 30.38 -39.31 -43.75
C SER F 174 31.05 -39.85 -42.50
N LEU F 175 31.83 -40.92 -42.67
CA LEU F 175 32.44 -41.63 -41.56
C LEU F 175 33.93 -41.81 -41.82
N SER F 176 34.73 -41.63 -40.76
CA SER F 176 36.18 -41.76 -40.84
C SER F 176 36.66 -42.64 -39.69
N SER F 177 36.97 -43.89 -39.99
CA SER F 177 37.53 -44.82 -39.01
C SER F 177 39.05 -44.84 -39.16
N THR F 178 39.76 -44.74 -38.04
CA THR F 178 41.21 -44.70 -38.03
C THR F 178 41.77 -45.86 -37.23
N LEU F 179 42.84 -46.46 -37.76
CA LEU F 179 43.53 -47.57 -37.11
C LEU F 179 44.87 -47.07 -36.60
N THR F 180 45.16 -47.30 -35.32
CA THR F 180 46.36 -46.79 -34.67
C THR F 180 47.20 -47.96 -34.18
N LEU F 181 48.46 -48.01 -34.63
CA LEU F 181 49.41 -49.01 -34.19
C LEU F 181 50.80 -48.36 -34.09
N SER F 182 51.68 -49.01 -33.34
CA SER F 182 53.04 -48.50 -33.20
C SER F 182 53.83 -48.72 -34.48
N LYS F 183 54.96 -48.01 -34.58
CA LYS F 183 55.82 -48.16 -35.76
C LYS F 183 56.33 -49.58 -35.91
N ALA F 184 56.62 -50.25 -34.80
CA ALA F 184 57.09 -51.63 -34.85
C ALA F 184 56.00 -52.55 -35.39
N ASP F 185 54.81 -52.51 -34.79
CA ASP F 185 53.72 -53.36 -35.27
C ASP F 185 53.25 -52.97 -36.66
N TYR F 186 53.43 -51.70 -37.03
CA TYR F 186 53.08 -51.27 -38.39
C TYR F 186 53.93 -51.97 -39.42
N GLU F 187 55.24 -51.98 -39.22
CA GLU F 187 56.18 -52.54 -40.19
C GLU F 187 56.34 -54.05 -40.05
N LYS F 188 55.66 -54.68 -39.09
CA LYS F 188 55.64 -56.14 -39.00
C LYS F 188 54.72 -56.78 -40.03
N HIS F 189 53.91 -55.98 -40.73
CA HIS F 189 52.98 -56.51 -41.71
C HIS F 189 53.06 -55.69 -42.99
N LYS F 190 52.16 -55.97 -43.95
CA LYS F 190 52.25 -55.30 -45.24
C LYS F 190 50.87 -54.93 -45.79
N VAL F 191 49.90 -55.82 -45.64
CA VAL F 191 48.57 -55.65 -46.22
C VAL F 191 47.63 -55.14 -45.12
N TYR F 192 47.12 -53.93 -45.29
CA TYR F 192 46.13 -53.35 -44.40
C TYR F 192 44.85 -53.09 -45.19
N ALA F 193 43.75 -53.69 -44.76
CA ALA F 193 42.49 -53.62 -45.46
C ALA F 193 41.43 -52.94 -44.61
N CYS F 194 40.45 -52.34 -45.28
CA CYS F 194 39.31 -51.68 -44.63
C CYS F 194 38.03 -52.20 -45.27
N GLU F 195 37.43 -53.22 -44.66
CA GLU F 195 36.20 -53.80 -45.19
C GLU F 195 35.01 -52.98 -44.75
N VAL F 196 34.16 -52.62 -45.71
CA VAL F 196 33.00 -51.76 -45.48
C VAL F 196 31.74 -52.56 -45.75
N THR F 197 30.86 -52.65 -44.76
CA THR F 197 29.56 -53.30 -44.89
C THR F 197 28.47 -52.24 -44.81
N HIS F 198 27.55 -52.27 -45.77
CA HIS F 198 26.54 -51.21 -45.88
C HIS F 198 25.40 -51.72 -46.73
N GLN F 199 24.20 -51.17 -46.47
CA GLN F 199 23.01 -51.60 -47.21
C GLN F 199 23.12 -51.25 -48.69
N GLY F 200 23.63 -50.06 -49.01
CA GLY F 200 23.79 -49.64 -50.39
C GLY F 200 24.96 -50.28 -51.08
N LEU F 201 25.32 -51.50 -50.65
CA LEU F 201 26.39 -52.27 -51.27
C LEU F 201 25.95 -53.73 -51.31
N SER F 202 25.91 -54.30 -52.52
CA SER F 202 25.49 -55.69 -52.66
C SER F 202 26.48 -56.67 -52.05
N SER F 203 27.74 -56.25 -51.90
CA SER F 203 28.78 -57.09 -51.32
C SER F 203 29.77 -56.18 -50.61
N PRO F 204 30.40 -56.65 -49.53
CA PRO F 204 31.35 -55.79 -48.81
C PRO F 204 32.48 -55.32 -49.70
N VAL F 205 32.75 -54.01 -49.65
CA VAL F 205 33.78 -53.38 -50.47
C VAL F 205 35.01 -53.16 -49.61
N THR F 206 36.14 -53.72 -50.06
CA THR F 206 37.40 -53.63 -49.33
C THR F 206 38.38 -52.76 -50.12
N LYS F 207 38.97 -51.78 -49.44
CA LYS F 207 40.00 -50.92 -50.02
C LYS F 207 41.27 -51.09 -49.18
N SER F 208 42.36 -51.47 -49.84
CA SER F 208 43.58 -51.83 -49.12
C SER F 208 44.80 -51.31 -49.88
N PHE F 209 45.93 -51.30 -49.16
CA PHE F 209 47.23 -50.97 -49.72
C PHE F 209 48.23 -52.07 -49.37
N ASN F 210 49.47 -51.86 -49.77
CA ASN F 210 50.61 -52.68 -49.39
C ASN F 210 51.65 -51.81 -48.69
N ARG F 211 52.72 -52.46 -48.23
CA ARG F 211 53.84 -51.79 -47.58
C ARG F 211 53.39 -51.01 -46.34
C1 NAG G . 10.38 34.71 19.02
C2 NAG G . 11.44 35.19 18.03
C3 NAG G . 11.15 36.62 17.59
C4 NAG G . 9.74 36.73 17.04
C5 NAG G . 8.74 36.24 18.08
C6 NAG G . 7.32 36.23 17.59
C7 NAG G . 13.21 35.67 19.69
C8 NAG G . 14.64 35.40 20.08
N2 NAG G . 12.78 35.06 18.57
O3 NAG G . 12.10 37.00 16.59
O4 NAG G . 9.45 38.09 16.69
O5 NAG G . 9.07 34.88 18.45
O6 NAG G . 7.18 35.47 16.40
O7 NAG G . 12.48 36.42 20.35
C1 NAG G . 9.23 38.19 15.28
C2 NAG G . 8.41 39.46 14.99
C3 NAG G . 8.19 39.62 13.49
C4 NAG G . 9.51 39.55 12.73
C5 NAG G . 10.28 38.29 13.13
C6 NAG G . 11.66 38.22 12.51
C7 NAG G . 6.97 39.96 16.91
C8 NAG G . 5.59 39.84 17.48
N2 NAG G . 7.14 39.43 15.70
O3 NAG G . 7.55 40.87 13.23
O4 NAG G . 9.25 39.53 11.33
O5 NAG G . 10.46 38.24 14.55
O6 NAG G . 11.90 36.97 11.90
O7 NAG G . 7.88 40.52 17.51
C1 BMA G . 9.74 40.72 10.68
C2 BMA G . 10.87 40.30 9.70
C3 BMA G . 11.28 41.47 8.79
C4 BMA G . 10.06 42.14 8.17
C5 BMA G . 9.09 42.58 9.28
C6 BMA G . 7.85 43.26 8.73
O2 BMA G . 10.43 39.26 8.85
O3 BMA G . 12.18 41.06 7.78
O4 BMA G . 10.45 43.28 7.41
O5 BMA G . 8.68 41.40 10.00
O6 BMA G . 7.39 42.54 7.59
C1 NAG H . 16.20 -8.95 12.67
C2 NAG H . 17.64 -9.44 12.89
C3 NAG H . 18.41 -9.42 11.57
C4 NAG H . 17.63 -10.17 10.49
C5 NAG H . 16.23 -9.60 10.38
C6 NAG H . 15.35 -10.29 9.36
C7 NAG H . 19.38 -9.04 14.57
C8 NAG H . 19.93 -8.06 15.57
N2 NAG H . 18.31 -8.64 13.89
O3 NAG H . 19.69 -10.00 11.74
O4 NAG H . 18.32 -10.16 9.25
O5 NAG H . 15.57 -9.74 11.66
O6 NAG H . 14.05 -10.55 9.88
O7 NAG H . 19.88 -10.14 14.39
C1 NAG H . 18.49 -11.56 8.97
C2 NAG H . 19.40 -11.79 7.76
C3 NAG H . 19.60 -13.29 7.53
C4 NAG H . 20.07 -13.98 8.81
C5 NAG H . 19.14 -13.63 9.98
C6 NAG H . 19.63 -14.18 11.30
C7 NAG H . 17.68 -11.39 6.03
C8 NAG H . 17.34 -10.60 4.79
N2 NAG H . 18.88 -11.14 6.57
O3 NAG H . 20.54 -13.49 6.49
O4 NAG H . 20.08 -15.38 8.62
O5 NAG H . 19.05 -12.21 10.13
O6 NAG H . 20.98 -13.84 11.54
O7 NAG H . 16.91 -12.21 6.51
C1 NAG I . 10.81 -8.18 19.32
C2 NAG I . 9.75 -9.02 19.99
C3 NAG I . 10.29 -10.43 20.26
C4 NAG I . 10.90 -11.04 19.01
C5 NAG I . 11.85 -10.05 18.30
C6 NAG I . 12.27 -10.49 16.92
C7 NAG I . 8.04 -8.41 21.65
C8 NAG I . 7.77 -7.74 22.95
N2 NAG I . 9.31 -8.41 21.23
O3 NAG I . 9.23 -11.26 20.72
O4 NAG I . 11.64 -12.18 19.44
O5 NAG I . 11.20 -8.79 18.12
O6 NAG I . 13.53 -11.15 16.94
O7 NAG I . 7.14 -8.95 20.99
C1 NAG I . 11.63 -13.31 18.51
C2 NAG I . 12.24 -14.50 19.23
C3 NAG I . 12.35 -15.67 18.25
C4 NAG I . 11.01 -15.94 17.57
C5 NAG I . 10.32 -14.66 17.07
C6 NAG I . 8.88 -14.88 16.66
C7 NAG I . 13.71 -13.85 21.07
C8 NAG I . 15.12 -13.54 21.48
N2 NAG I . 13.53 -14.17 19.79
O3 NAG I . 12.78 -16.82 18.96
O4 NAG I . 11.24 -16.74 16.41
O5 NAG I . 10.31 -13.64 18.08
O6 NAG I . 8.79 -15.56 15.41
O7 NAG I . 12.77 -13.80 21.87
C1 BMA I . 11.13 -18.15 16.66
C2 BMA I . 10.52 -18.77 15.40
C3 BMA I . 10.60 -20.30 15.45
C4 BMA I . 12.00 -20.77 15.84
C5 BMA I . 12.40 -20.12 17.16
C6 BMA I . 13.79 -20.53 17.63
O2 BMA I . 11.24 -18.37 14.24
O3 BMA I . 10.24 -20.88 14.20
O4 BMA I . 12.01 -22.19 15.99
O5 BMA I . 12.39 -18.70 16.97
O6 BMA I . 14.75 -19.95 16.75
C1 NAG J . 20.20 10.53 7.52
C2 NAG J . 21.35 10.35 6.51
C3 NAG J . 22.67 10.11 7.24
C4 NAG J . 22.93 11.22 8.25
C5 NAG J . 21.73 11.37 9.18
C6 NAG J . 21.86 12.54 10.13
C7 NAG J . 20.90 8.00 5.89
C8 NAG J . 20.62 7.06 4.76
N2 NAG J . 21.07 9.28 5.56
O3 NAG J . 23.73 10.06 6.29
O4 NAG J . 24.08 10.92 9.01
O5 NAG J . 20.53 11.60 8.42
O6 NAG J . 21.13 13.67 9.68
O7 NAG J . 20.97 7.60 7.06
C1 NAG K . -9.45 -20.52 -33.99
C2 NAG K . -10.38 -19.45 -34.58
C3 NAG K . -9.91 -19.07 -35.98
C4 NAG K . -8.45 -18.64 -35.95
C5 NAG K . -7.59 -19.74 -35.31
C6 NAG K . -6.15 -19.34 -35.15
C7 NAG K . -12.62 -19.73 -33.62
C8 NAG K . -14.00 -20.28 -33.82
N2 NAG K . -11.75 -19.92 -34.62
O3 NAG K . -10.72 -17.99 -36.47
O4 NAG K . -7.99 -18.39 -37.27
O5 NAG K . -8.09 -20.04 -34.01
O6 NAG K . -6.01 -18.21 -34.31
O7 NAG K . -12.30 -19.15 -32.58
C1 NAG L . -19.96 -7.25 -11.78
C2 NAG L . -21.05 -6.17 -11.63
C3 NAG L . -22.43 -6.82 -11.53
C4 NAG L . -22.65 -7.75 -12.70
C5 NAG L . -21.52 -8.77 -12.81
C6 NAG L . -21.63 -9.67 -14.01
C7 NAG L . -20.69 -5.72 -9.22
C8 NAG L . -20.43 -4.65 -8.20
N2 NAG L . -20.79 -5.30 -10.50
O3 NAG L . -23.43 -5.81 -11.50
O4 NAG L . -23.89 -8.45 -12.54
O5 NAG L . -20.26 -8.08 -12.92
O6 NAG L . -21.05 -9.07 -15.17
O7 NAG L . -20.83 -6.90 -8.91
C1 NAG M . -14.18 -12.59 10.33
C2 NAG M . -15.18 -12.94 11.43
C3 NAG M . -15.12 -11.91 12.55
C4 NAG M . -13.71 -11.73 13.07
C5 NAG M . -12.77 -11.41 11.91
C6 NAG M . -11.32 -11.34 12.32
C7 NAG M . -17.21 -12.08 10.31
C8 NAG M . -18.59 -12.43 9.83
N2 NAG M . -16.53 -13.07 10.91
O3 NAG M . -15.98 -12.31 13.62
O4 NAG M . -13.65 -10.69 14.02
O5 NAG M . -12.86 -12.44 10.91
O6 NAG M . -11.16 -10.65 13.54
O7 NAG M . -16.74 -10.96 10.15
#